data_6NAK
#
_entry.id   6NAK
#
_cell.length_a   84.310
_cell.length_b   113.990
_cell.length_c   177.570
_cell.angle_alpha   90.00
_cell.angle_beta   90.00
_cell.angle_gamma   90.00
#
_symmetry.space_group_name_H-M   'P 21 21 21'
#
loop_
_entity.id
_entity.type
_entity.pdbx_description
1 polymer 'tRNA threonylcarbamoyladenosine biosynthesis protein TsaB'
2 polymer 'tRNA N6-adenosine threonylcarbamoyltransferase'
3 polymer TsaE
4 non-polymer threonylcarbamoyladenylate
5 non-polymer 'ZINC ION'
6 non-polymer 'MAGNESIUM ION'
7 non-polymer 'DIPHOSPHOMETHYLPHOSPHONIC ACID ADENOSYL ESTER'
8 water water
#
loop_
_entity_poly.entity_id
_entity_poly.type
_entity_poly.pdbx_seq_one_letter_code
_entity_poly.pdbx_strand_id
1 'polypeptide(L)'
;MNVLALDTSQRIRIGLRKGEDLFEISYTGEKKHAEILPVVVKKLLDELDLKVKDLDVVGVGIGPGGLTGLRVGIATVVGL
VSPYDIPVAPLNSFEMTAKSCPADGVVLVARRARKGYHYCAVYLKDKGLNPLKEPSVVSDEELEEITKEFSPKIVLKDDL
LISPAVLVEESERLFREKKTIHYYEIEPLYLQKSIAELNWEKKKRG
;
A,C
2 'polypeptide(L)'
;MRVLGIETSCDETAVAVLDDGKNVVVNFTVSQIEVHQKFGGVVPEVAARHHLKNLPILLKKAFEKVPPETVDVVAATYGP
GLIGALLVGLSAAKGLAISLEKPFVGVNHVEAHVQAVFLANPDLKPPLVVLMVSGGHTQLMKVDEDYSMEVLGETLDDSA
GEAFDKVARLLGLGYPGGPVIDRVAKKGDPEKYSFPRPMLDDDSYNFSFAGLKTSVLYFLQREKGYKVEDVAASFQKAVV
DILVEKTFRLARNLGIRKIAFVGGVAANSMLREEVRKRAERWNYEVFFPPLELCTDNALMVAKAGYEKAKRGMFSPLSLN
ADPNLNV
;
B,G
3 'polypeptide(L)'
;MGHHHHHHENLYFQGYNTVEEQKMRHLRFENLTEEQLKRLAKILTENLKGGEVVILSGNLGAGKTTFVKGMIRAIGLDEK
MVKSPTFTLMNVYPGLKTIYHLDLYRLQDTDFLSLDVEDILEDEDGIMVVEWGDLFDGFWPEDSIKVKIEIADESHRNVE
ILIPEEVNFLVEKIERYRKELQNT
;
D,E
#
# COMPACT_ATOMS: atom_id res chain seq x y z
N MET A 1 -14.27 6.97 12.03
CA MET A 1 -14.79 7.87 10.96
C MET A 1 -13.90 7.76 9.72
N ASN A 2 -14.26 8.42 8.61
CA ASN A 2 -13.63 8.20 7.29
C ASN A 2 -12.65 9.33 6.95
N VAL A 3 -11.38 8.97 6.75
CA VAL A 3 -10.27 9.96 6.57
C VAL A 3 -9.28 9.49 5.51
N LEU A 4 -9.09 10.32 4.48
CA LEU A 4 -7.95 10.27 3.54
C LEU A 4 -6.98 11.37 3.94
N ALA A 5 -5.67 11.10 3.89
CA ALA A 5 -4.59 12.11 3.93
C ALA A 5 -3.46 11.70 2.99
N LEU A 6 -2.70 12.67 2.47
CA LEU A 6 -1.57 12.40 1.54
C LEU A 6 -0.53 13.52 1.63
N ASP A 7 0.73 13.15 1.49
CA ASP A 7 1.84 14.12 1.36
C ASP A 7 2.56 13.79 0.05
N THR A 8 2.80 14.82 -0.74
CA THR A 8 3.65 14.75 -1.95
C THR A 8 4.90 15.62 -1.76
N SER A 9 5.20 16.00 -0.49
CA SER A 9 6.30 16.93 -0.11
C SER A 9 7.63 16.36 -0.62
N GLN A 10 7.83 15.05 -0.53
CA GLN A 10 9.01 14.38 -1.13
C GLN A 10 8.50 13.31 -2.08
N ARG A 11 8.10 12.17 -1.53
CA ARG A 11 7.44 11.13 -2.35
C ARG A 11 6.00 10.93 -1.85
N ILE A 12 5.29 10.02 -2.51
CA ILE A 12 3.84 9.77 -2.32
C ILE A 12 3.69 9.01 -1.01
N ARG A 13 3.08 9.65 -0.02
CA ARG A 13 2.55 9.00 1.21
C ARG A 13 1.03 9.16 1.21
N ILE A 14 0.27 8.07 1.17
CA ILE A 14 -1.21 8.10 1.18
C ILE A 14 -1.68 7.22 2.33
N GLY A 15 -2.46 7.80 3.22
CA GLY A 15 -3.10 7.08 4.33
C GLY A 15 -4.59 7.26 4.25
N LEU A 16 -5.32 6.15 4.22
CA LEU A 16 -6.79 6.17 4.28
C LEU A 16 -7.24 5.40 5.52
N ARG A 17 -8.20 5.96 6.25
CA ARG A 17 -8.87 5.31 7.40
C ARG A 17 -10.35 5.20 7.09
N LYS A 18 -10.92 3.99 7.16
CA LYS A 18 -12.39 3.76 7.15
C LYS A 18 -12.81 3.16 8.50
N GLY A 19 -13.28 4.00 9.43
CA GLY A 19 -13.57 3.60 10.81
C GLY A 19 -12.47 2.70 11.32
N GLU A 20 -12.69 1.38 11.31
CA GLU A 20 -11.88 0.37 12.05
C GLU A 20 -10.54 0.12 11.34
N ASP A 21 -10.39 0.57 10.08
CA ASP A 21 -9.29 0.15 9.16
C ASP A 21 -8.44 1.35 8.71
N LEU A 22 -7.13 1.20 8.87
CA LEU A 22 -6.14 2.18 8.38
C LEU A 22 -5.10 1.45 7.54
N PHE A 23 -5.17 1.68 6.23
CA PHE A 23 -4.12 1.32 5.25
C PHE A 23 -3.18 2.51 5.15
N GLU A 24 -1.89 2.25 4.97
CA GLU A 24 -0.85 3.25 4.61
C GLU A 24 -0.20 2.75 3.33
N ILE A 25 0.04 3.66 2.37
CA ILE A 25 0.75 3.32 1.10
C ILE A 25 1.81 4.37 0.82
N SER A 26 3.00 3.95 0.43
CA SER A 26 4.05 4.85 -0.08
C SER A 26 4.54 4.30 -1.42
N TYR A 27 4.62 5.15 -2.44
CA TYR A 27 5.30 4.83 -3.72
C TYR A 27 6.58 5.63 -3.77
N THR A 28 7.67 5.03 -4.23
CA THR A 28 8.99 5.68 -4.37
C THR A 28 9.54 5.29 -5.74
N GLY A 29 10.16 6.21 -6.47
CA GLY A 29 10.97 5.86 -7.65
C GLY A 29 10.59 6.65 -8.91
N GLU A 30 10.74 6.01 -10.08
CA GLU A 30 10.83 6.65 -11.43
C GLU A 30 9.56 7.41 -11.75
N LYS A 31 8.43 6.71 -11.75
CA LYS A 31 7.11 7.28 -12.14
C LYS A 31 6.99 8.67 -11.51
N LYS A 32 6.62 9.69 -12.30
CA LYS A 32 6.39 11.06 -11.79
C LYS A 32 5.07 11.09 -11.00
N HIS A 33 4.90 12.10 -10.14
CA HIS A 33 3.81 12.19 -9.13
C HIS A 33 2.43 12.03 -9.81
N ALA A 34 2.13 12.87 -10.81
CA ALA A 34 0.84 12.90 -11.53
C ALA A 34 0.55 11.52 -12.18
N GLU A 35 1.60 10.73 -12.48
CA GLU A 35 1.51 9.34 -13.01
C GLU A 35 0.97 8.41 -11.93
N ILE A 36 1.47 8.48 -10.70
CA ILE A 36 1.20 7.45 -9.63
C ILE A 36 0.02 7.85 -8.74
N LEU A 37 -0.02 9.10 -8.24
CA LEU A 37 -0.92 9.52 -7.13
C LEU A 37 -2.38 9.28 -7.53
N PRO A 38 -2.92 10.04 -8.50
CA PRO A 38 -4.34 9.95 -8.77
C PRO A 38 -4.74 8.46 -8.83
N VAL A 39 -3.87 7.62 -9.43
CA VAL A 39 -4.16 6.18 -9.75
C VAL A 39 -4.36 5.42 -8.43
N VAL A 40 -3.41 5.57 -7.51
CA VAL A 40 -3.33 4.80 -6.24
C VAL A 40 -4.49 5.16 -5.33
N VAL A 41 -4.90 6.45 -5.32
CA VAL A 41 -6.09 6.97 -4.60
C VAL A 41 -7.33 6.26 -5.14
N LYS A 42 -7.48 6.17 -6.47
CA LYS A 42 -8.66 5.55 -7.12
C LYS A 42 -8.68 4.08 -6.74
N LYS A 43 -7.61 3.36 -7.05
CA LYS A 43 -7.53 1.89 -6.79
C LYS A 43 -7.83 1.67 -5.32
N LEU A 44 -7.32 2.51 -4.44
CA LEU A 44 -7.46 2.34 -2.97
C LEU A 44 -8.91 2.55 -2.50
N LEU A 45 -9.47 3.77 -2.64
CA LEU A 45 -10.88 4.08 -2.28
C LEU A 45 -11.76 2.94 -2.79
N ASP A 46 -11.55 2.55 -4.04
CA ASP A 46 -12.33 1.47 -4.71
C ASP A 46 -12.37 0.28 -3.76
N GLU A 47 -11.20 -0.22 -3.35
CA GLU A 47 -11.04 -1.50 -2.60
C GLU A 47 -11.77 -1.41 -1.25
N LEU A 48 -11.96 -0.20 -0.70
CA LEU A 48 -12.63 0.02 0.61
C LEU A 48 -14.08 0.47 0.45
N ASP A 49 -14.71 0.24 -0.72
CA ASP A 49 -16.14 0.47 -1.05
C ASP A 49 -16.53 1.92 -0.68
N LEU A 50 -15.61 2.86 -0.86
CA LEU A 50 -15.69 4.21 -0.25
C LEU A 50 -15.68 5.29 -1.35
N LYS A 51 -16.84 5.90 -1.59
CA LYS A 51 -16.98 7.11 -2.43
C LYS A 51 -16.36 8.28 -1.66
N VAL A 52 -15.80 9.26 -2.39
CA VAL A 52 -15.17 10.47 -1.79
C VAL A 52 -16.21 11.20 -0.93
N LYS A 53 -17.43 11.41 -1.44
CA LYS A 53 -18.45 12.26 -0.77
C LYS A 53 -18.68 11.79 0.67
N ASP A 54 -18.14 10.62 1.07
CA ASP A 54 -18.30 10.00 2.41
C ASP A 54 -17.12 10.26 3.36
N LEU A 55 -16.09 11.00 2.93
CA LEU A 55 -14.95 11.34 3.80
C LEU A 55 -15.36 12.50 4.72
N ASP A 56 -15.02 12.41 6.00
CA ASP A 56 -15.30 13.48 6.97
C ASP A 56 -14.25 14.60 6.76
N VAL A 57 -13.01 14.20 6.46
CA VAL A 57 -11.84 15.12 6.30
C VAL A 57 -10.80 14.51 5.36
N VAL A 58 -10.19 15.36 4.53
CA VAL A 58 -9.03 14.96 3.71
C VAL A 58 -7.87 15.88 4.06
N GLY A 59 -6.72 15.29 4.35
CA GLY A 59 -5.53 16.03 4.76
C GLY A 59 -4.55 16.11 3.61
N VAL A 60 -3.83 17.23 3.50
CA VAL A 60 -2.85 17.45 2.39
C VAL A 60 -1.56 18.03 2.95
N GLY A 61 -0.46 17.37 2.62
CA GLY A 61 0.89 17.93 2.71
C GLY A 61 0.99 19.16 1.82
N ILE A 62 1.23 20.30 2.47
CA ILE A 62 1.48 21.65 1.85
C ILE A 62 2.91 22.08 2.17
N GLY A 63 3.53 21.46 3.19
CA GLY A 63 4.68 21.99 3.93
C GLY A 63 5.92 22.01 3.07
N PRO A 64 7.04 22.58 3.54
CA PRO A 64 8.19 22.81 2.67
C PRO A 64 8.58 21.54 1.91
N GLY A 65 8.83 21.70 0.62
CA GLY A 65 9.36 20.64 -0.25
C GLY A 65 9.33 21.03 -1.71
N GLY A 66 9.41 20.01 -2.58
CA GLY A 66 9.45 20.15 -4.04
C GLY A 66 8.12 20.63 -4.59
N LEU A 67 8.18 21.68 -5.40
CA LEU A 67 7.01 22.37 -6.01
C LEU A 67 6.13 21.32 -6.70
N THR A 68 6.64 20.73 -7.78
CA THR A 68 5.75 20.02 -8.74
C THR A 68 5.27 18.78 -7.98
N GLY A 69 6.09 18.27 -7.07
CA GLY A 69 5.60 17.39 -5.98
C GLY A 69 4.31 17.92 -5.37
N LEU A 70 4.37 19.01 -4.59
CA LEU A 70 3.23 19.58 -3.83
C LEU A 70 2.11 20.03 -4.78
N ARG A 71 2.46 20.85 -5.78
CA ARG A 71 1.49 21.35 -6.78
C ARG A 71 0.54 20.21 -7.11
N VAL A 72 1.08 19.15 -7.72
CA VAL A 72 0.30 17.93 -8.09
C VAL A 72 -0.61 17.54 -6.90
N GLY A 73 0.01 17.33 -5.73
CA GLY A 73 -0.64 16.82 -4.51
C GLY A 73 -1.83 17.68 -4.15
N ILE A 74 -1.60 18.98 -4.01
CA ILE A 74 -2.67 19.90 -3.54
C ILE A 74 -3.80 19.79 -4.56
N ALA A 75 -3.53 20.27 -5.77
CA ALA A 75 -4.46 20.31 -6.93
C ALA A 75 -5.33 19.04 -6.94
N THR A 76 -4.66 17.87 -6.94
CA THR A 76 -5.31 16.53 -6.87
C THR A 76 -6.32 16.50 -5.72
N VAL A 77 -5.91 16.98 -4.54
CA VAL A 77 -6.77 17.13 -3.33
C VAL A 77 -7.94 18.05 -3.67
N VAL A 78 -7.65 19.20 -4.30
CA VAL A 78 -8.65 20.26 -4.64
C VAL A 78 -9.68 19.67 -5.60
N GLY A 79 -9.28 18.74 -6.47
CA GLY A 79 -10.22 18.06 -7.38
C GLY A 79 -11.20 17.15 -6.65
N LEU A 80 -10.78 16.54 -5.54
CA LEU A 80 -11.55 15.46 -4.88
C LEU A 80 -12.70 16.05 -4.06
N VAL A 81 -12.45 17.22 -3.48
CA VAL A 81 -13.25 17.86 -2.39
C VAL A 81 -14.04 19.07 -2.94
N SER A 82 -13.55 19.70 -4.01
CA SER A 82 -14.18 20.83 -4.75
C SER A 82 -15.66 20.61 -4.93
N PRO A 83 -16.13 19.42 -5.37
CA PRO A 83 -17.55 19.23 -5.68
C PRO A 83 -18.47 19.01 -4.46
N TYR A 84 -17.95 18.76 -3.26
CA TYR A 84 -18.77 18.60 -2.03
C TYR A 84 -18.20 19.39 -0.86
N ASP A 85 -17.37 20.40 -1.11
CA ASP A 85 -16.74 21.25 -0.06
C ASP A 85 -16.38 20.39 1.16
N ILE A 86 -15.75 19.25 0.95
CA ILE A 86 -15.25 18.34 2.02
C ILE A 86 -14.16 19.12 2.76
N PRO A 87 -14.19 19.18 4.12
CA PRO A 87 -13.22 19.99 4.86
C PRO A 87 -11.80 19.50 4.56
N VAL A 88 -10.88 20.41 4.27
CA VAL A 88 -9.45 20.11 4.01
C VAL A 88 -8.70 20.44 5.28
N ALA A 89 -7.82 19.53 5.68
CA ALA A 89 -6.82 19.79 6.73
C ALA A 89 -5.47 20.03 6.05
N PRO A 90 -4.92 21.27 6.19
CA PRO A 90 -3.53 21.56 5.86
C PRO A 90 -2.60 20.67 6.68
N LEU A 91 -1.45 20.27 6.17
CA LEU A 91 -0.51 19.45 6.98
C LEU A 91 0.89 19.96 6.70
N ASN A 92 1.66 20.26 7.76
CA ASN A 92 3.08 20.69 7.64
C ASN A 92 3.96 19.45 7.43
N SER A 93 4.84 19.50 6.42
CA SER A 93 5.55 18.32 5.87
C SER A 93 6.75 18.01 6.74
N PHE A 94 7.32 19.03 7.40
CA PHE A 94 8.38 18.92 8.43
C PHE A 94 7.73 18.47 9.75
N GLU A 95 6.65 19.13 10.16
CA GLU A 95 5.86 18.72 11.35
C GLU A 95 5.43 17.26 11.20
N MET A 96 4.94 16.87 10.03
CA MET A 96 4.55 15.47 9.69
C MET A 96 5.76 14.54 9.70
N THR A 97 6.93 14.99 9.21
CA THR A 97 8.17 14.18 9.19
C THR A 97 8.62 13.92 10.63
N ALA A 98 8.74 14.98 11.43
CA ALA A 98 9.15 14.90 12.86
C ALA A 98 8.20 13.96 13.64
N LYS A 99 6.89 13.99 13.33
CA LYS A 99 5.88 13.22 14.08
C LYS A 99 5.85 11.77 13.57
N SER A 100 6.78 11.38 12.68
CA SER A 100 6.88 10.00 12.11
C SER A 100 8.03 9.28 12.79
N CYS A 101 9.04 10.05 13.18
CA CYS A 101 10.26 9.56 13.88
C CYS A 101 9.88 9.02 15.24
N PRO A 102 10.26 7.75 15.55
CA PRO A 102 9.83 7.11 16.78
C PRO A 102 10.36 7.87 18.02
N ALA A 103 11.68 8.08 18.11
CA ALA A 103 12.39 8.85 19.15
C ALA A 103 11.59 10.11 19.55
N ASP A 104 11.56 10.43 20.84
CA ASP A 104 11.29 11.81 21.35
C ASP A 104 12.66 12.49 21.47
N GLY A 105 12.69 13.83 21.52
CA GLY A 105 13.95 14.59 21.69
C GLY A 105 13.95 15.91 20.95
N VAL A 106 15.11 16.56 20.86
CA VAL A 106 15.32 17.66 19.90
C VAL A 106 15.69 17.00 18.57
N VAL A 107 14.92 17.34 17.52
CA VAL A 107 14.85 16.60 16.23
C VAL A 107 14.88 17.61 15.08
N LEU A 108 16.04 17.74 14.45
CA LEU A 108 16.33 18.63 13.30
C LEU A 108 15.72 18.00 12.06
N VAL A 109 14.98 18.78 11.27
CA VAL A 109 14.50 18.42 9.90
C VAL A 109 15.16 19.38 8.89
N ALA A 110 15.95 18.85 7.94
CA ALA A 110 16.69 19.72 6.99
C ALA A 110 16.87 19.02 5.63
N ARG A 111 16.67 19.79 4.56
CA ARG A 111 16.31 19.35 3.18
C ARG A 111 17.18 20.07 2.16
N ARG A 112 18.36 19.51 1.86
CA ARG A 112 19.34 20.05 0.89
C ARG A 112 18.58 20.75 -0.24
N ALA A 113 18.26 22.03 -0.09
CA ALA A 113 17.56 22.85 -1.11
C ALA A 113 18.59 23.29 -2.17
N ARG A 114 18.63 24.58 -2.48
CA ARG A 114 19.32 25.13 -3.67
C ARG A 114 20.84 25.12 -3.44
N LYS A 115 21.47 23.95 -3.63
CA LYS A 115 22.93 23.74 -3.92
C LYS A 115 23.83 24.76 -3.20
N GLY A 116 23.82 24.74 -1.86
CA GLY A 116 24.55 25.68 -0.97
C GLY A 116 23.67 26.27 0.13
N TYR A 117 22.38 25.91 0.16
CA TYR A 117 21.36 26.33 1.15
C TYR A 117 20.49 25.13 1.52
N HIS A 118 19.89 25.11 2.70
CA HIS A 118 18.94 24.05 3.15
C HIS A 118 17.62 24.68 3.62
N TYR A 119 16.48 24.08 3.27
CA TYR A 119 15.21 24.23 4.02
C TYR A 119 15.52 23.61 5.38
N CYS A 120 14.93 24.07 6.48
CA CYS A 120 15.36 23.63 7.85
C CYS A 120 14.40 24.07 8.95
N ALA A 121 14.16 23.15 9.90
CA ALA A 121 13.36 23.37 11.13
C ALA A 121 13.87 22.46 12.24
N VAL A 122 13.67 22.86 13.50
CA VAL A 122 14.09 22.09 14.71
C VAL A 122 12.87 21.96 15.61
N TYR A 123 12.44 20.73 15.90
CA TYR A 123 11.19 20.46 16.65
C TYR A 123 11.57 19.78 17.98
N LEU A 124 10.74 19.99 19.01
CA LEU A 124 10.85 19.31 20.32
C LEU A 124 9.66 18.37 20.49
N LYS A 125 9.92 17.09 20.29
CA LYS A 125 8.92 15.98 20.34
C LYS A 125 8.76 15.55 21.81
N ASP A 126 7.64 15.95 22.42
CA ASP A 126 7.35 15.72 23.87
C ASP A 126 5.92 15.17 23.95
N LYS A 127 5.04 15.84 24.70
CA LYS A 127 3.56 15.60 24.70
C LYS A 127 3.07 15.67 23.25
N GLY A 128 3.13 16.87 22.65
CA GLY A 128 2.90 17.11 21.22
C GLY A 128 4.20 17.58 20.60
N LEU A 129 4.12 18.39 19.55
CA LEU A 129 5.34 18.92 18.88
C LEU A 129 5.54 20.38 19.30
N ASN A 130 6.53 20.62 20.16
CA ASN A 130 6.85 21.97 20.68
C ASN A 130 7.73 22.65 19.63
N PRO A 131 7.23 23.70 18.94
CA PRO A 131 7.95 24.28 17.80
C PRO A 131 9.11 25.20 18.21
N LEU A 132 10.35 24.70 18.21
CA LEU A 132 11.57 25.46 18.60
C LEU A 132 11.90 26.50 17.53
N LYS A 133 12.27 26.04 16.34
CA LYS A 133 12.77 26.88 15.21
C LYS A 133 11.84 26.69 14.00
N GLU A 134 11.14 27.75 13.59
CA GLU A 134 10.07 27.69 12.53
C GLU A 134 10.69 27.30 11.19
N PRO A 135 9.97 26.53 10.33
CA PRO A 135 10.41 26.28 8.96
C PRO A 135 10.85 27.56 8.24
N SER A 136 12.09 27.57 7.76
CA SER A 136 12.80 28.70 7.09
C SER A 136 14.09 28.17 6.45
N VAL A 137 14.77 29.01 5.68
CA VAL A 137 15.94 28.63 4.82
C VAL A 137 17.23 28.95 5.56
N VAL A 138 18.35 28.31 5.23
CA VAL A 138 19.65 28.63 5.88
C VAL A 138 20.80 28.26 4.94
N SER A 139 21.97 28.81 5.26
CA SER A 139 23.28 28.55 4.60
C SER A 139 23.85 27.21 5.10
N ASP A 140 24.88 26.70 4.44
CA ASP A 140 25.50 25.39 4.77
C ASP A 140 26.25 25.53 6.11
N GLU A 141 26.81 26.72 6.35
CA GLU A 141 27.43 27.12 7.65
C GLU A 141 26.30 27.33 8.66
N GLU A 142 25.25 28.06 8.29
CA GLU A 142 24.12 28.42 9.20
C GLU A 142 23.38 27.16 9.70
N LEU A 143 23.63 25.99 9.08
CA LEU A 143 23.03 24.68 9.45
C LEU A 143 23.83 24.08 10.61
N GLU A 144 25.17 24.16 10.51
CA GLU A 144 26.09 23.71 11.58
C GLU A 144 25.83 24.64 12.78
N GLU A 145 25.88 25.95 12.57
CA GLU A 145 25.54 26.95 13.60
C GLU A 145 24.29 26.52 14.38
N ILE A 146 23.27 25.97 13.70
CA ILE A 146 22.01 25.47 14.34
C ILE A 146 22.34 24.19 15.11
N THR A 147 22.91 23.22 14.41
CA THR A 147 23.26 21.87 14.90
C THR A 147 24.24 21.95 16.08
N LYS A 148 25.12 22.96 16.10
CA LYS A 148 26.01 23.33 17.23
C LYS A 148 25.09 23.60 18.42
N GLU A 149 24.12 24.51 18.25
CA GLU A 149 23.25 25.06 19.33
C GLU A 149 22.35 23.98 19.94
N PHE A 150 21.31 23.56 19.23
CA PHE A 150 20.22 22.69 19.74
C PHE A 150 20.73 21.26 19.93
N SER A 151 21.94 20.97 19.41
CA SER A 151 22.70 19.70 19.60
C SER A 151 21.72 18.54 19.70
N PRO A 152 21.16 18.14 18.53
CA PRO A 152 19.95 17.30 18.51
C PRO A 152 20.22 15.79 18.41
N LYS A 153 19.32 14.98 18.97
CA LYS A 153 19.38 13.50 18.92
C LYS A 153 19.44 13.08 17.45
N ILE A 154 18.40 13.47 16.71
CA ILE A 154 18.03 12.93 15.37
C ILE A 154 18.22 14.00 14.29
N VAL A 155 19.09 13.70 13.33
CA VAL A 155 19.24 14.47 12.07
C VAL A 155 18.34 13.75 11.05
N LEU A 156 17.12 14.27 10.86
CA LEU A 156 16.22 13.91 9.74
C LEU A 156 16.64 14.73 8.51
N LYS A 157 17.77 14.36 7.93
CA LYS A 157 18.34 15.08 6.77
C LYS A 157 17.92 14.35 5.50
N ASP A 158 17.54 15.12 4.48
CA ASP A 158 17.58 14.79 3.02
C ASP A 158 16.61 13.65 2.65
N ASP A 159 16.45 12.59 3.46
CA ASP A 159 15.46 11.50 3.22
C ASP A 159 14.31 11.60 4.21
N LEU A 160 13.48 12.64 4.10
CA LEU A 160 12.40 12.94 5.09
C LEU A 160 11.34 11.83 5.11
N LEU A 161 11.52 10.77 5.90
CA LEU A 161 10.51 9.68 6.00
C LEU A 161 9.31 10.20 6.78
N ILE A 162 8.15 10.18 6.11
CA ILE A 162 6.79 10.53 6.64
C ILE A 162 5.99 9.22 6.69
N SER A 163 5.60 8.77 7.86
CA SER A 163 4.58 7.72 8.01
C SER A 163 3.24 8.34 7.64
N PRO A 164 2.35 7.65 6.87
CA PRO A 164 1.01 8.15 6.59
C PRO A 164 0.01 7.94 7.73
N ALA A 165 0.15 6.89 8.53
CA ALA A 165 -0.61 6.73 9.79
C ALA A 165 -0.57 8.06 10.58
N VAL A 166 0.54 8.78 10.50
CA VAL A 166 0.73 10.13 11.09
C VAL A 166 -0.21 11.14 10.41
N LEU A 167 -0.19 11.23 9.08
CA LEU A 167 -0.96 12.26 8.32
C LEU A 167 -2.44 12.16 8.68
N VAL A 168 -2.92 10.92 8.85
CA VAL A 168 -4.34 10.62 9.17
C VAL A 168 -4.59 11.20 10.56
N GLU A 169 -3.92 10.63 11.57
CA GLU A 169 -3.97 11.09 12.99
C GLU A 169 -4.09 12.62 13.01
N GLU A 170 -3.20 13.34 12.33
CA GLU A 170 -3.19 14.83 12.31
C GLU A 170 -4.51 15.36 11.77
N SER A 171 -4.89 14.93 10.57
CA SER A 171 -6.15 15.37 9.93
C SER A 171 -7.30 15.17 10.93
N GLU A 172 -7.46 13.94 11.43
CA GLU A 172 -8.47 13.49 12.43
C GLU A 172 -8.50 14.51 13.58
N ARG A 173 -7.31 14.87 14.10
CA ARG A 173 -7.13 15.87 15.18
C ARG A 173 -7.64 17.23 14.68
N LEU A 174 -7.17 17.71 13.54
CA LEU A 174 -7.46 19.09 13.07
C LEU A 174 -8.96 19.29 12.80
N PHE A 175 -9.66 18.26 12.32
CA PHE A 175 -11.13 18.23 12.12
C PHE A 175 -11.82 18.54 13.45
N ARG A 176 -11.34 17.92 14.54
CA ARG A 176 -11.90 18.00 15.91
C ARG A 176 -11.70 19.39 16.52
N GLU A 177 -10.54 20.00 16.25
CA GLU A 177 -10.17 21.30 16.87
C GLU A 177 -10.73 22.45 16.01
N LYS A 178 -11.57 22.13 15.01
CA LYS A 178 -12.19 23.06 14.01
C LYS A 178 -11.09 23.72 13.16
N LYS A 179 -9.87 23.21 13.24
CA LYS A 179 -8.70 23.84 12.60
C LYS A 179 -8.70 23.48 11.11
N THR A 180 -9.75 22.86 10.60
CA THR A 180 -9.91 22.58 9.14
C THR A 180 -10.22 23.89 8.42
N ILE A 181 -10.06 23.84 7.09
CA ILE A 181 -10.15 25.00 6.16
C ILE A 181 -10.86 24.50 4.90
N HIS A 182 -11.13 25.39 3.93
CA HIS A 182 -11.85 25.08 2.66
C HIS A 182 -10.83 24.80 1.54
N TYR A 183 -11.30 24.26 0.40
CA TYR A 183 -10.45 23.82 -0.71
C TYR A 183 -9.84 25.01 -1.46
N TYR A 184 -10.38 26.23 -1.29
CA TYR A 184 -9.87 27.45 -1.97
C TYR A 184 -8.95 28.25 -1.04
N GLU A 185 -8.93 27.87 0.24
CA GLU A 185 -8.17 28.58 1.32
C GLU A 185 -6.76 27.98 1.44
N ILE A 186 -6.37 27.04 0.58
CA ILE A 186 -5.09 26.30 0.73
C ILE A 186 -3.95 27.24 0.35
N GLU A 187 -2.83 27.21 1.08
CA GLU A 187 -1.72 28.20 1.07
C GLU A 187 -0.37 27.50 1.28
N PRO A 188 0.24 26.91 0.24
CA PRO A 188 1.50 26.15 0.40
C PRO A 188 2.70 26.92 1.01
N LEU A 189 3.64 26.22 1.66
CA LEU A 189 4.87 26.83 2.26
C LEU A 189 6.03 26.71 1.26
N TYR A 190 6.19 27.73 0.42
CA TYR A 190 7.13 27.74 -0.72
C TYR A 190 8.48 28.31 -0.27
N LEU A 191 9.03 27.78 0.82
CA LEU A 191 10.28 28.32 1.38
C LEU A 191 11.15 28.87 0.24
N GLN A 192 11.25 28.13 -0.88
CA GLN A 192 12.00 28.51 -2.11
C GLN A 192 11.90 30.02 -2.43
N LYS A 193 10.71 30.62 -2.35
CA LYS A 193 10.49 32.08 -2.63
C LYS A 193 11.52 32.87 -1.83
N SER A 194 11.75 32.45 -0.59
CA SER A 194 12.66 33.06 0.40
C SER A 194 14.11 32.54 0.26
N ILE A 195 14.58 32.21 -0.97
CA ILE A 195 16.03 31.90 -1.27
C ILE A 195 16.60 32.98 -2.21
N ALA A 196 15.79 33.50 -3.13
CA ALA A 196 16.17 34.63 -4.01
C ALA A 196 16.48 35.86 -3.14
N GLU A 197 15.60 36.16 -2.16
CA GLU A 197 15.76 37.26 -1.17
C GLU A 197 17.15 37.19 -0.50
N LEU A 198 17.48 36.02 0.05
CA LEU A 198 18.69 35.80 0.88
C LEU A 198 19.82 35.25 -0.01
N ASN A 199 20.13 35.97 -1.10
CA ASN A 199 21.16 35.63 -2.12
C ASN A 199 21.32 36.79 -3.13
N TRP A 200 20.21 37.43 -3.56
CA TRP A 200 20.21 38.80 -4.18
C TRP A 200 20.61 39.81 -3.09
N GLU A 201 20.51 39.41 -1.80
CA GLU A 201 21.14 40.03 -0.58
C GLU A 201 22.37 39.22 -0.14
N LYS A 202 23.36 39.06 -1.02
CA LYS A 202 24.69 38.41 -0.75
C LYS A 202 25.71 38.70 -1.87
N LYS A 203 25.32 39.36 -2.96
CA LYS A 203 26.12 39.47 -4.21
C LYS A 203 25.68 40.72 -4.99
N MET B 1 -25.11 16.79 -22.56
CA MET B 1 -23.94 16.06 -21.97
C MET B 1 -22.91 17.10 -21.49
N ARG B 2 -23.01 17.52 -20.22
CA ARG B 2 -22.20 18.59 -19.56
C ARG B 2 -20.75 18.12 -19.39
N VAL B 3 -19.84 18.76 -20.13
CA VAL B 3 -18.40 18.42 -20.10
C VAL B 3 -17.64 19.64 -19.57
N LEU B 4 -17.20 19.55 -18.30
CA LEU B 4 -16.31 20.51 -17.59
C LEU B 4 -14.89 20.42 -18.19
N GLY B 5 -14.27 21.56 -18.42
CA GLY B 5 -12.92 21.68 -19.03
C GLY B 5 -12.10 22.75 -18.34
N ILE B 6 -10.78 22.61 -18.35
CA ILE B 6 -9.87 23.44 -17.51
C ILE B 6 -8.62 23.81 -18.30
N GLU B 7 -8.37 25.11 -18.45
CA GLU B 7 -7.14 25.66 -19.07
C GLU B 7 -6.13 25.99 -17.96
N THR B 8 -4.87 25.64 -18.16
CA THR B 8 -3.74 25.99 -17.27
C THR B 8 -2.40 25.85 -18.04
N SER B 9 -2.38 26.09 -19.36
CA SER B 9 -1.24 25.71 -20.26
C SER B 9 -0.04 26.67 -20.10
N CYS B 10 -0.26 27.97 -19.90
CA CYS B 10 0.81 29.00 -19.77
C CYS B 10 0.37 30.12 -18.80
N ASP B 11 -0.26 31.19 -19.29
CA ASP B 11 -0.58 32.38 -18.46
C ASP B 11 -2.03 32.34 -18.00
N GLU B 12 -2.95 31.92 -18.85
CA GLU B 12 -4.39 32.01 -18.52
C GLU B 12 -4.79 30.78 -17.71
N THR B 13 -5.58 31.00 -16.63
CA THR B 13 -6.29 30.00 -15.79
C THR B 13 -7.80 30.09 -16.07
N ALA B 14 -8.44 29.05 -16.63
CA ALA B 14 -9.86 29.09 -17.05
C ALA B 14 -10.59 27.78 -16.73
N VAL B 15 -11.87 27.90 -16.38
CA VAL B 15 -12.82 26.77 -16.22
C VAL B 15 -14.10 27.11 -16.99
N ALA B 16 -14.69 26.13 -17.66
CA ALA B 16 -15.84 26.27 -18.57
C ALA B 16 -16.70 25.00 -18.52
N VAL B 17 -18.03 25.16 -18.69
CA VAL B 17 -19.02 24.05 -18.84
C VAL B 17 -19.78 24.22 -20.19
N LEU B 18 -20.06 23.11 -20.87
CA LEU B 18 -20.41 23.05 -22.32
C LEU B 18 -21.37 21.89 -22.61
N ASP B 19 -22.55 22.18 -23.17
CA ASP B 19 -23.69 21.23 -23.20
C ASP B 19 -23.95 20.79 -24.65
N ASP B 20 -23.46 19.59 -24.97
CA ASP B 20 -23.62 18.87 -26.25
C ASP B 20 -22.76 19.55 -27.31
N GLY B 21 -21.71 20.28 -26.89
CA GLY B 21 -21.01 21.22 -27.78
C GLY B 21 -21.57 22.62 -27.63
N LYS B 22 -21.12 23.57 -28.48
CA LYS B 22 -21.33 25.03 -28.28
C LYS B 22 -22.75 25.23 -27.69
N ASN B 23 -22.84 25.14 -26.36
CA ASN B 23 -24.04 25.56 -25.58
C ASN B 23 -23.59 25.90 -24.16
N VAL B 24 -22.96 27.07 -24.02
CA VAL B 24 -22.10 27.48 -22.86
C VAL B 24 -22.98 27.80 -21.64
N VAL B 25 -22.71 27.17 -20.49
CA VAL B 25 -23.42 27.49 -19.20
C VAL B 25 -22.44 28.03 -18.15
N VAL B 26 -21.17 28.23 -18.52
CA VAL B 26 -20.11 28.99 -17.76
C VAL B 26 -18.82 28.97 -18.60
N ASN B 27 -18.12 30.11 -18.72
CA ASN B 27 -16.70 30.20 -19.15
C ASN B 27 -16.02 31.27 -18.27
N PHE B 28 -15.77 30.91 -17.00
CA PHE B 28 -15.11 31.76 -15.97
C PHE B 28 -13.60 31.79 -16.27
N THR B 29 -12.95 32.89 -15.88
CA THR B 29 -11.51 33.17 -16.16
C THR B 29 -10.98 34.20 -15.17
N VAL B 30 -9.68 34.11 -14.85
CA VAL B 30 -8.96 35.06 -13.94
C VAL B 30 -8.98 36.46 -14.58
N SER B 31 -9.02 36.54 -15.92
CA SER B 31 -8.93 37.79 -16.72
C SER B 31 -10.18 38.67 -16.56
N GLN B 32 -11.38 38.07 -16.49
CA GLN B 32 -12.68 38.78 -16.41
C GLN B 32 -13.11 38.99 -14.95
N ILE B 33 -12.58 38.18 -14.02
CA ILE B 33 -12.74 38.41 -12.56
C ILE B 33 -11.49 39.16 -12.06
N GLU B 34 -10.97 40.09 -12.87
CA GLU B 34 -9.94 41.11 -12.52
C GLU B 34 -10.58 42.51 -12.63
N VAL B 35 -11.33 42.78 -13.70
CA VAL B 35 -12.12 44.05 -13.92
C VAL B 35 -13.28 44.13 -12.91
N HIS B 36 -13.86 42.98 -12.54
CA HIS B 36 -14.99 42.83 -11.57
C HIS B 36 -14.47 42.74 -10.12
N GLN B 37 -13.19 43.08 -9.88
CA GLN B 37 -12.50 43.02 -8.55
C GLN B 37 -12.39 44.41 -7.93
N LYS B 38 -12.87 45.44 -8.62
CA LYS B 38 -13.28 46.74 -8.02
C LYS B 38 -14.81 46.88 -8.19
N PHE B 39 -15.58 46.52 -7.14
CA PHE B 39 -17.03 46.13 -7.17
C PHE B 39 -17.73 46.46 -5.82
N GLY B 40 -17.28 45.82 -4.72
CA GLY B 40 -17.68 46.12 -3.33
C GLY B 40 -16.45 46.37 -2.48
N GLY B 41 -15.59 45.33 -2.34
CA GLY B 41 -14.29 45.35 -1.64
C GLY B 41 -13.27 44.40 -2.27
N VAL B 42 -12.71 43.46 -1.49
CA VAL B 42 -11.65 42.48 -1.89
C VAL B 42 -11.38 41.53 -0.70
N VAL B 43 -11.64 40.21 -0.82
CA VAL B 43 -11.13 39.15 0.13
C VAL B 43 -10.78 37.89 -0.69
N PRO B 44 -11.71 36.95 -1.02
CA PRO B 44 -11.32 35.71 -1.72
C PRO B 44 -10.82 35.96 -3.16
N GLU B 45 -9.53 36.30 -3.29
CA GLU B 45 -8.88 36.97 -4.47
C GLU B 45 -8.11 36.00 -5.36
N VAL B 46 -8.11 36.27 -6.67
CA VAL B 46 -7.28 35.60 -7.73
C VAL B 46 -6.05 36.47 -7.99
N ALA B 47 -4.85 35.88 -8.11
CA ALA B 47 -3.59 36.62 -8.37
C ALA B 47 -3.58 37.11 -9.83
N ALA B 48 -2.92 36.38 -10.74
CA ALA B 48 -2.96 36.67 -12.19
C ALA B 48 -2.65 35.38 -12.94
N ARG B 49 -1.39 34.92 -12.90
CA ARG B 49 -1.00 33.63 -13.51
C ARG B 49 -0.60 32.62 -12.43
N HIS B 50 -1.19 32.73 -11.22
CA HIS B 50 -1.00 31.80 -10.06
C HIS B 50 -2.06 30.69 -10.10
N HIS B 51 -1.93 29.79 -11.08
CA HIS B 51 -2.87 28.68 -11.42
C HIS B 51 -3.35 27.95 -10.16
N LEU B 52 -2.45 27.59 -9.23
CA LEU B 52 -2.83 26.76 -8.07
C LEU B 52 -3.75 27.59 -7.17
N LYS B 53 -3.42 28.85 -6.91
CA LYS B 53 -4.18 29.67 -5.94
C LYS B 53 -5.58 29.92 -6.53
N ASN B 54 -5.66 30.00 -7.86
CA ASN B 54 -6.83 30.49 -8.64
C ASN B 54 -7.84 29.37 -8.93
N LEU B 55 -7.37 28.25 -9.49
CA LEU B 55 -8.25 27.16 -9.98
C LEU B 55 -9.27 26.82 -8.90
N PRO B 56 -8.88 26.78 -7.61
CA PRO B 56 -9.82 26.51 -6.53
C PRO B 56 -11.02 27.46 -6.50
N ILE B 57 -10.78 28.77 -6.66
CA ILE B 57 -11.86 29.81 -6.65
C ILE B 57 -12.69 29.61 -7.93
N LEU B 58 -12.07 29.70 -9.11
CA LEU B 58 -12.80 29.51 -10.39
C LEU B 58 -13.76 28.33 -10.26
N LEU B 59 -13.26 27.14 -9.93
CA LEU B 59 -14.08 25.92 -9.62
C LEU B 59 -15.24 26.25 -8.65
N LYS B 60 -14.96 26.90 -7.51
CA LYS B 60 -16.00 27.31 -6.53
C LYS B 60 -17.11 28.09 -7.26
N LYS B 61 -16.83 29.28 -7.80
CA LYS B 61 -17.87 30.09 -8.49
C LYS B 61 -18.71 29.15 -9.35
N ALA B 62 -18.04 28.27 -10.10
CA ALA B 62 -18.63 27.37 -11.13
C ALA B 62 -19.65 26.40 -10.51
N PHE B 63 -19.32 25.80 -9.35
CA PHE B 63 -20.15 24.76 -8.67
C PHE B 63 -21.23 25.43 -7.80
N GLU B 64 -21.08 26.72 -7.49
CA GLU B 64 -22.20 27.54 -6.93
C GLU B 64 -23.30 27.60 -7.98
N LYS B 65 -22.92 27.85 -9.24
CA LYS B 65 -23.83 27.85 -10.42
C LYS B 65 -24.31 26.42 -10.70
N VAL B 66 -23.41 25.52 -11.13
CA VAL B 66 -23.70 24.26 -11.87
C VAL B 66 -23.56 23.04 -10.95
N PRO B 67 -24.62 22.53 -10.28
CA PRO B 67 -24.46 21.41 -9.37
C PRO B 67 -23.64 20.31 -10.04
N PRO B 68 -22.55 19.86 -9.39
CA PRO B 68 -21.53 19.04 -10.05
C PRO B 68 -22.15 17.72 -10.53
N GLU B 69 -23.13 17.20 -9.79
CA GLU B 69 -23.91 15.97 -10.12
C GLU B 69 -24.06 15.85 -11.64
N THR B 70 -24.29 16.98 -12.33
CA THR B 70 -24.75 17.05 -13.75
C THR B 70 -23.57 17.14 -14.73
N VAL B 71 -22.35 17.35 -14.23
CA VAL B 71 -21.10 17.19 -15.01
C VAL B 71 -20.96 15.72 -15.40
N ASP B 72 -20.80 15.43 -16.69
CA ASP B 72 -20.84 14.04 -17.20
C ASP B 72 -19.44 13.61 -17.67
N VAL B 73 -18.60 14.56 -18.09
CA VAL B 73 -17.19 14.31 -18.52
C VAL B 73 -16.34 15.45 -17.96
N VAL B 74 -15.04 15.20 -17.80
CA VAL B 74 -14.07 16.23 -17.35
C VAL B 74 -12.82 16.12 -18.23
N ALA B 75 -12.26 17.27 -18.53
CA ALA B 75 -11.19 17.41 -19.54
C ALA B 75 -10.37 18.64 -19.22
N ALA B 76 -9.05 18.50 -19.31
CA ALA B 76 -8.10 19.58 -19.01
C ALA B 76 -6.92 19.49 -19.96
N THR B 77 -6.39 20.63 -20.37
CA THR B 77 -5.12 20.72 -21.15
C THR B 77 -4.07 19.84 -20.48
N TYR B 78 -3.52 18.91 -21.26
CA TYR B 78 -2.45 17.95 -20.87
C TYR B 78 -1.12 18.49 -21.42
N GLY B 79 -1.19 19.18 -22.57
CA GLY B 79 -0.07 19.91 -23.18
C GLY B 79 -0.53 20.57 -24.48
N PRO B 80 0.34 21.32 -25.18
CA PRO B 80 1.66 21.67 -24.65
C PRO B 80 1.56 22.84 -23.64
N GLY B 81 2.61 23.08 -22.87
CA GLY B 81 2.69 24.23 -21.96
C GLY B 81 3.90 24.21 -21.04
N LEU B 82 3.81 24.93 -19.91
CA LEU B 82 4.80 24.94 -18.81
C LEU B 82 4.43 23.80 -17.83
N ILE B 83 5.29 22.78 -17.72
CA ILE B 83 4.98 21.50 -17.01
C ILE B 83 4.24 21.86 -15.72
N GLY B 84 4.86 22.70 -14.90
CA GLY B 84 4.26 23.25 -13.67
C GLY B 84 2.86 23.79 -13.88
N ALA B 85 2.70 24.77 -14.79
CA ALA B 85 1.41 25.45 -15.06
C ALA B 85 0.33 24.42 -15.33
N LEU B 86 0.67 23.39 -16.10
CA LEU B 86 -0.26 22.35 -16.59
C LEU B 86 -0.65 21.42 -15.43
N LEU B 87 0.34 20.97 -14.65
CA LEU B 87 0.15 19.85 -13.70
C LEU B 87 -0.98 20.16 -12.72
N VAL B 88 -1.31 21.45 -12.57
CA VAL B 88 -2.40 21.92 -11.66
C VAL B 88 -3.75 21.50 -12.26
N GLY B 89 -4.12 22.10 -13.40
CA GLY B 89 -5.38 21.82 -14.13
C GLY B 89 -5.55 20.33 -14.37
N LEU B 90 -4.51 19.67 -14.88
CA LEU B 90 -4.48 18.21 -15.15
C LEU B 90 -4.87 17.49 -13.86
N SER B 91 -4.01 17.61 -12.84
CA SER B 91 -4.06 16.80 -11.59
C SER B 91 -5.44 16.97 -10.94
N ALA B 92 -5.88 18.23 -10.78
CA ALA B 92 -7.24 18.61 -10.32
C ALA B 92 -8.24 17.84 -11.19
N ALA B 93 -8.26 18.11 -12.50
CA ALA B 93 -9.20 17.47 -13.46
C ALA B 93 -9.33 15.97 -13.16
N LYS B 94 -8.23 15.26 -12.98
CA LYS B 94 -8.29 13.80 -12.74
C LYS B 94 -9.04 13.56 -11.42
N GLY B 95 -8.68 14.32 -10.37
CA GLY B 95 -9.36 14.26 -9.07
C GLY B 95 -10.85 14.48 -9.23
N LEU B 96 -11.24 15.55 -9.94
CA LEU B 96 -12.66 15.88 -10.22
C LEU B 96 -13.37 14.64 -10.75
N ALA B 97 -12.68 13.86 -11.59
CA ALA B 97 -13.22 12.60 -12.16
C ALA B 97 -13.37 11.57 -11.03
N ILE B 98 -12.31 11.41 -10.22
CA ILE B 98 -12.25 10.40 -9.13
C ILE B 98 -13.43 10.67 -8.18
N SER B 99 -13.58 11.91 -7.68
CA SER B 99 -14.68 12.34 -6.76
C SER B 99 -16.02 12.01 -7.39
N LEU B 100 -16.29 12.56 -8.58
CA LEU B 100 -17.63 12.55 -9.25
C LEU B 100 -17.93 11.22 -9.92
N GLU B 101 -16.99 10.27 -9.95
CA GLU B 101 -17.17 8.94 -10.60
C GLU B 101 -17.62 9.15 -12.05
N LYS B 102 -16.94 10.06 -12.75
CA LYS B 102 -17.19 10.45 -14.15
C LYS B 102 -15.86 10.42 -14.90
N PRO B 103 -15.83 10.06 -16.19
CA PRO B 103 -14.57 9.74 -16.87
C PRO B 103 -13.82 11.00 -17.33
N PHE B 104 -12.55 10.85 -17.69
CA PHE B 104 -11.56 11.96 -17.84
C PHE B 104 -10.96 11.96 -19.26
N VAL B 105 -10.72 13.16 -19.75
CA VAL B 105 -10.14 13.42 -21.10
C VAL B 105 -9.03 14.46 -20.96
N GLY B 106 -7.79 14.07 -21.27
CA GLY B 106 -6.62 14.97 -21.40
C GLY B 106 -6.49 15.50 -22.82
N VAL B 107 -6.75 16.80 -23.04
CA VAL B 107 -6.91 17.40 -24.39
C VAL B 107 -5.57 17.88 -24.93
N ASN B 108 -5.49 18.08 -26.24
CA ASN B 108 -4.38 18.74 -27.00
C ASN B 108 -4.78 20.20 -27.28
N HIS B 109 -4.08 21.16 -26.68
CA HIS B 109 -4.31 22.62 -26.89
C HIS B 109 -4.23 22.91 -28.39
N VAL B 110 -3.32 22.25 -29.11
CA VAL B 110 -3.25 22.33 -30.61
C VAL B 110 -4.56 21.76 -31.17
N GLU B 111 -4.77 20.43 -31.15
CA GLU B 111 -6.03 19.79 -31.63
C GLU B 111 -7.21 20.67 -31.19
N ALA B 112 -7.01 21.50 -30.16
CA ALA B 112 -8.03 22.42 -29.60
C ALA B 112 -8.05 23.74 -30.38
N HIS B 113 -6.92 24.45 -30.48
CA HIS B 113 -6.83 25.75 -31.23
C HIS B 113 -7.28 25.50 -32.67
N VAL B 114 -7.10 24.30 -33.21
CA VAL B 114 -7.57 23.94 -34.58
C VAL B 114 -9.08 23.70 -34.58
N GLN B 115 -9.64 22.99 -33.59
CA GLN B 115 -11.11 22.73 -33.47
C GLN B 115 -11.85 24.07 -33.33
N ALA B 116 -11.23 25.05 -32.68
CA ALA B 116 -11.76 26.42 -32.55
C ALA B 116 -12.07 27.02 -33.92
N VAL B 117 -11.59 26.43 -35.02
CA VAL B 117 -11.93 26.89 -36.40
C VAL B 117 -13.40 26.56 -36.66
N PHE B 118 -13.87 25.44 -36.08
CA PHE B 118 -15.22 24.89 -36.32
C PHE B 118 -16.23 25.57 -35.38
N LEU B 119 -15.78 26.09 -34.23
CA LEU B 119 -16.59 26.90 -33.28
C LEU B 119 -17.06 28.21 -33.95
N ALA B 120 -16.30 28.72 -34.93
CA ALA B 120 -16.56 30.00 -35.66
C ALA B 120 -17.10 29.72 -37.07
N ASN B 121 -17.15 28.45 -37.50
CA ASN B 121 -17.80 27.99 -38.75
C ASN B 121 -18.24 26.53 -38.58
N PRO B 122 -19.44 26.25 -38.01
CA PRO B 122 -19.95 24.89 -37.90
C PRO B 122 -20.21 24.31 -39.30
N ASP B 123 -20.78 25.15 -40.17
CA ASP B 123 -20.98 24.87 -41.61
C ASP B 123 -19.62 25.04 -42.27
N LEU B 124 -18.82 23.98 -42.26
CA LEU B 124 -17.40 23.95 -42.67
C LEU B 124 -16.96 22.50 -42.88
N LYS B 125 -16.96 22.06 -44.14
CA LYS B 125 -16.48 20.72 -44.56
C LYS B 125 -15.06 20.53 -44.00
N PRO B 126 -14.76 19.43 -43.28
CA PRO B 126 -13.40 19.20 -42.77
C PRO B 126 -12.52 18.33 -43.65
N PRO B 127 -12.24 18.70 -44.93
CA PRO B 127 -11.09 18.16 -45.65
C PRO B 127 -10.04 19.26 -45.89
N LEU B 128 -9.74 20.08 -44.87
CA LEU B 128 -9.00 21.37 -45.01
C LEU B 128 -7.58 21.31 -44.43
N VAL B 129 -6.76 22.24 -44.92
CA VAL B 129 -5.40 22.62 -44.44
C VAL B 129 -5.53 23.84 -43.51
N VAL B 130 -4.60 23.95 -42.58
CA VAL B 130 -4.60 25.05 -41.57
C VAL B 130 -3.15 25.48 -41.39
N LEU B 131 -2.90 26.79 -41.43
CA LEU B 131 -1.60 27.39 -41.03
C LEU B 131 -1.75 27.98 -39.61
N MET B 132 -1.08 27.37 -38.63
CA MET B 132 -0.92 27.94 -37.27
C MET B 132 0.36 28.78 -37.23
N VAL B 133 0.26 30.11 -37.09
CA VAL B 133 1.45 30.99 -36.90
C VAL B 133 1.22 31.93 -35.71
N SER B 134 1.57 31.44 -34.52
CA SER B 134 1.59 32.20 -33.26
C SER B 134 2.99 32.76 -33.06
N GLY B 135 3.31 33.13 -31.82
CA GLY B 135 4.70 33.16 -31.30
C GLY B 135 5.14 31.76 -30.97
N GLY B 136 4.26 30.99 -30.33
CA GLY B 136 4.54 29.62 -29.84
C GLY B 136 4.87 28.69 -30.99
N HIS B 137 3.97 28.62 -31.98
CA HIS B 137 4.05 27.68 -33.14
C HIS B 137 4.16 28.46 -34.46
N THR B 138 4.66 27.77 -35.49
CA THR B 138 4.58 28.12 -36.95
C THR B 138 4.56 26.80 -37.73
N GLN B 139 3.38 26.39 -38.19
CA GLN B 139 3.06 24.98 -38.55
C GLN B 139 2.09 24.96 -39.73
N LEU B 140 2.13 23.90 -40.54
CA LEU B 140 1.04 23.53 -41.49
C LEU B 140 0.50 22.15 -41.12
N MET B 141 -0.83 22.00 -41.03
CA MET B 141 -1.51 20.73 -40.67
C MET B 141 -2.63 20.42 -41.68
N LYS B 142 -3.05 19.16 -41.74
CA LYS B 142 -4.14 18.63 -42.62
C LYS B 142 -5.13 17.88 -41.71
N VAL B 143 -6.40 18.29 -41.75
CA VAL B 143 -7.54 17.68 -41.00
C VAL B 143 -8.34 16.80 -41.96
N ASP B 144 -8.50 15.50 -41.65
CA ASP B 144 -9.24 14.51 -42.48
C ASP B 144 -10.75 14.72 -42.33
N GLU B 145 -11.55 14.24 -43.30
CA GLU B 145 -13.00 14.02 -43.11
C GLU B 145 -13.18 13.41 -41.72
N ASP B 146 -12.35 12.41 -41.43
CA ASP B 146 -12.11 11.78 -40.10
C ASP B 146 -11.99 12.87 -39.01
N TYR B 147 -11.14 13.87 -39.25
CA TYR B 147 -10.77 15.00 -38.35
C TYR B 147 -9.36 14.79 -37.79
N SER B 148 -8.81 13.56 -37.86
CA SER B 148 -7.40 13.24 -37.50
C SER B 148 -6.45 14.21 -38.24
N MET B 149 -5.46 14.78 -37.54
CA MET B 149 -4.59 15.85 -38.08
C MET B 149 -3.11 15.58 -37.81
N GLU B 150 -2.35 15.26 -38.86
CA GLU B 150 -0.87 15.18 -38.82
C GLU B 150 -0.34 16.61 -39.04
N VAL B 151 0.78 16.94 -38.40
CA VAL B 151 1.61 18.15 -38.70
C VAL B 151 2.47 17.80 -39.90
N LEU B 152 2.58 18.71 -40.87
CA LEU B 152 3.24 18.48 -42.18
C LEU B 152 4.35 19.52 -42.41
N GLY B 153 4.13 20.78 -42.01
CA GLY B 153 5.15 21.84 -41.94
C GLY B 153 5.43 22.20 -40.49
N GLU B 154 6.58 22.85 -40.25
CA GLU B 154 7.15 23.12 -38.91
C GLU B 154 8.29 24.12 -39.13
N THR B 155 8.39 25.19 -38.35
CA THR B 155 9.65 25.97 -38.29
C THR B 155 10.71 25.01 -37.70
N LEU B 156 11.97 25.15 -38.10
CA LEU B 156 13.15 24.47 -37.50
C LEU B 156 13.72 25.40 -36.43
N ASP B 157 13.49 26.71 -36.56
CA ASP B 157 14.06 27.79 -35.71
C ASP B 157 12.91 28.51 -35.01
N ASP B 158 12.79 29.82 -35.23
CA ASP B 158 11.83 30.70 -34.55
C ASP B 158 10.50 30.64 -35.31
N SER B 159 9.44 31.08 -34.65
CA SER B 159 8.10 31.32 -35.24
C SER B 159 8.13 32.58 -36.09
N ALA B 160 7.08 32.81 -36.87
CA ALA B 160 6.81 34.10 -37.53
C ALA B 160 6.74 35.17 -36.43
N GLY B 161 5.89 34.91 -35.43
CA GLY B 161 5.71 35.77 -34.23
C GLY B 161 7.04 36.19 -33.61
N GLU B 162 7.98 35.26 -33.46
CA GLU B 162 9.24 35.51 -32.72
C GLU B 162 10.11 36.44 -33.55
N ALA B 163 10.11 36.25 -34.87
CA ALA B 163 10.87 37.09 -35.83
C ALA B 163 10.26 38.51 -35.87
N PHE B 164 8.92 38.64 -35.85
CA PHE B 164 8.21 39.94 -35.79
C PHE B 164 8.56 40.68 -34.50
N ASP B 165 8.41 39.99 -33.36
CA ASP B 165 8.68 40.53 -32.00
C ASP B 165 10.12 41.06 -31.95
N LYS B 166 11.10 40.30 -32.42
CA LYS B 166 12.53 40.59 -32.14
C LYS B 166 13.06 41.70 -33.08
N VAL B 167 12.81 41.59 -34.39
CA VAL B 167 13.17 42.59 -35.43
C VAL B 167 12.54 43.93 -35.08
N ALA B 168 11.36 43.91 -34.47
CA ALA B 168 10.73 45.08 -33.83
C ALA B 168 11.76 45.70 -32.88
N ARG B 169 12.25 44.92 -31.91
CA ARG B 169 13.19 45.43 -30.86
C ARG B 169 14.47 45.92 -31.55
N LEU B 170 14.94 45.20 -32.57
CA LEU B 170 16.13 45.59 -33.36
C LEU B 170 15.91 46.99 -33.94
N LEU B 171 14.68 47.30 -34.37
CA LEU B 171 14.28 48.61 -34.95
C LEU B 171 13.75 49.52 -33.84
N GLY B 172 13.84 49.09 -32.58
CA GLY B 172 13.35 49.88 -31.44
C GLY B 172 11.93 50.37 -31.68
N LEU B 173 10.98 49.44 -31.73
CA LEU B 173 9.51 49.71 -31.78
C LEU B 173 8.85 48.96 -30.62
N GLY B 174 7.55 49.19 -30.38
CA GLY B 174 6.78 48.62 -29.26
C GLY B 174 6.84 47.09 -29.12
N TYR B 175 6.18 46.58 -28.09
CA TYR B 175 5.69 45.19 -27.98
C TYR B 175 4.16 45.30 -28.10
N PRO B 176 3.46 44.29 -28.67
CA PRO B 176 4.11 43.15 -29.29
C PRO B 176 4.65 43.66 -30.64
N GLY B 177 5.81 43.13 -31.06
CA GLY B 177 6.53 43.56 -32.27
C GLY B 177 5.60 43.65 -33.47
N GLY B 178 5.09 42.50 -33.93
CA GLY B 178 4.25 42.37 -35.13
C GLY B 178 3.32 43.57 -35.36
N PRO B 179 2.27 43.74 -34.54
CA PRO B 179 1.31 44.83 -34.75
C PRO B 179 1.97 46.13 -35.18
N VAL B 180 2.96 46.57 -34.41
CA VAL B 180 3.73 47.82 -34.61
C VAL B 180 4.40 47.78 -35.99
N ILE B 181 5.13 46.70 -36.29
CA ILE B 181 5.76 46.46 -37.62
C ILE B 181 4.69 46.56 -38.70
N ASP B 182 3.54 45.91 -38.55
CA ASP B 182 2.39 45.96 -39.50
C ASP B 182 1.93 47.41 -39.68
N ARG B 183 1.67 48.10 -38.56
CA ARG B 183 1.15 49.49 -38.55
C ARG B 183 2.17 50.41 -39.23
N VAL B 184 3.45 50.29 -38.94
CA VAL B 184 4.47 51.22 -39.54
C VAL B 184 4.78 50.78 -40.98
N ALA B 185 4.77 49.48 -41.28
CA ALA B 185 5.12 48.91 -42.60
C ALA B 185 4.10 49.40 -43.62
N LYS B 186 2.98 49.91 -43.14
CA LYS B 186 1.91 50.50 -43.97
C LYS B 186 2.45 51.76 -44.67
N LYS B 187 3.00 52.75 -43.94
CA LYS B 187 3.59 53.96 -44.58
C LYS B 187 5.06 53.69 -44.94
N GLY B 188 5.38 52.54 -45.55
CA GLY B 188 6.75 52.16 -45.95
C GLY B 188 6.76 51.32 -47.22
N ASP B 189 7.91 51.21 -47.89
CA ASP B 189 8.07 50.62 -49.27
C ASP B 189 8.40 49.12 -49.20
N PRO B 190 7.41 48.22 -49.38
CA PRO B 190 7.60 46.77 -49.19
C PRO B 190 8.70 46.08 -50.00
N GLU B 191 9.30 46.81 -50.96
CA GLU B 191 10.33 46.26 -51.87
C GLU B 191 11.52 47.22 -51.96
N LYS B 192 11.77 48.03 -50.93
CA LYS B 192 12.90 49.00 -50.91
C LYS B 192 14.22 48.25 -50.63
N TYR B 193 14.11 47.13 -49.91
CA TYR B 193 15.24 46.22 -49.56
C TYR B 193 14.75 44.81 -49.84
N SER B 194 15.64 43.95 -50.37
CA SER B 194 15.29 42.53 -50.63
C SER B 194 16.11 41.63 -49.71
N PHE B 195 15.51 41.26 -48.59
CA PHE B 195 16.02 40.26 -47.62
C PHE B 195 15.87 38.85 -48.22
N PRO B 196 16.47 37.80 -47.62
CA PRO B 196 16.24 36.43 -48.06
C PRO B 196 14.80 35.94 -47.81
N ARG B 197 14.46 34.80 -48.40
CA ARG B 197 13.20 34.04 -48.22
C ARG B 197 13.61 32.65 -47.77
N PRO B 198 14.21 32.51 -46.57
CA PRO B 198 14.95 31.30 -46.23
C PRO B 198 14.03 30.08 -46.29
N MET B 199 14.24 29.21 -47.29
CA MET B 199 13.56 27.91 -47.53
C MET B 199 12.62 28.01 -48.74
N LEU B 200 12.42 29.19 -49.31
CA LEU B 200 11.65 29.33 -50.58
C LEU B 200 12.44 28.56 -51.66
N ASP B 201 11.72 28.14 -52.72
CA ASP B 201 12.10 27.06 -53.68
C ASP B 201 13.04 26.09 -52.94
N ASP B 202 12.51 25.48 -51.88
CA ASP B 202 13.07 24.32 -51.13
C ASP B 202 12.00 23.23 -51.19
N ASP B 203 12.39 21.98 -51.34
CA ASP B 203 11.45 20.89 -51.72
C ASP B 203 10.75 20.31 -50.48
N SER B 204 10.67 21.06 -49.36
CA SER B 204 9.91 20.68 -48.14
C SER B 204 8.92 21.79 -47.78
N TYR B 205 8.15 21.60 -46.70
CA TYR B 205 7.11 22.54 -46.22
C TYR B 205 7.55 23.22 -44.90
N ASN B 206 8.81 23.02 -44.51
CA ASN B 206 9.33 23.48 -43.20
C ASN B 206 9.86 24.91 -43.32
N PHE B 207 9.60 25.73 -42.30
CA PHE B 207 9.97 27.18 -42.25
C PHE B 207 11.34 27.36 -41.62
N SER B 208 12.03 28.45 -41.98
CA SER B 208 13.16 29.02 -41.21
C SER B 208 12.93 30.53 -41.10
N PHE B 209 13.40 31.15 -40.02
CA PHE B 209 13.22 32.60 -39.70
C PHE B 209 14.38 33.18 -38.86
N ALA B 210 15.45 32.41 -38.60
CA ALA B 210 16.67 32.91 -37.92
C ALA B 210 17.55 33.63 -38.94
N GLY B 211 17.45 33.22 -40.22
CA GLY B 211 18.13 33.83 -41.38
C GLY B 211 17.73 35.29 -41.60
N LEU B 212 16.43 35.59 -41.50
CA LEU B 212 15.87 36.97 -41.56
C LEU B 212 16.38 37.83 -40.40
N LYS B 213 15.98 37.47 -39.18
CA LYS B 213 16.29 38.18 -37.90
C LYS B 213 17.70 38.76 -38.01
N THR B 214 18.67 37.96 -38.46
CA THR B 214 20.10 38.37 -38.59
C THR B 214 20.30 39.26 -39.84
N SER B 215 19.84 38.85 -41.02
CA SER B 215 20.06 39.60 -42.30
C SER B 215 19.53 41.04 -42.20
N VAL B 216 18.69 41.30 -41.19
CA VAL B 216 18.29 42.66 -40.74
C VAL B 216 19.31 43.13 -39.70
N LEU B 217 19.62 42.30 -38.70
CA LEU B 217 20.64 42.66 -37.68
C LEU B 217 21.89 43.12 -38.43
N TYR B 218 22.31 42.35 -39.44
CA TYR B 218 23.47 42.69 -40.28
C TYR B 218 23.17 44.04 -40.94
N PHE B 219 22.02 44.17 -41.60
CA PHE B 219 21.64 45.37 -42.41
C PHE B 219 21.80 46.66 -41.62
N LEU B 220 21.36 46.72 -40.34
CA LEU B 220 21.30 47.98 -39.56
C LEU B 220 22.69 48.33 -39.00
N GLN B 221 23.44 47.31 -38.54
CA GLN B 221 24.88 47.38 -38.15
C GLN B 221 25.65 48.07 -39.28
N ARG B 222 25.33 47.71 -40.52
CA ARG B 222 26.02 48.12 -41.77
C ARG B 222 25.55 49.53 -42.17
N GLU B 223 24.26 49.69 -42.48
CA GLU B 223 23.69 50.84 -43.23
C GLU B 223 23.17 51.91 -42.26
N LYS B 224 23.71 53.12 -42.39
CA LYS B 224 23.14 54.40 -41.89
C LYS B 224 22.39 55.02 -43.07
N GLY B 225 21.46 55.95 -42.82
CA GLY B 225 20.62 56.55 -43.87
C GLY B 225 19.76 55.50 -44.55
N TYR B 226 18.48 55.43 -44.16
CA TYR B 226 17.47 54.39 -44.50
C TYR B 226 16.20 54.69 -43.72
N LYS B 227 15.00 54.52 -44.30
CA LYS B 227 13.73 54.74 -43.58
C LYS B 227 13.38 53.46 -42.79
N VAL B 228 12.80 53.60 -41.60
CA VAL B 228 12.52 52.45 -40.69
C VAL B 228 11.40 51.62 -41.33
N GLU B 229 10.38 52.27 -41.89
CA GLU B 229 9.19 51.59 -42.50
C GLU B 229 9.59 50.88 -43.79
N ASP B 230 10.62 51.35 -44.47
CA ASP B 230 11.22 50.62 -45.61
C ASP B 230 11.61 49.23 -45.13
N VAL B 231 12.49 49.16 -44.13
CA VAL B 231 13.02 47.89 -43.57
C VAL B 231 11.84 47.03 -43.07
N ALA B 232 10.92 47.66 -42.35
CA ALA B 232 9.69 47.05 -41.78
C ALA B 232 8.95 46.26 -42.84
N ALA B 233 8.50 46.99 -43.87
CA ALA B 233 7.63 46.53 -44.97
C ALA B 233 8.38 45.46 -45.76
N SER B 234 9.61 45.77 -46.15
CA SER B 234 10.57 44.80 -46.75
C SER B 234 10.57 43.52 -45.89
N PHE B 235 11.17 43.55 -44.70
CA PHE B 235 11.21 42.40 -43.76
C PHE B 235 9.83 41.73 -43.69
N GLN B 236 8.75 42.51 -43.62
CA GLN B 236 7.38 41.96 -43.44
C GLN B 236 7.01 41.15 -44.68
N LYS B 237 7.32 41.66 -45.89
CA LYS B 237 6.96 41.01 -47.17
C LYS B 237 7.76 39.70 -47.30
N ALA B 238 9.05 39.73 -46.93
CA ALA B 238 9.94 38.56 -46.86
C ALA B 238 9.24 37.41 -46.11
N VAL B 239 8.39 37.77 -45.14
CA VAL B 239 7.65 36.79 -44.30
C VAL B 239 6.30 36.49 -44.99
N VAL B 240 5.46 37.48 -45.25
CA VAL B 240 4.22 37.18 -46.01
C VAL B 240 4.66 36.27 -47.15
N ASP B 241 5.70 36.66 -47.89
CA ASP B 241 6.11 35.93 -49.11
C ASP B 241 6.24 34.44 -48.76
N ILE B 242 7.06 34.13 -47.77
CA ILE B 242 7.48 32.72 -47.52
C ILE B 242 6.27 31.95 -46.98
N LEU B 243 5.41 32.64 -46.25
CA LEU B 243 4.20 32.04 -45.61
C LEU B 243 3.25 31.55 -46.70
N VAL B 244 2.83 32.48 -47.57
CA VAL B 244 1.78 32.28 -48.61
C VAL B 244 2.20 31.17 -49.58
N GLU B 245 3.46 31.18 -50.04
CA GLU B 245 3.94 30.20 -51.05
C GLU B 245 4.01 28.80 -50.43
N LYS B 246 4.43 28.69 -49.17
CA LYS B 246 4.39 27.41 -48.42
C LYS B 246 2.93 26.96 -48.23
N THR B 247 2.11 27.83 -47.64
CA THR B 247 0.69 27.53 -47.30
C THR B 247 0.00 26.98 -48.54
N PHE B 248 0.05 27.68 -49.67
CA PHE B 248 -0.70 27.32 -50.89
C PHE B 248 -0.03 26.15 -51.60
N ARG B 249 1.26 26.26 -51.89
CA ARG B 249 2.00 25.21 -52.62
C ARG B 249 1.83 23.85 -51.88
N LEU B 250 1.06 23.82 -50.77
CA LEU B 250 0.72 22.58 -49.99
C LEU B 250 -0.78 22.29 -50.06
N ALA B 251 -1.62 23.31 -49.89
CA ALA B 251 -3.07 23.20 -50.09
C ALA B 251 -3.32 22.73 -51.54
N ARG B 252 -2.61 23.35 -52.50
CA ARG B 252 -2.57 22.92 -53.92
C ARG B 252 -2.05 21.47 -53.96
N ASN B 253 -0.74 21.25 -53.76
CA ASN B 253 -0.07 19.93 -54.01
C ASN B 253 -0.75 18.76 -53.28
N LEU B 254 -1.45 18.99 -52.17
CA LEU B 254 -2.21 17.94 -51.43
C LEU B 254 -3.66 17.92 -51.92
N GLY B 255 -3.93 18.54 -53.07
CA GLY B 255 -5.28 18.68 -53.66
C GLY B 255 -6.32 19.13 -52.64
N ILE B 256 -6.31 20.41 -52.27
CA ILE B 256 -7.31 20.99 -51.32
C ILE B 256 -7.61 22.47 -51.67
N ARG B 257 -8.90 22.80 -51.70
CA ARG B 257 -9.42 24.12 -52.13
C ARG B 257 -9.49 25.04 -50.90
N LYS B 258 -9.77 24.48 -49.71
CA LYS B 258 -10.14 25.22 -48.45
C LYS B 258 -8.93 25.28 -47.49
N ILE B 259 -8.83 26.32 -46.65
CA ILE B 259 -7.53 26.71 -46.03
C ILE B 259 -7.72 27.80 -44.94
N ALA B 260 -7.40 27.50 -43.68
CA ALA B 260 -7.75 28.35 -42.50
C ALA B 260 -6.50 28.82 -41.74
N PHE B 261 -6.65 29.94 -41.01
CA PHE B 261 -5.54 30.72 -40.40
C PHE B 261 -5.77 30.88 -38.89
N VAL B 262 -4.67 30.81 -38.14
CA VAL B 262 -4.72 30.80 -36.66
C VAL B 262 -3.35 31.22 -36.11
N GLY B 263 -3.39 32.04 -35.06
CA GLY B 263 -2.24 32.77 -34.52
C GLY B 263 -2.43 34.27 -34.67
N GLY B 264 -2.17 35.04 -33.62
CA GLY B 264 -2.14 36.51 -33.65
C GLY B 264 -1.43 37.00 -34.91
N VAL B 265 -0.52 36.21 -35.48
CA VAL B 265 0.19 36.55 -36.74
C VAL B 265 -0.86 36.60 -37.86
N ALA B 266 -1.89 35.75 -37.74
CA ALA B 266 -3.10 35.74 -38.60
C ALA B 266 -3.69 37.16 -38.70
N ALA B 267 -3.52 37.98 -37.67
CA ALA B 267 -4.08 39.35 -37.61
C ALA B 267 -3.49 40.25 -38.71
N ASN B 268 -2.34 39.87 -39.28
CA ASN B 268 -1.45 40.80 -40.05
C ASN B 268 -2.16 41.36 -41.28
N SER B 269 -2.19 42.69 -41.42
CA SER B 269 -2.79 43.42 -42.58
C SER B 269 -2.24 42.85 -43.90
N MET B 270 -0.92 42.84 -44.07
CA MET B 270 -0.24 42.45 -45.33
C MET B 270 -0.46 40.97 -45.61
N LEU B 271 -0.35 40.12 -44.60
CA LEU B 271 -0.64 38.69 -44.81
C LEU B 271 -2.01 38.62 -45.47
N ARG B 272 -3.09 39.05 -44.77
CA ARG B 272 -4.51 38.89 -45.20
C ARG B 272 -4.64 39.37 -46.65
N GLU B 273 -4.20 40.59 -46.93
CA GLU B 273 -4.29 41.21 -48.27
C GLU B 273 -3.90 40.18 -49.33
N GLU B 274 -2.69 39.67 -49.21
CA GLU B 274 -2.01 38.84 -50.23
C GLU B 274 -2.53 37.39 -50.20
N VAL B 275 -2.95 36.87 -49.05
CA VAL B 275 -3.69 35.56 -49.01
C VAL B 275 -4.97 35.75 -49.81
N ARG B 276 -5.77 36.75 -49.48
CA ARG B 276 -7.05 37.07 -50.17
C ARG B 276 -6.82 37.14 -51.69
N LYS B 277 -5.79 37.86 -52.13
CA LYS B 277 -5.45 38.08 -53.56
C LYS B 277 -5.27 36.73 -54.26
N ARG B 278 -4.36 35.91 -53.72
CA ARG B 278 -4.01 34.58 -54.27
C ARG B 278 -5.29 33.73 -54.42
N ALA B 279 -6.18 33.71 -53.41
CA ALA B 279 -7.33 32.76 -53.28
C ALA B 279 -8.56 33.27 -54.04
N GLU B 280 -8.60 34.58 -54.35
CA GLU B 280 -9.50 35.19 -55.36
C GLU B 280 -9.09 34.67 -56.73
N ARG B 281 -7.80 34.43 -56.94
CA ARG B 281 -7.16 34.12 -58.24
C ARG B 281 -6.74 32.65 -58.34
N TRP B 282 -7.24 31.76 -57.47
CA TRP B 282 -7.13 30.28 -57.59
C TRP B 282 -8.47 29.65 -57.18
N ASN B 283 -9.51 30.47 -56.97
CA ASN B 283 -10.79 30.08 -56.32
C ASN B 283 -10.53 29.04 -55.21
N TYR B 284 -9.72 29.40 -54.19
CA TYR B 284 -9.50 28.63 -52.93
C TYR B 284 -10.25 29.35 -51.80
N GLU B 285 -10.76 28.59 -50.83
CA GLU B 285 -11.61 29.15 -49.74
C GLU B 285 -10.72 29.39 -48.51
N VAL B 286 -10.42 30.67 -48.21
CA VAL B 286 -9.60 31.12 -47.04
C VAL B 286 -10.54 31.54 -45.93
N PHE B 287 -10.07 31.40 -44.68
CA PHE B 287 -10.77 31.82 -43.44
C PHE B 287 -9.78 32.54 -42.53
N PHE B 288 -10.24 32.97 -41.37
CA PHE B 288 -9.45 33.70 -40.34
C PHE B 288 -10.21 33.66 -39.03
N PRO B 289 -9.61 34.08 -37.89
CA PRO B 289 -10.38 34.49 -36.71
C PRO B 289 -10.89 35.90 -36.95
N PRO B 290 -11.79 36.45 -36.10
CA PRO B 290 -12.07 37.89 -36.13
C PRO B 290 -10.86 38.70 -35.63
N LEU B 291 -11.02 39.93 -35.14
CA LEU B 291 -9.91 40.73 -34.54
C LEU B 291 -10.21 40.98 -33.06
N GLU B 292 -10.04 39.93 -32.24
CA GLU B 292 -10.41 39.85 -30.79
C GLU B 292 -9.48 38.85 -30.03
N LEU B 293 -8.15 38.99 -30.20
CA LEU B 293 -7.09 38.01 -29.79
C LEU B 293 -7.36 37.45 -28.38
N CYS B 294 -8.16 36.38 -28.30
CA CYS B 294 -8.56 35.67 -27.05
C CYS B 294 -8.36 34.15 -27.24
N THR B 295 -7.28 33.75 -27.91
CA THR B 295 -7.04 32.34 -28.38
C THR B 295 -6.50 31.49 -27.20
N ASP B 296 -7.01 31.70 -25.97
CA ASP B 296 -6.52 31.03 -24.72
C ASP B 296 -7.58 31.03 -23.60
N ASN B 297 -8.76 30.43 -23.84
CA ASN B 297 -9.80 30.18 -22.79
C ASN B 297 -10.28 28.72 -22.87
N ALA B 298 -11.23 28.36 -21.99
CA ALA B 298 -11.53 26.97 -21.57
C ALA B 298 -12.66 26.39 -22.42
N LEU B 299 -13.29 27.23 -23.25
CA LEU B 299 -14.38 26.82 -24.18
C LEU B 299 -13.84 25.82 -25.20
N MET B 300 -12.64 26.08 -25.72
CA MET B 300 -11.84 25.14 -26.56
C MET B 300 -11.86 23.74 -25.92
N VAL B 301 -11.22 23.60 -24.75
CA VAL B 301 -10.86 22.28 -24.14
C VAL B 301 -12.15 21.54 -23.76
N ALA B 302 -13.15 22.25 -23.27
CA ALA B 302 -14.50 21.70 -22.96
C ALA B 302 -15.03 20.95 -24.17
N LYS B 303 -14.83 21.52 -25.38
CA LYS B 303 -15.33 21.02 -26.70
C LYS B 303 -14.53 19.78 -27.14
N ALA B 304 -13.22 19.92 -27.35
CA ALA B 304 -12.30 18.79 -27.58
C ALA B 304 -12.66 17.66 -26.60
N GLY B 305 -13.20 18.05 -25.45
CA GLY B 305 -13.79 17.16 -24.43
C GLY B 305 -15.06 16.50 -24.93
N TYR B 306 -16.07 17.30 -25.29
CA TYR B 306 -17.35 16.83 -25.88
C TYR B 306 -17.05 15.97 -27.12
N GLU B 307 -16.08 16.42 -27.94
CA GLU B 307 -15.69 15.78 -29.22
C GLU B 307 -14.98 14.44 -28.97
N LYS B 308 -14.00 14.39 -28.07
CA LYS B 308 -13.20 13.15 -27.86
C LYS B 308 -14.02 12.15 -27.03
N ALA B 309 -15.03 12.62 -26.28
CA ALA B 309 -15.93 11.82 -25.41
C ALA B 309 -17.06 11.20 -26.23
N LYS B 310 -17.73 12.00 -27.06
CA LYS B 310 -18.73 11.54 -28.07
C LYS B 310 -18.11 10.39 -28.86
N ARG B 311 -16.78 10.43 -29.07
CA ARG B 311 -15.97 9.40 -29.79
C ARG B 311 -15.44 8.34 -28.80
N GLY B 312 -15.80 8.46 -27.52
CA GLY B 312 -15.40 7.50 -26.46
C GLY B 312 -13.90 7.29 -26.45
N MET B 313 -13.13 8.29 -26.88
CA MET B 313 -11.65 8.25 -26.84
C MET B 313 -11.19 8.91 -25.53
N PHE B 314 -11.21 8.12 -24.44
CA PHE B 314 -11.02 8.62 -23.06
C PHE B 314 -9.57 8.45 -22.61
N SER B 315 -9.25 9.01 -21.44
CA SER B 315 -7.87 9.19 -20.92
C SER B 315 -7.66 8.43 -19.61
N PRO B 316 -6.43 7.93 -19.38
CA PRO B 316 -6.08 7.17 -18.19
C PRO B 316 -5.53 8.14 -17.15
N LEU B 317 -5.60 7.73 -15.87
CA LEU B 317 -5.31 8.58 -14.69
C LEU B 317 -3.79 8.68 -14.50
N SER B 318 -3.04 7.74 -15.04
CA SER B 318 -1.56 7.78 -15.07
C SER B 318 -1.06 8.94 -15.91
N LEU B 319 -1.96 9.57 -16.68
CA LEU B 319 -1.60 10.47 -17.82
C LEU B 319 -0.77 11.65 -17.33
N ASN B 320 0.45 11.74 -17.84
CA ASN B 320 1.41 12.83 -17.53
C ASN B 320 1.04 14.10 -18.33
N ALA B 321 1.65 15.23 -18.02
CA ALA B 321 1.68 16.42 -18.91
C ALA B 321 2.80 16.23 -19.94
N ASP B 322 2.70 16.90 -21.09
CA ASP B 322 3.72 16.90 -22.18
C ASP B 322 3.91 18.36 -22.63
N PRO B 323 4.93 19.06 -22.08
CA PRO B 323 5.25 20.42 -22.51
C PRO B 323 5.66 20.50 -24.00
N ASN B 324 6.70 19.75 -24.37
CA ASN B 324 7.17 19.55 -25.76
C ASN B 324 6.14 18.69 -26.49
N LEU B 325 4.89 19.15 -26.63
CA LEU B 325 3.85 18.38 -27.35
C LEU B 325 3.38 19.18 -28.57
N ASN B 326 2.99 18.44 -29.62
CA ASN B 326 2.39 18.93 -30.90
C ASN B 326 1.21 18.01 -31.26
N VAL B 327 0.84 17.96 -32.55
CA VAL B 327 -0.11 16.96 -33.14
C VAL B 327 0.71 15.94 -33.93
N GLU C 20 29.47 45.01 -15.48
CA GLU C 20 30.67 45.34 -16.30
C GLU C 20 31.88 44.56 -15.78
N GLU C 21 32.11 44.52 -14.46
CA GLU C 21 33.35 43.98 -13.82
C GLU C 21 33.05 42.74 -12.95
N GLN C 22 33.31 41.56 -13.51
CA GLN C 22 33.22 40.23 -12.86
C GLN C 22 34.59 39.57 -12.98
N LYS C 23 35.42 39.70 -11.93
CA LYS C 23 36.86 39.29 -11.92
C LYS C 23 36.99 37.77 -11.70
N MET C 24 36.28 36.98 -12.51
CA MET C 24 36.15 35.49 -12.38
C MET C 24 37.37 34.85 -13.06
N ARG C 25 37.29 34.55 -14.36
CA ARG C 25 38.42 34.10 -15.22
C ARG C 25 38.03 34.28 -16.69
N HIS C 26 38.73 35.13 -17.46
CA HIS C 26 38.54 35.25 -18.94
C HIS C 26 38.81 33.86 -19.56
N LEU C 27 38.23 33.59 -20.74
CA LEU C 27 38.60 32.42 -21.58
C LEU C 27 38.11 32.67 -23.01
N ARG C 28 38.45 33.85 -23.55
CA ARG C 28 37.99 34.44 -24.84
C ARG C 28 38.47 33.58 -26.01
N PHE C 29 37.72 33.59 -27.12
CA PHE C 29 38.08 32.95 -28.41
C PHE C 29 38.12 34.05 -29.48
N GLU C 30 38.00 33.70 -30.76
CA GLU C 30 37.80 34.68 -31.87
C GLU C 30 37.55 33.96 -33.20
N ASN C 31 36.88 34.66 -34.12
CA ASN C 31 36.44 34.20 -35.47
C ASN C 31 36.19 32.69 -35.45
N LEU C 32 35.16 32.25 -34.72
CA LEU C 32 34.65 30.85 -34.75
C LEU C 32 33.58 30.75 -35.83
N THR C 33 33.77 29.88 -36.84
CA THR C 33 32.73 29.52 -37.84
C THR C 33 31.50 29.00 -37.08
N GLU C 34 30.32 28.92 -37.71
CA GLU C 34 29.11 28.46 -37.00
C GLU C 34 29.41 27.10 -36.38
N GLU C 35 30.05 26.21 -37.15
CA GLU C 35 30.31 24.80 -36.77
C GLU C 35 31.34 24.72 -35.63
N GLN C 36 32.39 25.55 -35.72
CA GLN C 36 33.45 25.69 -34.69
C GLN C 36 32.80 25.97 -33.33
N LEU C 37 31.73 26.79 -33.29
CA LEU C 37 31.02 27.23 -32.05
C LEU C 37 30.23 26.07 -31.43
N LYS C 38 29.48 25.31 -32.23
CA LYS C 38 28.72 24.12 -31.75
C LYS C 38 29.72 23.09 -31.19
N ARG C 39 30.85 22.90 -31.87
CA ARG C 39 31.89 21.87 -31.55
C ARG C 39 32.45 22.09 -30.13
N LEU C 40 32.75 23.35 -29.76
CA LEU C 40 33.33 23.72 -28.44
C LEU C 40 32.24 23.71 -27.36
N ALA C 41 31.05 24.23 -27.68
CA ALA C 41 29.83 24.08 -26.87
C ALA C 41 29.67 22.61 -26.45
N LYS C 42 29.93 21.70 -27.39
CA LYS C 42 29.90 20.22 -27.16
C LYS C 42 30.97 19.87 -26.12
N ILE C 43 32.16 20.49 -26.18
CA ILE C 43 33.29 20.24 -25.22
C ILE C 43 32.90 20.76 -23.83
N LEU C 44 32.26 21.94 -23.74
CA LEU C 44 31.93 22.64 -22.46
C LEU C 44 30.97 21.80 -21.61
N THR C 45 30.02 21.09 -22.23
CA THR C 45 28.95 20.34 -21.53
C THR C 45 29.37 18.87 -21.33
N GLU C 46 30.12 18.29 -22.28
CA GLU C 46 30.60 16.88 -22.20
C GLU C 46 31.68 16.81 -21.11
N ASN C 47 32.18 17.96 -20.64
CA ASN C 47 33.17 18.08 -19.53
C ASN C 47 32.50 18.40 -18.20
N LEU C 48 31.21 18.09 -18.01
CA LEU C 48 30.55 18.31 -16.70
C LEU C 48 29.55 17.19 -16.39
N LYS C 49 29.72 16.61 -15.20
CA LYS C 49 28.71 15.81 -14.46
C LYS C 49 27.79 16.83 -13.75
N GLY C 50 26.65 16.39 -13.19
CA GLY C 50 25.45 17.19 -12.88
C GLY C 50 25.70 18.42 -12.01
N GLY C 51 24.70 19.32 -11.95
CA GLY C 51 24.50 20.27 -10.83
C GLY C 51 24.64 21.75 -11.16
N GLU C 52 25.27 22.12 -12.30
CA GLU C 52 25.74 23.51 -12.58
C GLU C 52 24.81 24.21 -13.58
N VAL C 53 24.99 25.54 -13.69
CA VAL C 53 24.15 26.55 -14.43
C VAL C 53 25.05 27.33 -15.42
N VAL C 54 24.54 27.58 -16.63
CA VAL C 54 25.25 28.25 -17.77
C VAL C 54 24.41 29.46 -18.24
N ILE C 55 25.00 30.66 -18.26
CA ILE C 55 24.32 31.96 -18.57
C ILE C 55 24.83 32.48 -19.92
N LEU C 56 24.04 32.27 -20.98
CA LEU C 56 24.31 32.81 -22.33
C LEU C 56 23.93 34.29 -22.36
N SER C 57 24.87 35.13 -22.79
CA SER C 57 24.68 36.58 -23.05
C SER C 57 24.92 36.85 -24.54
N GLY C 58 24.83 38.12 -24.94
CA GLY C 58 24.97 38.60 -26.33
C GLY C 58 23.62 39.08 -26.86
N ASN C 59 23.64 40.09 -27.73
CA ASN C 59 22.40 40.73 -28.28
C ASN C 59 21.66 39.70 -29.16
N LEU C 60 20.46 40.05 -29.63
CA LEU C 60 19.60 39.22 -30.54
C LEU C 60 20.41 38.78 -31.76
N GLY C 61 20.29 37.50 -32.12
CA GLY C 61 20.88 36.90 -33.33
C GLY C 61 22.37 36.65 -33.20
N ALA C 62 22.91 36.71 -31.98
CA ALA C 62 24.34 36.52 -31.72
C ALA C 62 24.73 35.05 -31.91
N GLY C 63 23.83 34.11 -31.60
CA GLY C 63 24.08 32.66 -31.68
C GLY C 63 23.92 31.94 -30.34
N LYS C 64 23.16 32.52 -29.40
CA LYS C 64 22.90 31.94 -28.06
C LYS C 64 22.22 30.59 -28.28
N THR C 65 20.99 30.61 -28.82
CA THR C 65 20.23 29.39 -29.19
C THR C 65 21.19 28.43 -29.90
N THR C 66 21.90 28.94 -30.92
CA THR C 66 22.80 28.16 -31.80
C THR C 66 23.83 27.43 -30.92
N PHE C 67 24.45 28.14 -29.98
CA PHE C 67 25.37 27.57 -28.97
C PHE C 67 24.71 26.39 -28.24
N VAL C 68 23.42 26.48 -27.92
CA VAL C 68 22.69 25.43 -27.13
C VAL C 68 22.71 24.13 -27.93
N LYS C 69 22.74 24.22 -29.26
CA LYS C 69 22.81 23.06 -30.20
C LYS C 69 24.13 22.31 -30.03
N GLY C 70 25.23 23.03 -29.78
CA GLY C 70 26.53 22.41 -29.47
C GLY C 70 26.43 21.51 -28.25
N MET C 71 25.67 21.95 -27.24
CA MET C 71 25.56 21.33 -25.89
C MET C 71 24.75 20.04 -25.97
N ILE C 72 23.74 20.01 -26.85
CA ILE C 72 22.74 18.91 -26.94
C ILE C 72 23.39 17.66 -27.57
N ARG C 73 24.62 17.80 -28.07
CA ARG C 73 25.43 16.67 -28.58
C ARG C 73 25.89 15.83 -27.39
N ALA C 74 26.44 16.50 -26.36
CA ALA C 74 26.99 15.87 -25.13
C ALA C 74 26.00 14.89 -24.48
N ILE C 75 24.69 15.16 -24.53
CA ILE C 75 23.66 14.32 -23.83
C ILE C 75 23.09 13.27 -24.81
N GLY C 76 23.49 13.30 -26.09
CA GLY C 76 23.24 12.21 -27.06
C GLY C 76 21.93 12.38 -27.81
N LEU C 77 21.60 13.63 -28.14
CA LEU C 77 20.46 13.98 -29.02
C LEU C 77 21.05 14.72 -30.25
N ASP C 78 20.32 14.76 -31.38
CA ASP C 78 20.64 15.68 -32.50
C ASP C 78 19.90 16.99 -32.23
N GLU C 79 20.34 18.08 -32.86
CA GLU C 79 20.05 19.46 -32.42
C GLU C 79 18.67 19.90 -32.91
N LYS C 80 18.06 19.10 -33.80
CA LYS C 80 16.83 19.41 -34.57
C LYS C 80 15.67 19.77 -33.64
N MET C 81 15.83 19.51 -32.33
CA MET C 81 14.81 19.75 -31.28
C MET C 81 15.20 20.95 -30.42
N VAL C 82 16.45 21.42 -30.49
CA VAL C 82 16.85 22.75 -29.92
C VAL C 82 16.08 23.79 -30.73
N LYS C 83 15.27 24.64 -30.09
CA LYS C 83 14.51 25.71 -30.77
C LYS C 83 14.34 26.90 -29.81
N SER C 84 14.37 28.12 -30.34
CA SER C 84 14.31 29.35 -29.50
C SER C 84 13.15 29.19 -28.55
N PRO C 85 13.41 29.10 -27.22
CA PRO C 85 12.39 28.76 -26.25
C PRO C 85 11.70 29.99 -25.68
N THR C 86 11.54 31.06 -26.47
CA THR C 86 11.30 32.42 -25.96
C THR C 86 9.89 32.52 -25.39
N PHE C 87 8.91 31.76 -25.92
CA PHE C 87 7.48 31.76 -25.51
C PHE C 87 7.15 30.54 -24.64
N THR C 88 7.91 29.46 -24.80
CA THR C 88 7.84 28.21 -23.99
C THR C 88 8.48 28.44 -22.60
N LEU C 89 9.52 29.30 -22.56
CA LEU C 89 10.31 29.80 -21.38
C LEU C 89 11.38 28.76 -21.00
N MET C 90 10.98 27.49 -21.02
CA MET C 90 11.78 26.31 -20.61
C MET C 90 11.42 25.15 -21.54
N ASN C 91 12.16 24.99 -22.65
CA ASN C 91 12.29 23.71 -23.40
C ASN C 91 13.20 22.81 -22.54
N VAL C 92 12.86 21.53 -22.42
CA VAL C 92 13.49 20.60 -21.44
C VAL C 92 13.90 19.33 -22.18
N TYR C 93 15.21 19.13 -22.38
CA TYR C 93 15.78 18.09 -23.28
C TYR C 93 16.38 16.96 -22.45
N PRO C 94 15.76 15.75 -22.44
CA PRO C 94 16.30 14.59 -21.71
C PRO C 94 17.36 13.75 -22.44
N GLY C 95 18.45 13.38 -21.77
CA GLY C 95 19.53 12.54 -22.35
C GLY C 95 20.40 11.90 -21.28
N LEU C 96 21.72 11.83 -21.52
CA LEU C 96 22.76 11.33 -20.56
C LEU C 96 22.68 12.17 -19.28
N LYS C 97 22.61 13.50 -19.42
CA LYS C 97 22.05 14.44 -18.42
C LYS C 97 20.80 15.07 -19.06
N THR C 98 19.74 15.32 -18.29
CA THR C 98 18.55 16.08 -18.75
C THR C 98 18.98 17.55 -18.79
N ILE C 99 19.06 18.14 -19.99
CA ILE C 99 19.47 19.56 -20.19
C ILE C 99 18.21 20.42 -20.09
N TYR C 100 18.32 21.56 -19.42
CA TYR C 100 17.23 22.55 -19.16
C TYR C 100 17.53 23.83 -19.95
N HIS C 101 16.58 24.28 -20.78
CA HIS C 101 16.80 25.38 -21.77
C HIS C 101 15.77 26.50 -21.51
N LEU C 102 16.25 27.71 -21.20
CA LEU C 102 15.40 28.87 -20.79
C LEU C 102 15.80 30.13 -21.58
N ASP C 103 14.83 30.83 -22.19
CA ASP C 103 14.99 32.21 -22.75
C ASP C 103 14.11 33.13 -21.91
N LEU C 104 14.75 34.06 -21.19
CA LEU C 104 14.10 35.02 -20.26
C LEU C 104 14.03 36.43 -20.89
N TYR C 105 14.22 36.50 -22.22
CA TYR C 105 13.83 37.63 -23.09
C TYR C 105 12.47 38.19 -22.67
N ARG C 106 11.47 37.32 -22.55
CA ARG C 106 10.05 37.73 -22.63
C ARG C 106 9.38 37.63 -21.24
N LEU C 107 10.15 37.70 -20.16
CA LEU C 107 9.66 37.42 -18.78
C LEU C 107 9.10 38.71 -18.13
N GLN C 108 8.00 38.60 -17.36
CA GLN C 108 7.41 39.69 -16.51
C GLN C 108 7.35 39.27 -15.03
N ASP C 109 6.55 38.23 -14.73
CA ASP C 109 6.37 37.64 -13.38
C ASP C 109 7.72 37.05 -12.96
N THR C 110 8.37 37.63 -11.94
CA THR C 110 9.63 37.09 -11.37
C THR C 110 9.31 35.96 -10.39
N ASP C 111 8.03 35.68 -10.12
CA ASP C 111 7.57 34.52 -9.31
C ASP C 111 7.87 33.20 -10.05
N PHE C 112 8.31 33.27 -11.31
CA PHE C 112 8.68 32.08 -12.15
C PHE C 112 10.11 31.64 -11.78
N LEU C 113 10.89 32.54 -11.18
CA LEU C 113 12.25 32.25 -10.68
C LEU C 113 12.19 31.91 -9.19
N SER C 114 11.50 32.76 -8.40
CA SER C 114 11.13 32.46 -7.00
C SER C 114 10.83 30.98 -6.94
N LEU C 115 9.77 30.56 -7.64
CA LEU C 115 9.19 29.21 -7.57
C LEU C 115 9.90 28.31 -8.60
N ASP C 116 9.52 28.45 -9.87
CA ASP C 116 9.60 27.40 -10.92
C ASP C 116 11.06 27.05 -11.23
N VAL C 117 11.89 28.03 -11.58
CA VAL C 117 13.33 27.82 -11.91
C VAL C 117 14.09 27.37 -10.64
N GLU C 118 13.69 27.87 -9.45
CA GLU C 118 14.31 27.47 -8.15
C GLU C 118 14.15 25.95 -7.99
N ASP C 119 12.94 25.43 -8.19
CA ASP C 119 12.61 24.00 -7.96
C ASP C 119 13.32 23.09 -8.97
N ILE C 120 14.12 23.66 -9.88
CA ILE C 120 14.98 22.89 -10.82
C ILE C 120 16.41 22.90 -10.27
N LEU C 121 16.82 24.00 -9.65
CA LEU C 121 18.14 24.12 -8.96
C LEU C 121 18.29 23.06 -7.86
N GLU C 122 17.17 22.59 -7.27
CA GLU C 122 17.12 21.47 -6.27
C GLU C 122 17.72 20.19 -6.89
N ASP C 123 17.62 19.98 -8.21
CA ASP C 123 18.10 18.77 -8.95
C ASP C 123 19.61 18.86 -9.21
N GLU C 124 20.43 18.16 -8.42
CA GLU C 124 21.92 18.30 -8.42
C GLU C 124 22.56 17.34 -9.44
N ASP C 125 21.76 16.74 -10.32
CA ASP C 125 22.23 15.68 -11.27
C ASP C 125 22.24 16.24 -12.71
N GLY C 126 21.49 17.33 -12.99
CA GLY C 126 21.23 17.84 -14.35
C GLY C 126 21.89 19.19 -14.63
N ILE C 127 21.73 19.69 -15.86
CA ILE C 127 22.45 20.91 -16.38
C ILE C 127 21.43 21.98 -16.81
N MET C 128 21.55 23.18 -16.23
CA MET C 128 20.73 24.38 -16.56
C MET C 128 21.50 25.30 -17.53
N VAL C 129 20.80 25.85 -18.53
CA VAL C 129 21.34 26.80 -19.55
C VAL C 129 20.24 27.82 -19.92
N VAL C 130 20.63 29.09 -20.04
CA VAL C 130 19.73 30.28 -19.96
C VAL C 130 20.17 31.33 -20.98
N GLU C 131 19.47 31.40 -22.13
CA GLU C 131 19.49 32.61 -23.01
C GLU C 131 19.02 33.81 -22.16
N TRP C 132 19.72 34.95 -22.25
CA TRP C 132 19.34 36.20 -21.56
C TRP C 132 19.29 35.99 -20.03
N GLY C 133 20.29 35.32 -19.46
CA GLY C 133 20.42 35.17 -18.00
C GLY C 133 20.89 36.44 -17.33
N ASP C 134 21.87 37.12 -17.93
CA ASP C 134 22.42 38.42 -17.47
C ASP C 134 21.29 39.41 -17.18
N LEU C 135 20.06 39.17 -17.66
CA LEU C 135 18.86 40.07 -17.48
C LEU C 135 18.49 40.19 -16.01
N PHE C 136 18.62 39.09 -15.26
CA PHE C 136 18.19 38.98 -13.84
C PHE C 136 19.41 38.69 -12.95
N ASP C 137 20.61 38.69 -13.54
CA ASP C 137 21.92 38.52 -12.85
C ASP C 137 21.72 38.75 -11.35
N GLY C 138 22.33 37.88 -10.53
CA GLY C 138 22.32 37.98 -9.05
C GLY C 138 21.22 37.16 -8.40
N PHE C 139 20.26 36.64 -9.17
CA PHE C 139 19.32 35.58 -8.70
C PHE C 139 19.97 34.22 -8.95
N TRP C 140 20.85 34.11 -9.95
CA TRP C 140 21.61 32.86 -10.24
C TRP C 140 22.71 32.69 -9.19
N PRO C 141 23.09 31.45 -8.80
CA PRO C 141 24.09 31.24 -7.76
C PRO C 141 25.50 31.64 -8.24
N GLU C 142 26.37 32.02 -7.29
CA GLU C 142 27.77 32.49 -7.51
C GLU C 142 28.57 31.48 -8.36
N ASP C 143 28.32 30.17 -8.21
CA ASP C 143 29.10 29.09 -8.86
C ASP C 143 28.64 28.95 -10.32
N SER C 144 28.00 29.98 -10.90
CA SER C 144 27.38 29.99 -12.26
C SER C 144 28.41 30.36 -13.34
N ILE C 145 28.45 29.57 -14.42
CA ILE C 145 29.29 29.72 -15.65
C ILE C 145 28.64 30.77 -16.55
N LYS C 146 29.41 31.65 -17.20
CA LYS C 146 28.85 32.65 -18.17
C LYS C 146 29.42 32.32 -19.56
N VAL C 147 28.67 32.59 -20.63
CA VAL C 147 29.10 32.38 -22.05
C VAL C 147 28.62 33.55 -22.91
N LYS C 148 29.32 34.69 -22.86
CA LYS C 148 29.02 35.85 -23.72
C LYS C 148 29.27 35.44 -25.18
N ILE C 149 28.32 35.75 -26.07
CA ILE C 149 28.44 35.48 -27.53
C ILE C 149 28.42 36.82 -28.29
N GLU C 150 29.60 37.38 -28.54
CA GLU C 150 29.83 38.57 -29.40
C GLU C 150 29.80 38.06 -30.84
N ILE C 151 29.95 38.95 -31.82
CA ILE C 151 29.62 38.66 -33.25
C ILE C 151 30.62 39.43 -34.12
N ALA C 152 31.19 38.82 -35.18
CA ALA C 152 32.35 39.38 -35.92
C ALA C 152 32.10 39.43 -37.45
N ASP C 153 32.28 38.31 -38.15
CA ASP C 153 31.86 38.10 -39.56
C ASP C 153 30.36 37.76 -39.52
N GLU C 154 29.65 37.81 -40.65
CA GLU C 154 28.26 37.31 -40.76
C GLU C 154 28.25 35.79 -40.60
N SER C 155 29.44 35.18 -40.47
CA SER C 155 29.69 33.72 -40.36
C SER C 155 30.57 33.35 -39.14
N HIS C 156 31.39 34.27 -38.64
CA HIS C 156 32.44 34.02 -37.62
C HIS C 156 32.09 34.84 -36.37
N ARG C 157 32.21 34.26 -35.17
CA ARG C 157 31.85 34.89 -33.87
C ARG C 157 32.98 34.69 -32.84
N ASN C 158 33.12 35.66 -31.92
CA ASN C 158 34.01 35.65 -30.72
C ASN C 158 33.17 35.25 -29.50
N VAL C 159 33.71 34.43 -28.58
CA VAL C 159 32.96 33.97 -27.35
C VAL C 159 33.86 33.92 -26.11
N GLU C 160 33.41 34.54 -25.02
CA GLU C 160 34.17 34.67 -23.75
C GLU C 160 33.50 33.83 -22.66
N ILE C 161 33.95 32.58 -22.49
CA ILE C 161 33.55 31.67 -21.36
C ILE C 161 34.17 32.22 -20.08
N LEU C 162 33.38 32.23 -19.00
CA LEU C 162 33.82 32.61 -17.63
C LEU C 162 33.66 31.40 -16.73
N ILE C 163 34.31 31.43 -15.57
CA ILE C 163 34.38 30.34 -14.56
C ILE C 163 34.84 31.00 -13.26
N PRO C 164 34.06 30.96 -12.17
CA PRO C 164 34.43 31.62 -10.92
C PRO C 164 35.67 30.94 -10.32
N GLU C 165 35.98 31.21 -9.04
CA GLU C 165 36.97 30.38 -8.29
C GLU C 165 36.29 29.05 -7.92
N GLU C 166 34.97 29.06 -7.71
CA GLU C 166 34.15 27.86 -7.38
C GLU C 166 34.41 26.72 -8.37
N VAL C 167 34.59 27.01 -9.67
CA VAL C 167 34.89 26.00 -10.74
C VAL C 167 36.38 26.11 -11.10
N ASN C 168 36.97 25.04 -11.63
CA ASN C 168 38.41 25.02 -11.93
C ASN C 168 38.66 24.20 -13.18
N PHE C 169 38.58 22.88 -13.06
CA PHE C 169 39.25 21.89 -13.94
C PHE C 169 39.09 22.25 -15.43
N LEU C 170 38.00 22.96 -15.79
CA LEU C 170 37.59 23.31 -17.17
C LEU C 170 38.62 24.21 -17.86
N VAL C 171 38.97 25.35 -17.25
CA VAL C 171 39.91 26.39 -17.79
C VAL C 171 41.15 25.69 -18.39
N GLU C 172 41.50 24.49 -17.90
CA GLU C 172 42.53 23.58 -18.45
C GLU C 172 41.99 22.87 -19.71
N LYS C 173 40.85 22.16 -19.57
CA LYS C 173 40.19 21.33 -20.62
C LYS C 173 39.77 22.18 -21.82
N ILE C 174 39.21 23.36 -21.55
CA ILE C 174 38.84 24.36 -22.60
C ILE C 174 40.11 24.68 -23.39
N GLU C 175 41.02 25.50 -22.83
CA GLU C 175 42.23 26.05 -23.52
C GLU C 175 42.99 24.92 -24.25
N ARG C 176 42.70 23.66 -23.90
CA ARG C 176 43.17 22.41 -24.58
C ARG C 176 42.58 22.31 -25.99
N TYR C 177 41.26 22.10 -26.11
CA TYR C 177 40.57 21.90 -27.41
C TYR C 177 40.89 23.06 -28.35
N ARG C 178 40.98 24.30 -27.85
CA ARG C 178 41.32 25.52 -28.64
C ARG C 178 42.26 25.14 -29.79
N LYS C 179 43.27 24.33 -29.48
CA LYS C 179 44.28 23.79 -30.43
C LYS C 179 43.62 23.00 -31.55
N GLU C 180 42.90 21.93 -31.19
CA GLU C 180 42.53 20.77 -32.05
C GLU C 180 41.97 21.26 -33.39
N LEU C 181 41.04 22.20 -33.35
CA LEU C 181 40.27 22.64 -34.56
C LEU C 181 40.24 24.18 -34.65
N GLN C 182 41.33 24.84 -34.20
CA GLN C 182 41.63 26.27 -34.50
C GLN C 182 42.96 26.38 -35.28
N ASN C 183 43.71 25.28 -35.42
CA ASN C 183 44.92 25.15 -36.29
C ASN C 183 44.60 24.29 -37.53
N THR C 184 43.31 24.15 -37.87
CA THR C 184 42.83 23.43 -39.08
C THR C 184 41.77 24.29 -39.80
N MET D 1 15.35 -5.35 -9.52
CA MET D 1 14.95 -6.66 -8.93
C MET D 1 13.44 -6.66 -8.65
N ASN D 2 12.83 -7.85 -8.56
CA ASN D 2 11.48 -8.05 -7.97
C ASN D 2 11.61 -8.67 -6.56
N VAL D 3 11.17 -7.93 -5.55
CA VAL D 3 11.33 -8.33 -4.13
C VAL D 3 9.98 -8.14 -3.43
N LEU D 4 9.62 -9.15 -2.63
CA LEU D 4 8.53 -9.09 -1.65
C LEU D 4 9.10 -9.34 -0.24
N ALA D 5 9.28 -8.30 0.55
CA ALA D 5 9.44 -8.46 2.00
C ALA D 5 8.08 -8.29 2.69
N LEU D 6 7.75 -9.15 3.65
CA LEU D 6 6.79 -8.75 4.71
C LEU D 6 7.33 -9.02 6.14
N ASP D 7 6.71 -8.37 7.13
CA ASP D 7 6.91 -8.63 8.58
C ASP D 7 5.55 -8.49 9.26
N THR D 8 5.04 -9.61 9.76
CA THR D 8 3.74 -9.71 10.47
C THR D 8 4.00 -9.94 11.95
N SER D 9 5.19 -9.49 12.40
CA SER D 9 5.69 -9.59 13.78
C SER D 9 4.65 -8.93 14.71
N GLN D 10 4.49 -7.63 14.57
CA GLN D 10 3.43 -6.85 15.26
C GLN D 10 2.26 -6.66 14.28
N ARG D 11 1.98 -5.41 13.91
CA ARG D 11 1.01 -5.10 12.82
C ARG D 11 1.75 -5.33 11.49
N ILE D 12 0.94 -5.46 10.43
CA ILE D 12 1.27 -5.98 9.07
C ILE D 12 2.04 -4.92 8.30
N ARG D 13 3.14 -5.34 7.67
CA ARG D 13 4.14 -4.44 7.01
C ARG D 13 4.62 -5.17 5.75
N ILE D 14 4.43 -4.59 4.57
CA ILE D 14 4.70 -5.27 3.26
C ILE D 14 5.34 -4.31 2.28
N GLY D 15 6.50 -4.72 1.78
CA GLY D 15 7.30 -3.97 0.81
C GLY D 15 7.36 -4.73 -0.49
N LEU D 16 7.41 -4.03 -1.61
CA LEU D 16 7.37 -4.66 -2.96
C LEU D 16 8.17 -3.80 -3.95
N ARG D 17 9.31 -4.30 -4.38
CA ARG D 17 10.05 -3.65 -5.48
C ARG D 17 9.62 -4.36 -6.77
N LYS D 18 9.20 -3.59 -7.78
CA LYS D 18 9.28 -4.02 -9.20
C LYS D 18 10.36 -3.18 -9.88
N GLY D 19 11.51 -3.78 -10.11
CA GLY D 19 12.66 -3.17 -10.78
C GLY D 19 13.07 -1.87 -10.13
N GLU D 20 12.51 -0.74 -10.59
CA GLU D 20 12.87 0.63 -10.14
C GLU D 20 11.58 1.27 -9.60
N ASP D 21 10.80 0.51 -8.85
CA ASP D 21 9.54 0.97 -8.18
C ASP D 21 9.47 0.33 -6.81
N LEU D 22 9.23 1.12 -5.78
CA LEU D 22 9.11 0.62 -4.39
C LEU D 22 7.75 1.01 -3.86
N PHE D 23 6.91 0.02 -3.60
CA PHE D 23 5.61 0.21 -2.93
C PHE D 23 5.76 -0.29 -1.50
N GLU D 24 5.20 0.42 -0.53
CA GLU D 24 5.11 -0.08 0.86
C GLU D 24 3.64 -0.04 1.25
N ILE D 25 3.12 -1.10 1.85
CA ILE D 25 1.74 -1.06 2.38
C ILE D 25 1.67 -1.77 3.74
N SER D 26 0.94 -1.15 4.67
CA SER D 26 0.78 -1.56 6.09
C SER D 26 -0.67 -1.41 6.48
N TYR D 27 -1.22 -2.42 7.12
CA TYR D 27 -2.60 -2.38 7.65
C TYR D 27 -2.56 -2.50 9.17
N THR D 28 -3.30 -1.59 9.78
CA THR D 28 -3.44 -1.46 11.23
C THR D 28 -4.93 -1.33 11.50
N GLY D 29 -5.57 -2.38 12.04
CA GLY D 29 -7.03 -2.41 12.25
C GLY D 29 -7.53 -3.68 12.93
N GLU D 30 -8.86 -3.80 13.07
CA GLU D 30 -9.53 -4.88 13.84
C GLU D 30 -9.20 -6.26 13.24
N LYS D 31 -9.10 -6.39 11.91
CA LYS D 31 -9.04 -7.69 11.20
C LYS D 31 -7.78 -8.48 11.56
N LYS D 32 -7.95 -9.79 11.80
CA LYS D 32 -6.84 -10.72 12.12
C LYS D 32 -5.84 -10.77 10.94
N HIS D 33 -4.62 -11.26 11.16
CA HIS D 33 -3.61 -11.50 10.09
C HIS D 33 -4.17 -12.34 8.95
N ALA D 34 -4.70 -13.53 9.21
CA ALA D 34 -5.07 -14.47 8.14
C ALA D 34 -6.27 -13.87 7.41
N GLU D 35 -6.94 -12.88 8.01
CA GLU D 35 -8.17 -12.31 7.37
C GLU D 35 -7.72 -11.40 6.22
N ILE D 36 -6.47 -10.93 6.21
CA ILE D 36 -6.11 -9.67 5.48
C ILE D 36 -4.72 -9.74 4.83
N LEU D 37 -3.76 -10.48 5.38
CA LEU D 37 -2.39 -10.47 4.82
C LEU D 37 -2.47 -10.97 3.38
N PRO D 38 -3.01 -12.19 3.18
CA PRO D 38 -2.92 -12.86 1.89
C PRO D 38 -3.61 -12.02 0.80
N VAL D 39 -4.85 -11.60 1.12
CA VAL D 39 -5.72 -10.67 0.34
C VAL D 39 -4.84 -9.58 -0.26
N VAL D 40 -4.22 -8.79 0.60
CA VAL D 40 -3.34 -7.66 0.18
C VAL D 40 -2.24 -8.18 -0.73
N VAL D 41 -1.56 -9.26 -0.37
CA VAL D 41 -0.44 -9.76 -1.21
C VAL D 41 -0.98 -9.91 -2.62
N LYS D 42 -2.15 -10.57 -2.75
CA LYS D 42 -2.80 -10.92 -4.05
C LYS D 42 -3.03 -9.61 -4.78
N LYS D 43 -3.77 -8.70 -4.14
CA LYS D 43 -4.17 -7.39 -4.71
C LYS D 43 -2.93 -6.61 -5.12
N LEU D 44 -1.93 -6.52 -4.28
CA LEU D 44 -0.73 -5.72 -4.58
C LEU D 44 0.04 -6.29 -5.79
N LEU D 45 0.19 -7.62 -5.88
CA LEU D 45 0.79 -8.33 -7.04
C LEU D 45 -0.06 -8.04 -8.28
N ASP D 46 -1.35 -8.34 -8.19
CA ASP D 46 -2.35 -8.19 -9.28
C ASP D 46 -2.39 -6.73 -9.74
N GLU D 47 -1.57 -5.84 -9.20
CA GLU D 47 -1.66 -4.38 -9.48
C GLU D 47 -0.37 -3.90 -10.12
N LEU D 48 0.76 -4.30 -9.56
CA LEU D 48 2.08 -4.15 -10.22
C LEU D 48 2.12 -5.14 -11.39
N ASP D 49 1.06 -5.92 -11.51
CA ASP D 49 0.85 -6.83 -12.67
C ASP D 49 2.06 -7.76 -12.80
N LEU D 50 2.61 -8.21 -11.68
CA LEU D 50 3.59 -9.34 -11.70
C LEU D 50 3.11 -10.49 -10.81
N LYS D 51 3.43 -11.72 -11.23
CA LYS D 51 3.15 -13.03 -10.58
C LYS D 51 4.34 -13.40 -9.66
N VAL D 52 4.19 -14.42 -8.83
CA VAL D 52 5.16 -14.79 -7.75
C VAL D 52 6.44 -15.39 -8.37
N LYS D 53 6.34 -16.12 -9.50
CA LYS D 53 7.52 -16.79 -10.12
C LYS D 53 8.42 -15.73 -10.75
N ASP D 54 7.90 -14.50 -10.88
CA ASP D 54 8.64 -13.28 -11.31
C ASP D 54 9.52 -12.74 -10.18
N LEU D 55 9.23 -13.08 -8.91
CA LEU D 55 9.98 -12.54 -7.74
C LEU D 55 11.37 -13.20 -7.66
N ASP D 56 12.39 -12.39 -7.40
CA ASP D 56 13.83 -12.78 -7.35
C ASP D 56 14.21 -13.19 -5.92
N VAL D 57 13.47 -12.75 -4.91
CA VAL D 57 13.71 -13.12 -3.48
C VAL D 57 12.55 -12.57 -2.65
N VAL D 58 12.20 -13.25 -1.55
CA VAL D 58 11.06 -12.87 -0.65
C VAL D 58 11.58 -12.82 0.79
N GLY D 59 11.52 -11.63 1.38
CA GLY D 59 11.78 -11.38 2.80
C GLY D 59 10.65 -11.86 3.69
N VAL D 60 10.97 -12.22 4.94
CA VAL D 60 9.94 -12.55 5.95
C VAL D 60 10.50 -12.19 7.33
N GLY D 61 9.74 -11.35 8.04
CA GLY D 61 9.84 -11.14 9.50
C GLY D 61 9.61 -12.47 10.16
N ILE D 62 10.68 -13.02 10.74
CA ILE D 62 10.72 -14.31 11.48
C ILE D 62 10.95 -14.05 12.97
N GLY D 63 11.56 -12.89 13.28
CA GLY D 63 12.20 -12.53 14.56
C GLY D 63 11.18 -12.14 15.62
N PRO D 64 11.58 -11.63 16.79
CA PRO D 64 10.77 -11.83 17.98
C PRO D 64 9.47 -11.03 17.89
N GLY D 65 8.33 -11.70 18.17
CA GLY D 65 7.01 -11.04 18.29
C GLY D 65 5.83 -12.00 18.38
N GLY D 66 4.62 -11.45 18.18
CA GLY D 66 3.30 -12.10 18.33
C GLY D 66 3.17 -13.39 17.55
N LEU D 67 2.76 -14.45 18.22
CA LEU D 67 2.98 -15.83 17.71
C LEU D 67 2.06 -16.06 16.51
N THR D 68 0.75 -15.93 16.71
CA THR D 68 -0.33 -16.14 15.71
C THR D 68 -0.02 -15.31 14.43
N GLY D 69 0.50 -14.09 14.58
CA GLY D 69 1.03 -13.24 13.50
C GLY D 69 2.18 -13.91 12.75
N LEU D 70 3.29 -14.21 13.42
CA LEU D 70 4.45 -14.84 12.77
C LEU D 70 4.01 -16.17 12.15
N ARG D 71 3.22 -16.97 12.86
CA ARG D 71 2.91 -18.32 12.35
C ARG D 71 2.26 -18.13 10.99
N VAL D 72 1.45 -17.08 10.83
CA VAL D 72 0.70 -16.72 9.58
C VAL D 72 1.65 -16.17 8.51
N GLY D 73 2.49 -15.22 8.91
CA GLY D 73 3.47 -14.57 8.03
C GLY D 73 4.40 -15.58 7.38
N ILE D 74 4.92 -16.49 8.18
CA ILE D 74 5.92 -17.47 7.70
C ILE D 74 5.19 -18.48 6.82
N ALA D 75 4.05 -18.97 7.30
CA ALA D 75 3.20 -19.90 6.54
C ALA D 75 2.88 -19.27 5.18
N THR D 76 2.35 -18.03 5.08
CA THR D 76 1.90 -17.53 3.74
C THR D 76 3.12 -17.40 2.82
N VAL D 77 4.26 -16.98 3.37
CA VAL D 77 5.53 -16.96 2.59
C VAL D 77 5.84 -18.37 2.08
N VAL D 78 5.72 -19.40 2.90
CA VAL D 78 6.02 -20.80 2.47
C VAL D 78 5.07 -21.15 1.33
N GLY D 79 3.78 -20.89 1.51
CA GLY D 79 2.78 -21.07 0.44
C GLY D 79 3.23 -20.46 -0.89
N LEU D 80 3.73 -19.22 -0.85
CA LEU D 80 4.01 -18.43 -2.07
C LEU D 80 5.23 -19.00 -2.78
N VAL D 81 6.34 -19.16 -2.09
CA VAL D 81 7.67 -19.41 -2.72
C VAL D 81 7.84 -20.91 -3.00
N SER D 82 7.06 -21.81 -2.37
CA SER D 82 7.38 -23.26 -2.32
C SER D 82 7.37 -23.84 -3.74
N PRO D 83 6.33 -23.57 -4.57
CA PRO D 83 6.27 -24.08 -5.93
C PRO D 83 7.54 -23.87 -6.76
N TYR D 84 8.24 -22.78 -6.55
CA TYR D 84 9.40 -22.37 -7.39
C TYR D 84 10.69 -22.19 -6.59
N ASP D 85 10.90 -22.89 -5.46
CA ASP D 85 12.04 -22.71 -4.53
C ASP D 85 12.64 -21.29 -4.62
N ILE D 86 11.81 -20.24 -4.46
CA ILE D 86 12.28 -18.80 -4.48
C ILE D 86 13.15 -18.58 -3.25
N PRO D 87 14.26 -17.86 -3.39
CA PRO D 87 15.14 -17.62 -2.24
C PRO D 87 14.43 -16.79 -1.17
N VAL D 88 14.54 -17.18 0.11
CA VAL D 88 13.90 -16.44 1.25
C VAL D 88 14.97 -15.65 2.02
N ALA D 89 14.66 -14.41 2.38
CA ALA D 89 15.48 -13.56 3.25
C ALA D 89 14.87 -13.57 4.65
N PRO D 90 15.41 -14.35 5.62
CA PRO D 90 14.94 -14.29 7.02
C PRO D 90 15.33 -12.90 7.54
N LEU D 91 14.37 -12.14 8.04
CA LEU D 91 14.57 -10.78 8.60
C LEU D 91 14.28 -10.77 10.12
N ASN D 92 15.26 -10.36 10.94
CA ASN D 92 15.12 -10.27 12.42
C ASN D 92 14.24 -9.06 12.78
N SER D 93 13.03 -9.31 13.28
CA SER D 93 11.97 -8.28 13.44
C SER D 93 12.51 -7.13 14.32
N PHE D 94 13.34 -7.44 15.32
CA PHE D 94 13.96 -6.41 16.17
C PHE D 94 14.97 -5.66 15.30
N GLU D 95 16.03 -6.34 14.83
CA GLU D 95 17.01 -5.74 13.87
C GLU D 95 16.26 -4.87 12.85
N MET D 96 15.10 -5.29 12.33
CA MET D 96 14.32 -4.46 11.36
C MET D 96 13.88 -3.17 12.07
N THR D 97 13.05 -3.30 13.11
CA THR D 97 12.47 -2.18 13.89
C THR D 97 13.53 -1.08 14.10
N ALA D 98 14.76 -1.49 14.37
CA ALA D 98 15.93 -0.64 14.70
C ALA D 98 16.43 0.10 13.46
N LYS D 99 16.49 -0.55 12.30
CA LYS D 99 16.95 0.05 11.01
C LYS D 99 15.86 0.99 10.47
N SER D 100 14.62 0.73 10.87
CA SER D 100 13.40 1.54 10.59
C SER D 100 13.35 2.80 11.47
N CYS D 101 14.18 2.90 12.50
CA CYS D 101 14.36 4.20 13.20
C CYS D 101 15.38 5.00 12.40
N PRO D 102 15.17 6.30 12.18
CA PRO D 102 16.11 7.07 11.41
C PRO D 102 17.03 7.78 12.39
N ALA D 103 18.23 7.25 12.69
CA ALA D 103 19.10 7.77 13.79
C ALA D 103 20.49 7.11 13.83
N ASP D 104 21.25 7.49 14.87
CA ASP D 104 22.70 7.22 15.04
C ASP D 104 22.93 6.86 16.52
N GLY D 105 23.58 5.71 16.78
CA GLY D 105 24.12 5.36 18.11
C GLY D 105 23.38 4.20 18.75
N VAL D 106 23.00 4.33 20.04
CA VAL D 106 22.63 3.20 20.94
C VAL D 106 21.09 3.04 20.96
N VAL D 107 20.60 1.86 20.54
CA VAL D 107 19.15 1.53 20.39
C VAL D 107 18.78 0.34 21.28
N LEU D 108 17.72 0.50 22.09
CA LEU D 108 17.06 -0.62 22.78
C LEU D 108 15.71 -0.86 22.10
N VAL D 109 15.49 -2.08 21.64
CA VAL D 109 14.20 -2.55 21.12
C VAL D 109 13.62 -3.46 22.19
N ALA D 110 12.38 -3.21 22.60
CA ALA D 110 11.68 -3.98 23.67
C ALA D 110 10.20 -4.17 23.30
N ARG D 111 9.65 -5.33 23.64
CA ARG D 111 8.22 -5.71 23.46
C ARG D 111 7.79 -6.49 24.71
N ARG D 112 6.73 -6.06 25.40
CA ARG D 112 6.31 -6.68 26.69
C ARG D 112 5.71 -8.07 26.43
N ALA D 113 6.41 -9.14 26.79
CA ALA D 113 5.89 -10.53 26.83
C ALA D 113 5.02 -10.72 28.07
N ARG D 114 4.89 -11.97 28.51
CA ARG D 114 4.12 -12.39 29.70
C ARG D 114 4.16 -11.32 30.81
N LYS D 115 3.14 -11.40 31.68
CA LYS D 115 3.00 -10.95 33.10
C LYS D 115 4.07 -9.96 33.58
N GLY D 116 5.36 -10.27 33.52
CA GLY D 116 6.39 -9.40 34.14
C GLY D 116 7.78 -9.58 33.55
N TYR D 117 7.85 -9.75 32.23
CA TYR D 117 9.11 -9.92 31.46
C TYR D 117 8.99 -9.17 30.14
N HIS D 118 10.11 -8.91 29.49
CA HIS D 118 10.16 -8.34 28.12
C HIS D 118 11.00 -9.23 27.23
N TYR D 119 10.67 -9.26 25.93
CA TYR D 119 11.66 -9.54 24.85
C TYR D 119 12.50 -8.26 24.69
N CYS D 120 13.84 -8.36 24.61
CA CYS D 120 14.72 -7.18 24.52
C CYS D 120 16.06 -7.50 23.86
N ALA D 121 16.55 -6.54 23.06
CA ALA D 121 17.92 -6.48 22.50
C ALA D 121 18.37 -5.02 22.42
N VAL D 122 19.67 -4.81 22.25
CA VAL D 122 20.34 -3.46 22.28
C VAL D 122 21.31 -3.42 21.09
N TYR D 123 21.30 -2.30 20.33
CA TYR D 123 21.89 -2.19 18.97
C TYR D 123 22.75 -0.91 18.88
N LEU D 124 24.03 -1.05 18.48
CA LEU D 124 24.88 0.09 18.06
C LEU D 124 24.68 0.32 16.56
N LYS D 125 24.12 1.48 16.24
CA LYS D 125 23.77 1.92 14.87
C LYS D 125 24.59 3.18 14.53
N ASP D 126 25.74 2.98 13.87
CA ASP D 126 26.44 4.02 13.07
C ASP D 126 25.84 3.95 11.66
N LYS D 127 26.01 2.78 11.04
CA LYS D 127 25.78 2.51 9.61
C LYS D 127 25.30 1.05 9.56
N GLY D 128 26.19 0.07 9.35
CA GLY D 128 25.91 -1.34 9.65
C GLY D 128 25.43 -1.47 11.09
N LEU D 129 24.41 -2.30 11.34
CA LEU D 129 23.67 -2.38 12.64
C LEU D 129 24.29 -3.46 13.53
N ASN D 130 25.18 -3.10 14.48
CA ASN D 130 26.02 -4.04 15.30
C ASN D 130 25.35 -4.30 16.66
N PRO D 131 25.31 -5.56 17.18
CA PRO D 131 24.47 -5.90 18.33
C PRO D 131 25.26 -5.93 19.65
N LEU D 132 24.88 -5.07 20.60
CA LEU D 132 25.48 -5.01 21.96
C LEU D 132 24.90 -6.14 22.81
N LYS D 133 23.60 -6.06 23.08
CA LYS D 133 22.81 -7.15 23.71
C LYS D 133 21.96 -7.79 22.60
N GLU D 134 22.16 -9.10 22.41
CA GLU D 134 21.41 -9.93 21.44
C GLU D 134 20.01 -10.19 22.00
N PRO D 135 18.97 -10.37 21.16
CA PRO D 135 17.60 -10.39 21.65
C PRO D 135 17.40 -11.59 22.58
N SER D 136 16.64 -11.38 23.65
CA SER D 136 16.52 -12.28 24.83
C SER D 136 15.43 -11.82 25.78
N VAL D 137 14.85 -12.78 26.49
CA VAL D 137 13.87 -12.53 27.57
C VAL D 137 14.62 -12.00 28.80
N VAL D 138 14.10 -10.94 29.39
CA VAL D 138 14.60 -10.35 30.66
C VAL D 138 13.37 -10.02 31.50
N SER D 139 13.54 -9.85 32.81
CA SER D 139 12.48 -9.45 33.75
C SER D 139 12.19 -7.95 33.62
N ASP D 140 11.02 -7.51 34.08
CA ASP D 140 10.67 -6.08 34.20
C ASP D 140 11.88 -5.32 34.72
N GLU D 141 12.53 -5.83 35.77
CA GLU D 141 13.58 -5.08 36.50
C GLU D 141 14.95 -5.31 35.84
N GLU D 142 15.26 -6.49 35.30
CA GLU D 142 16.53 -6.72 34.53
C GLU D 142 16.53 -5.81 33.29
N LEU D 143 15.36 -5.30 32.88
CA LEU D 143 15.22 -4.29 31.80
C LEU D 143 15.80 -2.95 32.25
N GLU D 144 15.43 -2.46 33.45
CA GLU D 144 15.91 -1.17 34.00
C GLU D 144 17.42 -1.28 34.24
N GLU D 145 17.95 -2.47 34.54
CA GLU D 145 19.42 -2.68 34.68
C GLU D 145 20.06 -2.48 33.29
N ILE D 146 19.51 -3.17 32.29
CA ILE D 146 19.99 -3.17 30.88
C ILE D 146 19.96 -1.75 30.33
N THR D 147 18.98 -0.92 30.75
CA THR D 147 18.79 0.47 30.27
C THR D 147 19.96 1.33 30.76
N LYS D 148 20.13 1.46 32.07
CA LYS D 148 21.25 2.23 32.68
C LYS D 148 22.58 1.77 32.08
N GLU D 149 22.86 0.46 32.01
CA GLU D 149 24.21 -0.06 31.61
C GLU D 149 24.57 0.43 30.20
N PHE D 150 23.90 -0.11 29.17
CA PHE D 150 24.17 0.12 27.73
C PHE D 150 23.79 1.56 27.37
N SER D 151 22.78 2.09 28.06
CA SER D 151 22.50 3.54 28.19
C SER D 151 22.05 4.12 26.84
N PRO D 152 20.81 3.83 26.44
CA PRO D 152 20.34 4.17 25.10
C PRO D 152 20.08 5.66 24.80
N LYS D 153 20.51 6.09 23.59
CA LYS D 153 20.07 7.34 22.90
C LYS D 153 18.63 7.16 22.38
N ILE D 154 18.13 5.92 22.33
CA ILE D 154 16.85 5.60 21.65
C ILE D 154 16.27 4.27 22.17
N VAL D 155 14.99 4.34 22.55
CA VAL D 155 14.17 3.21 23.09
C VAL D 155 12.87 3.13 22.27
N LEU D 156 12.66 1.96 21.66
CA LEU D 156 11.50 1.63 20.81
C LEU D 156 10.64 0.63 21.58
N LYS D 157 9.58 1.12 22.23
CA LYS D 157 8.82 0.33 23.24
C LYS D 157 7.45 -0.08 22.70
N ASP D 158 7.22 -1.40 22.64
CA ASP D 158 5.90 -2.10 22.59
C ASP D 158 5.10 -1.80 21.31
N ASP D 159 4.99 -0.53 20.90
CA ASP D 159 4.31 -0.14 19.63
C ASP D 159 5.35 0.18 18.57
N LEU D 160 6.01 -0.86 18.05
CA LEU D 160 7.25 -0.85 17.23
C LEU D 160 6.90 -0.68 15.76
N LEU D 161 7.32 0.43 15.14
CA LEU D 161 7.07 0.70 13.69
C LEU D 161 8.23 0.11 12.89
N ILE D 162 7.86 -0.49 11.76
CA ILE D 162 8.79 -1.13 10.79
C ILE D 162 8.52 -0.56 9.39
N SER D 163 9.57 -0.03 8.74
CA SER D 163 9.54 0.52 7.36
C SER D 163 9.63 -0.67 6.42
N PRO D 164 8.57 -0.91 5.61
CA PRO D 164 8.58 -2.04 4.68
C PRO D 164 9.76 -1.85 3.71
N ALA D 165 10.01 -0.61 3.29
CA ALA D 165 11.23 -0.22 2.53
C ALA D 165 12.46 -0.93 3.11
N VAL D 166 12.60 -0.91 4.43
CA VAL D 166 13.80 -1.44 5.13
C VAL D 166 13.83 -2.97 4.98
N LEU D 167 12.66 -3.58 5.08
CA LEU D 167 12.52 -5.06 4.92
C LEU D 167 13.13 -5.45 3.58
N VAL D 168 12.71 -4.75 2.51
CA VAL D 168 13.12 -5.00 1.11
C VAL D 168 14.63 -4.83 1.06
N GLU D 169 15.10 -3.65 1.46
CA GLU D 169 16.52 -3.21 1.42
C GLU D 169 17.40 -4.30 2.03
N GLU D 170 16.97 -4.93 3.13
CA GLU D 170 17.72 -6.05 3.77
C GLU D 170 17.56 -7.35 2.96
N SER D 171 16.34 -7.62 2.49
CA SER D 171 16.04 -8.84 1.72
C SER D 171 16.96 -8.86 0.51
N GLU D 172 17.04 -7.70 -0.16
CA GLU D 172 17.98 -7.40 -1.29
C GLU D 172 19.43 -7.65 -0.86
N ARG D 173 19.82 -7.08 0.29
CA ARG D 173 21.20 -7.12 0.84
C ARG D 173 21.62 -8.55 1.13
N LEU D 174 20.75 -9.35 1.77
CA LEU D 174 21.05 -10.78 2.06
C LEU D 174 21.12 -11.58 0.77
N PHE D 175 20.25 -11.28 -0.21
CA PHE D 175 20.30 -11.93 -1.53
C PHE D 175 21.70 -11.72 -2.11
N ARG D 176 22.12 -10.45 -2.23
CA ARG D 176 23.42 -10.00 -2.79
C ARG D 176 24.59 -10.66 -2.03
N GLU D 177 24.51 -10.65 -0.70
CA GLU D 177 25.58 -11.18 0.18
C GLU D 177 25.53 -12.72 0.22
N LYS D 178 24.54 -13.38 -0.38
CA LYS D 178 24.43 -14.86 -0.45
C LYS D 178 24.07 -15.45 0.92
N LYS D 179 23.09 -14.86 1.60
CA LYS D 179 22.72 -15.23 2.98
C LYS D 179 21.20 -15.47 3.04
N THR D 180 20.62 -15.82 1.90
CA THR D 180 19.19 -16.20 1.74
C THR D 180 19.07 -17.70 2.02
N ILE D 181 17.86 -18.20 2.32
CA ILE D 181 17.61 -19.63 2.69
C ILE D 181 16.43 -20.18 1.89
N HIS D 182 16.28 -21.49 1.83
CA HIS D 182 15.09 -22.14 1.21
C HIS D 182 13.97 -22.18 2.24
N TYR D 183 12.76 -21.91 1.79
CA TYR D 183 11.53 -21.89 2.61
C TYR D 183 11.43 -23.11 3.54
N TYR D 184 12.11 -24.24 3.24
CA TYR D 184 12.13 -25.43 4.15
C TYR D 184 13.02 -25.16 5.36
N GLU D 185 14.02 -24.27 5.21
CA GLU D 185 15.11 -23.98 6.18
C GLU D 185 14.77 -22.84 7.16
N ILE D 186 13.56 -22.28 7.17
CA ILE D 186 13.24 -21.17 8.11
C ILE D 186 13.26 -21.71 9.53
N GLU D 187 13.54 -20.84 10.50
CA GLU D 187 13.44 -21.09 11.97
C GLU D 187 13.00 -19.81 12.69
N PRO D 188 11.70 -19.68 13.07
CA PRO D 188 11.25 -18.46 13.74
C PRO D 188 11.95 -18.24 15.10
N LEU D 189 11.96 -16.99 15.58
CA LEU D 189 12.60 -16.58 16.87
C LEU D 189 11.52 -16.47 17.97
N TYR D 190 11.24 -17.64 18.55
CA TYR D 190 10.21 -17.87 19.58
C TYR D 190 10.84 -17.61 20.95
N LEU D 191 10.97 -16.35 21.35
CA LEU D 191 11.53 -16.03 22.69
C LEU D 191 10.56 -16.55 23.75
N GLN D 192 9.27 -16.61 23.43
CA GLN D 192 8.22 -17.16 24.32
C GLN D 192 8.76 -18.37 25.09
N LYS D 193 9.43 -19.31 24.43
CA LYS D 193 9.93 -20.53 25.11
C LYS D 193 10.70 -20.15 26.38
N SER D 194 11.78 -19.38 26.24
CA SER D 194 12.82 -19.11 27.29
C SER D 194 12.23 -18.35 28.50
N ILE D 195 10.94 -18.03 28.52
CA ILE D 195 10.29 -17.39 29.68
C ILE D 195 10.15 -18.40 30.82
N ALA D 196 9.62 -19.59 30.53
CA ALA D 196 9.16 -20.59 31.52
C ALA D 196 10.28 -21.18 32.39
N GLU D 197 11.56 -20.90 32.06
CA GLU D 197 12.74 -21.29 32.88
C GLU D 197 13.00 -20.15 33.88
N LEU D 198 13.00 -18.91 33.40
CA LEU D 198 13.16 -17.71 34.26
C LEU D 198 12.11 -17.77 35.38
N ASN D 199 10.89 -18.23 35.09
CA ASN D 199 9.83 -18.41 36.11
C ASN D 199 10.30 -19.44 37.15
N TRP D 200 10.71 -20.67 36.75
CA TRP D 200 11.05 -21.82 37.64
C TRP D 200 12.10 -21.39 38.67
N GLU D 201 13.02 -20.51 38.28
CA GLU D 201 14.15 -20.11 39.15
C GLU D 201 13.86 -18.76 39.82
N LYS D 202 12.62 -18.30 39.84
CA LYS D 202 12.15 -17.12 40.62
C LYS D 202 11.21 -17.59 41.72
N LYS D 203 10.60 -18.76 41.54
CA LYS D 203 9.78 -19.47 42.56
C LYS D 203 10.71 -20.33 43.41
N LYS D 204 11.84 -20.77 42.84
CA LYS D 204 12.87 -21.54 43.59
C LYS D 204 13.50 -20.63 44.65
N ARG D 205 13.91 -19.42 44.28
CA ARG D 205 14.45 -18.38 45.19
C ARG D 205 13.38 -18.00 46.23
N GLY D 206 13.35 -18.72 47.37
CA GLY D 206 12.48 -18.46 48.52
C GLY D 206 13.22 -18.65 49.84
N MET E 1 -8.33 -33.35 -12.50
CA MET E 1 -8.36 -32.19 -11.58
C MET E 1 -7.53 -32.49 -10.34
N ARG E 2 -6.23 -32.15 -10.32
CA ARG E 2 -5.36 -32.47 -9.16
C ARG E 2 -5.71 -31.47 -8.07
N VAL E 3 -6.20 -31.98 -6.94
CA VAL E 3 -6.31 -31.25 -5.65
C VAL E 3 -5.03 -31.51 -4.89
N LEU E 4 -4.39 -30.47 -4.39
CA LEU E 4 -3.29 -30.57 -3.41
C LEU E 4 -3.87 -30.17 -2.06
N GLY E 5 -3.98 -31.15 -1.16
CA GLY E 5 -4.64 -31.07 0.16
C GLY E 5 -3.61 -31.07 1.27
N ILE E 6 -3.86 -30.29 2.34
CA ILE E 6 -2.86 -30.03 3.42
C ILE E 6 -3.52 -30.27 4.77
N GLU E 7 -2.87 -31.09 5.64
CA GLU E 7 -3.35 -31.37 7.03
C GLU E 7 -2.46 -30.72 8.10
N THR E 8 -3.13 -29.96 8.95
CA THR E 8 -2.60 -29.13 10.06
C THR E 8 -3.67 -29.04 11.17
N SER E 9 -4.55 -30.05 11.26
CA SER E 9 -5.68 -30.17 12.21
C SER E 9 -5.39 -31.35 13.13
N CYS E 10 -5.01 -32.50 12.54
CA CYS E 10 -4.53 -33.72 13.25
C CYS E 10 -3.09 -33.49 13.71
N ASP E 11 -2.46 -34.54 14.29
CA ASP E 11 -1.10 -34.50 14.86
C ASP E 11 -0.07 -34.95 13.80
N GLU E 12 -0.44 -35.81 12.85
CA GLU E 12 0.38 -36.03 11.64
C GLU E 12 0.17 -34.84 10.72
N THR E 13 1.23 -34.06 10.48
CA THR E 13 1.32 -32.97 9.47
C THR E 13 1.41 -33.57 8.06
N ALA E 14 0.35 -33.51 7.25
CA ALA E 14 0.25 -34.28 6.00
C ALA E 14 0.04 -33.35 4.79
N VAL E 15 0.66 -33.69 3.65
CA VAL E 15 0.44 -33.09 2.28
C VAL E 15 0.13 -34.20 1.27
N ALA E 16 -0.95 -34.06 0.49
CA ALA E 16 -1.34 -35.05 -0.56
C ALA E 16 -1.78 -34.36 -1.85
N VAL E 17 -1.66 -35.13 -2.92
CA VAL E 17 -2.02 -34.75 -4.32
C VAL E 17 -2.82 -35.93 -4.90
N LEU E 18 -4.05 -35.64 -5.34
CA LEU E 18 -5.09 -36.64 -5.65
C LEU E 18 -5.86 -36.17 -6.88
N ASP E 19 -5.54 -36.79 -8.02
CA ASP E 19 -6.25 -36.65 -9.31
C ASP E 19 -7.68 -37.22 -9.13
N ASP E 20 -8.68 -36.37 -9.40
CA ASP E 20 -10.10 -36.74 -9.66
C ASP E 20 -10.73 -37.41 -8.45
N GLY E 21 -10.20 -37.11 -7.27
CA GLY E 21 -10.71 -37.62 -5.97
C GLY E 21 -10.62 -39.13 -5.86
N LYS E 22 -9.86 -39.82 -6.70
CA LYS E 22 -9.78 -41.32 -6.75
C LYS E 22 -8.31 -41.70 -6.67
N ASN E 23 -7.61 -41.60 -7.79
CA ASN E 23 -6.21 -42.05 -7.98
C ASN E 23 -5.28 -41.09 -7.24
N VAL E 24 -4.50 -41.60 -6.27
CA VAL E 24 -3.59 -40.84 -5.36
C VAL E 24 -2.19 -40.78 -5.96
N VAL E 25 -1.64 -39.59 -6.15
CA VAL E 25 -0.44 -39.44 -7.00
C VAL E 25 0.82 -39.42 -6.11
N VAL E 26 0.81 -38.62 -5.04
CA VAL E 26 1.82 -38.70 -3.94
C VAL E 26 1.13 -38.39 -2.61
N ASN E 27 1.42 -39.22 -1.60
CA ASN E 27 1.04 -39.05 -0.16
C ASN E 27 2.32 -38.91 0.63
N PHE E 28 2.58 -37.75 1.22
CA PHE E 28 3.70 -37.54 2.16
C PHE E 28 3.14 -37.08 3.52
N THR E 29 3.63 -37.68 4.60
CA THR E 29 3.15 -37.42 5.98
C THR E 29 4.36 -37.59 6.90
N VAL E 30 4.68 -36.56 7.69
CA VAL E 30 5.88 -36.50 8.59
C VAL E 30 6.07 -37.86 9.28
N SER E 31 4.98 -38.39 9.85
CA SER E 31 4.86 -39.73 10.48
C SER E 31 5.73 -40.73 9.69
N GLN E 32 5.64 -40.70 8.35
CA GLN E 32 6.36 -41.59 7.38
C GLN E 32 7.61 -40.87 6.81
N ILE E 33 8.27 -40.03 7.63
CA ILE E 33 9.58 -39.37 7.31
C ILE E 33 10.57 -39.65 8.46
N GLU E 34 10.44 -40.82 9.14
CA GLU E 34 11.13 -41.21 10.42
C GLU E 34 11.74 -42.63 10.37
N VAL E 35 10.99 -43.66 9.90
CA VAL E 35 11.47 -45.07 9.71
C VAL E 35 11.77 -45.36 8.22
N HIS E 36 11.27 -44.51 7.29
CA HIS E 36 11.70 -44.41 5.85
C HIS E 36 12.93 -43.46 5.74
N GLN E 37 13.23 -42.72 6.82
CA GLN E 37 14.44 -41.88 7.06
C GLN E 37 15.10 -42.33 8.38
N LYS E 38 15.18 -43.65 8.63
CA LYS E 38 15.80 -44.28 9.83
C LYS E 38 17.17 -44.86 9.45
N GLU E 45 16.27 -34.02 11.99
CA GLU E 45 15.02 -34.39 12.70
C GLU E 45 13.84 -33.63 12.06
N VAL E 46 12.61 -34.04 12.41
CA VAL E 46 11.33 -33.29 12.19
C VAL E 46 10.24 -33.97 13.06
N ALA E 47 9.58 -33.20 13.95
CA ALA E 47 8.98 -33.66 15.24
C ALA E 47 7.44 -33.71 15.21
N ALA E 48 6.87 -34.35 16.25
CA ALA E 48 5.50 -34.90 16.29
C ALA E 48 4.58 -34.10 15.35
N ARG E 49 4.11 -32.94 15.81
CA ARG E 49 3.00 -32.14 15.21
C ARG E 49 3.43 -30.69 15.13
N HIS E 50 4.69 -30.44 14.76
CA HIS E 50 5.33 -29.10 14.67
C HIS E 50 5.10 -28.52 13.27
N HIS E 51 3.82 -28.37 12.93
CA HIS E 51 3.30 -28.03 11.58
C HIS E 51 4.23 -27.07 10.86
N LEU E 52 4.40 -25.84 11.33
CA LEU E 52 5.13 -24.79 10.59
C LEU E 52 6.54 -25.27 10.24
N LYS E 53 7.11 -26.28 10.91
CA LYS E 53 8.48 -26.76 10.59
C LYS E 53 8.41 -27.90 9.58
N ASN E 54 7.43 -28.79 9.74
CA ASN E 54 7.19 -30.02 8.93
C ASN E 54 6.65 -29.71 7.52
N LEU E 55 5.60 -28.90 7.45
CA LEU E 55 4.83 -28.69 6.22
C LEU E 55 5.75 -28.23 5.09
N PRO E 56 6.55 -27.14 5.27
CA PRO E 56 7.61 -26.84 4.33
C PRO E 56 8.32 -28.07 3.72
N ILE E 57 8.72 -29.07 4.51
CA ILE E 57 9.54 -30.20 3.98
C ILE E 57 8.67 -31.06 3.08
N LEU E 58 7.36 -31.09 3.35
CA LEU E 58 6.38 -31.93 2.65
C LEU E 58 5.98 -31.24 1.32
N LEU E 59 5.89 -29.91 1.30
CA LEU E 59 5.82 -29.18 0.02
C LEU E 59 7.13 -29.47 -0.73
N LYS E 60 8.31 -29.29 -0.12
CA LYS E 60 9.59 -29.71 -0.76
C LYS E 60 9.42 -31.10 -1.36
N LYS E 61 8.99 -32.10 -0.59
CA LYS E 61 8.86 -33.51 -1.04
C LYS E 61 7.80 -33.63 -2.15
N ALA E 62 6.74 -32.83 -2.10
CA ALA E 62 5.60 -32.91 -3.06
C ALA E 62 6.03 -32.31 -4.42
N PHE E 63 6.65 -31.13 -4.46
CA PHE E 63 6.92 -30.37 -5.70
C PHE E 63 8.18 -30.91 -6.38
N GLU E 64 8.87 -31.86 -5.75
CA GLU E 64 10.05 -32.53 -6.34
C GLU E 64 9.56 -33.60 -7.32
N LYS E 65 8.33 -34.08 -7.08
CA LYS E 65 7.70 -35.23 -7.76
C LYS E 65 6.58 -34.72 -8.67
N VAL E 66 5.58 -34.05 -8.12
CA VAL E 66 4.52 -33.34 -8.86
C VAL E 66 5.10 -32.04 -9.39
N PRO E 67 4.99 -31.72 -10.69
CA PRO E 67 5.38 -30.40 -11.16
C PRO E 67 4.34 -29.37 -10.72
N PRO E 68 4.77 -28.13 -10.41
CA PRO E 68 3.92 -27.14 -9.77
C PRO E 68 2.63 -26.77 -10.51
N GLU E 69 2.74 -26.53 -11.84
CA GLU E 69 1.59 -26.25 -12.75
C GLU E 69 0.40 -27.11 -12.33
N THR E 70 0.61 -28.42 -12.52
CA THR E 70 -0.42 -29.47 -12.67
C THR E 70 -1.49 -29.34 -11.59
N VAL E 71 -1.17 -28.75 -10.45
CA VAL E 71 -2.10 -28.61 -9.30
C VAL E 71 -3.23 -27.68 -9.72
N ASP E 72 -4.48 -28.09 -9.55
CA ASP E 72 -5.67 -27.39 -10.10
C ASP E 72 -6.46 -26.68 -9.00
N VAL E 73 -6.52 -27.31 -7.83
CA VAL E 73 -7.12 -26.74 -6.60
C VAL E 73 -6.15 -27.00 -5.45
N VAL E 74 -6.08 -26.06 -4.50
CA VAL E 74 -5.40 -26.24 -3.20
C VAL E 74 -6.48 -26.29 -2.13
N ALA E 75 -6.70 -27.44 -1.51
CA ALA E 75 -7.58 -27.57 -0.32
C ALA E 75 -6.75 -27.61 0.97
N ALA E 76 -7.37 -27.30 2.13
CA ALA E 76 -6.70 -27.30 3.44
C ALA E 76 -7.73 -27.04 4.52
N THR E 77 -7.74 -27.85 5.60
CA THR E 77 -8.72 -27.76 6.72
C THR E 77 -8.62 -26.39 7.37
N TYR E 78 -9.76 -25.82 7.79
CA TYR E 78 -9.77 -24.53 8.55
C TYR E 78 -10.49 -24.67 9.89
N GLY E 79 -11.12 -25.82 10.14
CA GLY E 79 -11.87 -26.07 11.38
C GLY E 79 -12.51 -27.45 11.39
N PRO E 80 -12.72 -28.07 12.57
CA PRO E 80 -12.13 -27.59 13.81
C PRO E 80 -10.71 -28.17 13.99
N GLY E 81 -9.97 -27.53 14.88
CA GLY E 81 -8.63 -27.94 15.35
C GLY E 81 -8.13 -26.86 16.28
N LEU E 82 -6.83 -26.58 16.29
CA LEU E 82 -6.31 -25.45 17.10
C LEU E 82 -5.81 -24.27 16.25
N ILE E 83 -6.25 -23.06 16.60
CA ILE E 83 -5.96 -21.81 15.83
C ILE E 83 -4.55 -21.90 15.26
N GLY E 84 -3.55 -22.14 16.10
CA GLY E 84 -2.14 -22.22 15.66
C GLY E 84 -1.90 -23.28 14.58
N ALA E 85 -2.46 -24.47 14.75
CA ALA E 85 -2.30 -25.63 13.84
C ALA E 85 -2.98 -25.24 12.52
N LEU E 86 -4.26 -24.90 12.62
CA LEU E 86 -5.12 -24.53 11.47
C LEU E 86 -4.44 -23.41 10.68
N LEU E 87 -4.06 -22.29 11.32
CA LEU E 87 -3.46 -21.09 10.65
C LEU E 87 -2.17 -21.45 9.92
N VAL E 88 -1.63 -22.67 10.02
CA VAL E 88 -0.37 -23.02 9.31
C VAL E 88 -0.73 -23.72 8.00
N GLY E 89 -1.59 -24.72 8.03
CA GLY E 89 -2.02 -25.37 6.77
C GLY E 89 -2.81 -24.39 5.93
N LEU E 90 -3.74 -23.71 6.58
CA LEU E 90 -4.66 -22.75 5.93
C LEU E 90 -3.85 -21.56 5.43
N SER E 91 -3.05 -20.93 6.26
CA SER E 91 -2.35 -19.68 5.83
C SER E 91 -1.43 -20.02 4.67
N ALA E 92 -0.85 -21.23 4.68
CA ALA E 92 0.12 -21.75 3.69
C ALA E 92 -0.60 -22.10 2.39
N ALA E 93 -1.74 -22.80 2.47
CA ALA E 93 -2.55 -23.18 1.29
C ALA E 93 -3.08 -21.94 0.61
N LYS E 94 -3.58 -20.95 1.37
CA LYS E 94 -4.02 -19.66 0.79
C LYS E 94 -2.88 -19.16 -0.13
N GLY E 95 -1.66 -19.08 0.39
CA GLY E 95 -0.54 -18.49 -0.36
C GLY E 95 -0.05 -19.39 -1.49
N LEU E 96 -0.45 -20.65 -1.54
CA LEU E 96 -0.15 -21.50 -2.71
C LEU E 96 -1.02 -20.99 -3.86
N ALA E 97 -2.35 -21.17 -3.72
CA ALA E 97 -3.43 -20.48 -4.49
C ALA E 97 -2.89 -19.19 -5.13
N ILE E 98 -2.42 -18.22 -4.33
CA ILE E 98 -1.89 -16.93 -4.84
C ILE E 98 -0.77 -17.20 -5.86
N SER E 99 0.22 -17.99 -5.48
CA SER E 99 1.44 -18.19 -6.30
C SER E 99 1.22 -19.26 -7.37
N LEU E 100 0.07 -19.95 -7.37
CA LEU E 100 -0.30 -20.91 -8.45
C LEU E 100 -1.34 -20.28 -9.37
N GLU E 101 -1.88 -19.12 -9.00
CA GLU E 101 -3.04 -18.47 -9.67
C GLU E 101 -4.20 -19.49 -9.72
N LYS E 102 -4.35 -20.30 -8.67
CA LYS E 102 -5.40 -21.33 -8.59
C LYS E 102 -6.34 -21.01 -7.44
N PRO E 103 -7.56 -21.58 -7.44
CA PRO E 103 -8.45 -21.51 -6.29
C PRO E 103 -7.97 -22.33 -5.08
N PHE E 104 -8.47 -21.97 -3.89
CA PHE E 104 -8.20 -22.64 -2.58
C PHE E 104 -9.54 -23.01 -1.95
N VAL E 105 -9.61 -24.15 -1.25
CA VAL E 105 -10.88 -24.56 -0.57
C VAL E 105 -10.61 -24.86 0.89
N GLY E 106 -11.28 -24.12 1.77
CA GLY E 106 -11.35 -24.45 3.20
C GLY E 106 -12.18 -25.70 3.45
N VAL E 107 -11.56 -26.74 4.01
CA VAL E 107 -12.34 -27.94 4.44
C VAL E 107 -12.81 -27.78 5.88
N ASN E 108 -14.11 -27.98 6.07
CA ASN E 108 -14.74 -28.35 7.36
C ASN E 108 -14.41 -29.83 7.53
N HIS E 109 -13.64 -30.15 8.57
CA HIS E 109 -13.08 -31.51 8.82
C HIS E 109 -14.24 -32.46 9.08
N VAL E 110 -15.16 -32.11 9.98
CA VAL E 110 -16.22 -33.06 10.38
C VAL E 110 -17.15 -33.26 9.18
N GLU E 111 -17.32 -32.24 8.33
CA GLU E 111 -18.05 -32.43 7.05
C GLU E 111 -17.32 -33.51 6.25
N ALA E 112 -16.00 -33.36 6.03
CA ALA E 112 -15.12 -34.27 5.26
C ALA E 112 -15.12 -35.69 5.83
N HIS E 113 -14.99 -35.81 7.17
CA HIS E 113 -15.07 -37.07 7.97
C HIS E 113 -16.35 -37.79 7.53
N VAL E 114 -17.51 -37.17 7.75
CA VAL E 114 -18.84 -37.72 7.37
C VAL E 114 -18.83 -38.24 5.92
N GLN E 115 -18.08 -37.58 5.02
CA GLN E 115 -18.10 -37.84 3.55
C GLN E 115 -17.59 -39.26 3.29
N ALA E 116 -16.33 -39.57 3.59
CA ALA E 116 -15.64 -40.84 3.22
C ALA E 116 -16.52 -42.07 3.49
N VAL E 117 -17.58 -41.96 4.32
CA VAL E 117 -18.73 -42.91 4.36
C VAL E 117 -19.17 -43.23 2.92
N PHE E 118 -19.39 -42.17 2.14
CA PHE E 118 -19.55 -42.17 0.66
C PHE E 118 -18.15 -42.22 0.03
N LEU E 119 -17.61 -43.44 0.00
CA LEU E 119 -16.23 -43.82 -0.45
C LEU E 119 -16.05 -45.28 0.00
N ALA E 120 -16.43 -45.57 1.26
CA ALA E 120 -16.44 -46.91 1.88
C ALA E 120 -17.60 -47.71 1.32
N ASN E 121 -18.53 -47.06 0.62
CA ASN E 121 -19.32 -47.71 -0.45
C ASN E 121 -19.70 -46.67 -1.48
N PRO E 122 -19.11 -46.71 -2.71
CA PRO E 122 -19.53 -45.82 -3.79
C PRO E 122 -21.05 -45.76 -3.96
N ASP E 123 -21.71 -46.91 -4.13
CA ASP E 123 -23.19 -47.02 -4.29
C ASP E 123 -23.86 -47.11 -2.91
N LEU E 124 -23.70 -46.05 -2.12
CA LEU E 124 -24.40 -45.82 -0.83
C LEU E 124 -25.20 -44.53 -0.97
N LYS E 125 -26.53 -44.61 -0.91
CA LYS E 125 -27.42 -43.48 -1.25
C LYS E 125 -27.51 -42.52 -0.07
N PRO E 126 -27.53 -41.20 -0.32
CA PRO E 126 -27.26 -40.19 0.72
C PRO E 126 -28.41 -39.62 1.56
N PRO E 127 -29.64 -40.19 1.59
CA PRO E 127 -30.51 -39.97 2.75
C PRO E 127 -30.11 -40.92 3.89
N LEU E 128 -29.47 -40.42 4.98
CA LEU E 128 -28.69 -41.22 5.97
C LEU E 128 -28.38 -40.45 7.27
N VAL E 129 -28.34 -41.18 8.39
CA VAL E 129 -28.09 -40.65 9.76
C VAL E 129 -26.74 -41.19 10.27
N VAL E 130 -25.81 -40.27 10.54
CA VAL E 130 -24.47 -40.55 11.11
C VAL E 130 -24.51 -40.30 12.63
N LEU E 131 -23.99 -41.25 13.40
CA LEU E 131 -23.48 -40.99 14.77
C LEU E 131 -21.95 -40.92 14.69
N MET E 132 -21.37 -39.83 15.21
CA MET E 132 -19.91 -39.60 15.34
C MET E 132 -19.50 -39.74 16.81
N VAL E 133 -18.88 -40.87 17.17
CA VAL E 133 -18.48 -41.16 18.57
C VAL E 133 -16.97 -41.30 18.62
N SER E 134 -16.31 -40.15 18.79
CA SER E 134 -14.84 -40.02 19.01
C SER E 134 -14.58 -39.65 20.47
N GLY E 135 -13.37 -39.19 20.72
CA GLY E 135 -13.01 -38.44 21.95
C GLY E 135 -13.41 -36.96 21.84
N GLY E 136 -13.06 -36.32 20.72
CA GLY E 136 -13.30 -34.88 20.50
C GLY E 136 -14.79 -34.62 20.34
N HIS E 137 -15.52 -35.62 19.87
CA HIS E 137 -16.87 -35.49 19.26
C HIS E 137 -17.81 -36.65 19.66
N THR E 138 -19.04 -36.33 20.06
CA THR E 138 -20.18 -37.28 20.13
C THR E 138 -21.42 -36.48 19.69
N GLN E 139 -22.24 -37.08 18.82
CA GLN E 139 -23.06 -36.33 17.83
C GLN E 139 -23.94 -37.26 16.96
N LEU E 140 -25.20 -36.92 16.78
CA LEU E 140 -26.10 -37.47 15.72
C LEU E 140 -26.36 -36.41 14.64
N MET E 141 -26.45 -36.80 13.37
CA MET E 141 -26.70 -35.84 12.26
C MET E 141 -27.70 -36.40 11.25
N LYS E 142 -28.35 -35.49 10.53
CA LYS E 142 -29.02 -35.76 9.24
C LYS E 142 -27.99 -35.50 8.14
N VAL E 143 -28.00 -36.33 7.09
CA VAL E 143 -27.39 -36.09 5.75
C VAL E 143 -28.53 -36.10 4.73
N ASP E 144 -29.05 -34.94 4.32
CA ASP E 144 -30.22 -34.84 3.40
C ASP E 144 -29.79 -35.35 2.00
N GLU E 145 -30.76 -35.78 1.18
CA GLU E 145 -30.54 -36.36 -0.17
C GLU E 145 -29.61 -35.43 -0.99
N ASP E 146 -29.65 -34.12 -0.70
CA ASP E 146 -28.80 -33.06 -1.31
C ASP E 146 -27.38 -33.09 -0.69
N TYR E 147 -27.24 -33.69 0.50
CA TYR E 147 -26.00 -33.80 1.31
C TYR E 147 -25.91 -32.64 2.31
N SER E 148 -27.05 -32.07 2.73
CA SER E 148 -27.14 -31.03 3.80
C SER E 148 -27.21 -31.71 5.18
N MET E 149 -26.25 -31.37 6.05
CA MET E 149 -26.07 -31.93 7.41
C MET E 149 -26.55 -30.94 8.46
N GLU E 150 -26.94 -31.46 9.62
CA GLU E 150 -27.14 -30.70 10.88
C GLU E 150 -26.84 -31.58 12.10
N VAL E 151 -26.04 -31.03 13.01
CA VAL E 151 -26.02 -31.49 14.42
C VAL E 151 -27.49 -31.56 14.89
N LEU E 152 -28.00 -32.75 15.18
CA LEU E 152 -29.29 -32.90 15.90
C LEU E 152 -29.02 -33.33 17.35
N GLY E 153 -28.11 -34.31 17.56
CA GLY E 153 -27.63 -34.83 18.86
C GLY E 153 -26.17 -34.48 19.15
N GLU E 154 -25.89 -34.05 20.38
CA GLU E 154 -24.57 -33.49 20.79
C GLU E 154 -24.45 -33.72 22.32
N THR E 155 -23.39 -34.36 22.79
CA THR E 155 -23.03 -34.38 24.23
C THR E 155 -22.97 -32.95 24.75
N LEU E 156 -23.35 -32.74 26.01
CA LEU E 156 -23.43 -31.43 26.72
C LEU E 156 -22.25 -31.23 27.66
N ASP E 157 -21.43 -32.27 27.79
CA ASP E 157 -20.32 -32.34 28.78
C ASP E 157 -19.19 -33.10 28.11
N ASP E 158 -19.24 -34.43 28.14
CA ASP E 158 -18.12 -35.33 27.78
C ASP E 158 -18.46 -36.10 26.50
N SER E 159 -17.47 -36.36 25.65
CA SER E 159 -17.54 -37.40 24.58
C SER E 159 -17.62 -38.79 25.20
N ALA E 160 -18.27 -39.73 24.52
CA ALA E 160 -18.22 -41.17 24.84
C ALA E 160 -16.75 -41.62 24.89
N GLY E 161 -15.94 -41.06 24.00
CA GLY E 161 -14.51 -41.36 23.90
C GLY E 161 -13.81 -41.06 25.21
N GLU E 162 -14.14 -39.91 25.83
CA GLU E 162 -13.52 -39.42 27.08
C GLU E 162 -14.01 -40.30 28.25
N ALA E 163 -15.33 -40.49 28.39
CA ALA E 163 -15.92 -41.44 29.36
C ALA E 163 -15.07 -42.73 29.36
N PHE E 164 -14.94 -43.42 28.24
CA PHE E 164 -14.20 -44.70 28.12
C PHE E 164 -12.78 -44.57 28.66
N ASP E 165 -12.06 -43.49 28.33
CA ASP E 165 -10.59 -43.37 28.55
C ASP E 165 -10.28 -43.23 30.05
N LYS E 166 -11.18 -42.59 30.78
CA LYS E 166 -11.03 -42.19 32.20
C LYS E 166 -11.58 -43.30 33.11
N VAL E 167 -12.77 -43.83 32.81
CA VAL E 167 -13.35 -45.04 33.46
C VAL E 167 -12.35 -46.20 33.28
N ALA E 168 -11.59 -46.26 32.20
CA ALA E 168 -10.45 -47.20 32.06
C ALA E 168 -9.41 -46.88 33.14
N ARG E 169 -9.04 -45.60 33.23
CA ARG E 169 -8.00 -45.07 34.17
C ARG E 169 -8.42 -45.40 35.59
N LEU E 170 -9.69 -45.13 35.90
CA LEU E 170 -10.28 -45.40 37.23
C LEU E 170 -10.15 -46.90 37.53
N LEU E 171 -10.30 -47.77 36.53
CA LEU E 171 -10.31 -49.25 36.71
C LEU E 171 -8.91 -49.85 36.71
N GLY E 172 -7.85 -49.03 36.74
CA GLY E 172 -6.48 -49.58 36.69
C GLY E 172 -6.30 -50.47 35.46
N LEU E 173 -6.84 -49.99 34.34
CA LEU E 173 -6.67 -50.62 33.00
C LEU E 173 -5.76 -49.73 32.16
N GLY E 174 -5.20 -50.30 31.09
CA GLY E 174 -4.19 -49.63 30.27
C GLY E 174 -4.80 -48.52 29.43
N TYR E 175 -3.95 -47.93 28.59
CA TYR E 175 -4.35 -47.23 27.35
C TYR E 175 -4.29 -48.23 26.21
N PRO E 176 -5.11 -48.07 25.16
CA PRO E 176 -6.08 -46.97 25.09
C PRO E 176 -7.41 -47.31 25.78
N GLY E 177 -8.10 -46.27 26.23
CA GLY E 177 -9.37 -46.37 26.98
C GLY E 177 -10.23 -47.53 26.53
N GLY E 178 -10.84 -47.40 25.36
CA GLY E 178 -11.92 -48.29 24.86
C GLY E 178 -11.48 -49.73 24.56
N PRO E 179 -10.41 -49.91 23.76
CA PRO E 179 -9.91 -51.23 23.39
C PRO E 179 -9.78 -52.16 24.60
N VAL E 180 -9.24 -51.59 25.67
CA VAL E 180 -8.92 -52.28 26.93
C VAL E 180 -10.24 -52.64 27.60
N ILE E 181 -11.16 -51.67 27.71
CA ILE E 181 -12.49 -51.92 28.35
C ILE E 181 -13.30 -52.89 27.49
N ASP E 182 -13.35 -52.69 26.18
CA ASP E 182 -13.96 -53.66 25.24
C ASP E 182 -13.39 -55.05 25.54
N ARG E 183 -12.05 -55.18 25.48
CA ARG E 183 -11.27 -56.45 25.59
C ARG E 183 -11.68 -57.22 26.86
N VAL E 184 -11.80 -56.50 27.99
CA VAL E 184 -11.80 -57.09 29.35
C VAL E 184 -13.22 -57.21 29.89
N ALA E 185 -14.20 -56.69 29.16
CA ALA E 185 -15.65 -56.80 29.46
C ALA E 185 -16.16 -58.09 28.83
N LYS E 186 -15.38 -58.60 27.89
CA LYS E 186 -15.64 -59.89 27.20
C LYS E 186 -15.78 -60.95 28.30
N LYS E 187 -14.99 -60.84 29.38
CA LYS E 187 -14.95 -61.77 30.54
C LYS E 187 -16.07 -61.45 31.55
N GLY E 188 -16.65 -60.25 31.51
CA GLY E 188 -17.56 -59.74 32.57
C GLY E 188 -19.04 -59.95 32.29
N ASP E 189 -19.90 -59.32 33.08
CA ASP E 189 -21.37 -59.50 33.06
C ASP E 189 -22.01 -58.12 32.88
N PRO E 190 -22.41 -57.73 31.66
CA PRO E 190 -22.81 -56.36 31.40
C PRO E 190 -24.08 -56.01 32.19
N GLU E 191 -24.87 -57.03 32.54
CA GLU E 191 -26.07 -56.89 33.41
C GLU E 191 -25.64 -57.33 34.82
N LYS E 192 -24.72 -56.59 35.43
CA LYS E 192 -24.14 -56.93 36.75
C LYS E 192 -24.29 -55.75 37.71
N TYR E 193 -24.08 -54.51 37.26
CA TYR E 193 -24.33 -53.28 38.06
C TYR E 193 -25.21 -52.33 37.23
N SER E 194 -26.27 -51.79 37.85
CA SER E 194 -27.35 -50.98 37.23
C SER E 194 -26.91 -49.50 37.09
N PHE E 195 -25.77 -49.25 36.44
CA PHE E 195 -25.15 -47.91 36.25
C PHE E 195 -26.11 -46.99 35.48
N PRO E 196 -26.16 -45.67 35.80
CA PRO E 196 -27.09 -44.74 35.13
C PRO E 196 -26.85 -44.46 33.63
N ARG E 197 -27.94 -44.33 32.86
CA ARG E 197 -27.92 -44.03 31.41
C ARG E 197 -28.45 -42.61 31.18
N PRO E 198 -27.70 -41.55 31.57
CA PRO E 198 -28.22 -40.18 31.53
C PRO E 198 -28.92 -39.76 30.21
N MET E 199 -30.09 -39.12 30.35
CA MET E 199 -30.83 -38.44 29.27
C MET E 199 -31.39 -39.47 28.28
N LEU E 200 -31.67 -40.69 28.73
CA LEU E 200 -32.40 -41.72 27.91
C LEU E 200 -33.92 -41.50 28.04
N ASP E 201 -34.67 -41.98 27.04
CA ASP E 201 -36.17 -42.07 27.00
C ASP E 201 -36.76 -40.66 26.90
N ASP E 202 -36.05 -39.78 26.18
CA ASP E 202 -36.16 -38.30 26.26
C ASP E 202 -36.78 -37.72 24.99
N ASP E 203 -37.13 -36.42 25.04
CA ASP E 203 -37.56 -35.59 23.89
C ASP E 203 -36.31 -34.97 23.23
N SER E 204 -35.22 -34.86 23.99
CA SER E 204 -33.88 -34.45 23.49
C SER E 204 -33.27 -35.63 22.71
N TYR E 205 -32.41 -35.33 21.75
CA TYR E 205 -31.53 -36.29 21.03
C TYR E 205 -30.10 -36.18 21.54
N ASN E 206 -29.91 -35.51 22.69
CA ASN E 206 -28.60 -35.12 23.27
C ASN E 206 -28.16 -36.16 24.32
N PHE E 207 -26.86 -36.22 24.61
CA PHE E 207 -26.23 -37.11 25.62
C PHE E 207 -25.57 -36.27 26.72
N SER E 208 -25.48 -36.85 27.92
CA SER E 208 -24.48 -36.53 28.97
C SER E 208 -23.77 -37.84 29.33
N PHE E 209 -22.51 -37.74 29.76
CA PHE E 209 -21.69 -38.91 30.15
C PHE E 209 -20.97 -38.70 31.49
N ALA E 210 -20.59 -37.47 31.86
CA ALA E 210 -19.93 -37.19 33.15
C ALA E 210 -20.77 -37.79 34.30
N GLY E 211 -22.07 -37.95 34.06
CA GLY E 211 -22.96 -38.74 34.93
C GLY E 211 -22.32 -40.08 35.28
N LEU E 212 -22.01 -40.89 34.26
CA LEU E 212 -21.39 -42.25 34.36
C LEU E 212 -20.03 -42.17 35.07
N LYS E 213 -19.03 -41.55 34.45
CA LYS E 213 -17.64 -41.45 34.98
C LYS E 213 -17.74 -41.37 36.52
N THR E 214 -18.57 -40.46 37.06
CA THR E 214 -18.76 -40.24 38.53
C THR E 214 -19.46 -41.47 39.16
N SER E 215 -20.55 -41.95 38.57
CA SER E 215 -21.28 -43.12 39.11
C SER E 215 -20.26 -44.23 39.36
N VAL E 216 -19.51 -44.63 38.33
CA VAL E 216 -18.42 -45.64 38.43
C VAL E 216 -17.46 -45.25 39.56
N LEU E 217 -16.87 -44.04 39.51
CA LEU E 217 -15.89 -43.59 40.54
C LEU E 217 -16.47 -43.75 41.95
N TYR E 218 -17.73 -43.40 42.17
CA TYR E 218 -18.38 -43.43 43.50
C TYR E 218 -18.46 -44.89 44.00
N PHE E 219 -18.79 -45.83 43.11
CA PHE E 219 -18.81 -47.28 43.38
C PHE E 219 -17.39 -47.70 43.75
N LEU E 220 -16.44 -47.46 42.87
CA LEU E 220 -15.00 -47.84 43.03
C LEU E 220 -14.52 -47.43 44.43
N GLN E 221 -14.88 -46.22 44.88
CA GLN E 221 -14.58 -45.68 46.24
C GLN E 221 -15.42 -46.46 47.26
N ARG E 222 -16.71 -46.19 47.41
CA ARG E 222 -17.59 -46.91 48.37
C ARG E 222 -17.26 -48.40 48.41
N GLU E 223 -17.32 -49.11 47.27
CA GLU E 223 -17.40 -50.60 47.16
C GLU E 223 -16.01 -51.24 47.10
N LYS E 224 -15.99 -52.57 46.92
CA LYS E 224 -14.86 -53.49 47.19
C LYS E 224 -15.36 -54.93 46.99
N GLY E 225 -14.46 -55.89 46.77
CA GLY E 225 -14.80 -57.30 46.53
C GLY E 225 -15.23 -57.53 45.09
N TYR E 226 -15.43 -56.44 44.32
CA TYR E 226 -15.99 -56.41 42.93
C TYR E 226 -15.00 -56.92 41.89
N LYS E 227 -15.56 -57.55 40.86
CA LYS E 227 -14.80 -57.98 39.67
C LYS E 227 -14.67 -56.76 38.75
N VAL E 228 -13.52 -56.65 38.09
CA VAL E 228 -13.12 -55.45 37.31
C VAL E 228 -13.80 -55.54 35.95
N GLU E 229 -13.62 -56.68 35.31
CA GLU E 229 -14.39 -57.05 34.10
C GLU E 229 -15.84 -56.62 34.35
N ASP E 230 -16.48 -57.27 35.32
CA ASP E 230 -17.91 -57.07 35.63
C ASP E 230 -18.21 -55.57 35.68
N VAL E 231 -17.38 -54.76 36.33
CA VAL E 231 -17.64 -53.29 36.35
C VAL E 231 -17.51 -52.79 34.91
N ALA E 232 -16.43 -53.18 34.24
CA ALA E 232 -16.07 -52.78 32.85
C ALA E 232 -17.19 -53.14 31.85
N ALA E 233 -17.72 -54.37 31.95
CA ALA E 233 -18.87 -54.83 31.14
C ALA E 233 -20.14 -54.02 31.48
N SER E 234 -20.48 -53.89 32.77
CA SER E 234 -21.68 -53.17 33.30
C SER E 234 -21.75 -51.74 32.73
N PHE E 235 -20.60 -51.08 32.59
CA PHE E 235 -20.47 -49.65 32.24
C PHE E 235 -20.49 -49.47 30.73
N GLN E 236 -19.91 -50.43 30.00
CA GLN E 236 -19.84 -50.41 28.51
C GLN E 236 -21.25 -50.59 27.93
N LYS E 237 -22.06 -51.44 28.57
CA LYS E 237 -23.48 -51.67 28.18
C LYS E 237 -24.25 -50.37 28.40
N ALA E 238 -24.04 -49.68 29.53
CA ALA E 238 -24.75 -48.43 29.91
C ALA E 238 -24.40 -47.31 28.93
N VAL E 239 -23.20 -47.33 28.37
CA VAL E 239 -22.79 -46.41 27.27
C VAL E 239 -23.48 -46.90 25.99
N VAL E 240 -23.48 -48.19 25.72
CA VAL E 240 -24.04 -48.74 24.45
C VAL E 240 -25.56 -48.56 24.47
N ASP E 241 -26.22 -48.79 25.60
CA ASP E 241 -27.68 -48.60 25.70
C ASP E 241 -27.98 -47.14 25.33
N ILE E 242 -27.30 -46.16 25.92
CA ILE E 242 -27.61 -44.73 25.64
C ILE E 242 -27.36 -44.46 24.14
N LEU E 243 -26.21 -44.85 23.59
CA LEU E 243 -25.92 -44.71 22.13
C LEU E 243 -27.02 -45.44 21.36
N VAL E 244 -26.98 -46.78 21.31
CA VAL E 244 -27.84 -47.63 20.41
C VAL E 244 -29.31 -47.17 20.45
N GLU E 245 -29.81 -46.67 21.58
CA GLU E 245 -31.22 -46.22 21.71
C GLU E 245 -31.42 -45.02 20.79
N LYS E 246 -30.60 -43.98 20.95
CA LYS E 246 -30.75 -42.62 20.36
C LYS E 246 -30.64 -42.64 18.82
N THR E 247 -29.61 -43.33 18.31
CA THR E 247 -29.30 -43.51 16.86
C THR E 247 -30.53 -44.13 16.18
N PHE E 248 -31.21 -45.07 16.84
CA PHE E 248 -32.35 -45.85 16.27
C PHE E 248 -33.69 -45.20 16.63
N ARG E 249 -33.75 -44.44 17.73
CA ARG E 249 -34.95 -43.64 18.07
C ARG E 249 -35.12 -42.55 17.03
N LEU E 250 -34.00 -42.00 16.55
CA LEU E 250 -33.98 -40.86 15.59
C LEU E 250 -33.98 -41.36 14.14
N ALA E 251 -33.27 -42.44 13.78
CA ALA E 251 -33.35 -43.08 12.45
C ALA E 251 -34.78 -43.52 12.14
N ARG E 252 -35.57 -43.85 13.17
CA ARG E 252 -37.04 -44.09 13.09
C ARG E 252 -37.77 -42.73 13.09
N ASN E 253 -37.77 -42.00 14.22
CA ASN E 253 -38.50 -40.72 14.43
C ASN E 253 -38.56 -39.90 13.14
N LEU E 254 -37.50 -39.84 12.33
CA LEU E 254 -37.51 -39.10 11.03
C LEU E 254 -37.73 -40.08 9.87
N GLY E 255 -37.21 -41.29 9.94
CA GLY E 255 -37.47 -42.35 8.94
C GLY E 255 -36.28 -42.61 8.04
N ILE E 256 -35.24 -43.27 8.55
CA ILE E 256 -34.06 -43.75 7.78
C ILE E 256 -33.74 -45.19 8.21
N ARG E 257 -33.21 -45.97 7.28
CA ARG E 257 -32.96 -47.42 7.42
C ARG E 257 -31.45 -47.69 7.29
N LYS E 258 -30.73 -46.81 6.58
CA LYS E 258 -29.24 -46.84 6.44
C LYS E 258 -28.63 -45.84 7.44
N ILE E 259 -27.65 -46.29 8.23
CA ILE E 259 -27.18 -45.65 9.50
C ILE E 259 -25.64 -45.77 9.55
N ALA E 260 -24.93 -44.66 9.71
CA ALA E 260 -23.44 -44.68 9.66
C ALA E 260 -22.83 -44.40 11.04
N PHE E 261 -21.77 -45.13 11.37
CA PHE E 261 -21.03 -45.08 12.64
C PHE E 261 -19.58 -44.70 12.36
N VAL E 262 -19.26 -43.43 12.58
CA VAL E 262 -17.92 -42.80 12.38
C VAL E 262 -17.33 -42.47 13.76
N GLY E 263 -16.01 -42.47 13.88
CA GLY E 263 -15.30 -42.19 15.15
C GLY E 263 -14.60 -43.43 15.68
N GLY E 264 -13.86 -43.28 16.80
CA GLY E 264 -13.11 -44.39 17.41
C GLY E 264 -14.04 -45.37 18.11
N VAL E 265 -14.99 -44.84 18.89
CA VAL E 265 -15.96 -45.65 19.69
C VAL E 265 -16.72 -46.56 18.74
N ALA E 266 -16.97 -46.09 17.51
CA ALA E 266 -17.30 -46.92 16.34
C ALA E 266 -16.84 -48.37 16.55
N ALA E 267 -15.56 -48.55 16.93
CA ALA E 267 -14.82 -49.82 16.84
C ALA E 267 -15.30 -50.85 17.85
N ASN E 268 -16.22 -50.50 18.76
CA ASN E 268 -16.52 -51.28 19.98
C ASN E 268 -17.31 -52.55 19.65
N SER E 269 -16.74 -53.73 19.95
CA SER E 269 -17.35 -55.07 19.70
C SER E 269 -18.78 -55.15 20.27
N MET E 270 -19.06 -54.54 21.42
CA MET E 270 -20.40 -54.65 22.04
C MET E 270 -21.34 -53.66 21.36
N LEU E 271 -20.82 -52.55 20.83
CA LEU E 271 -21.62 -51.61 20.02
C LEU E 271 -21.99 -52.33 18.74
N ARG E 272 -20.97 -52.75 17.96
CA ARG E 272 -21.10 -53.43 16.65
C ARG E 272 -22.00 -54.68 16.76
N GLU E 273 -21.99 -55.35 17.91
CA GLU E 273 -22.81 -56.56 18.21
C GLU E 273 -24.24 -56.14 18.55
N GLU E 274 -24.45 -55.09 19.36
CA GLU E 274 -25.80 -54.62 19.80
C GLU E 274 -26.49 -53.85 18.66
N VAL E 275 -25.79 -52.90 18.03
CA VAL E 275 -26.24 -52.23 16.77
C VAL E 275 -26.74 -53.30 15.81
N ARG E 276 -25.96 -54.39 15.62
CA ARG E 276 -26.19 -55.46 14.61
C ARG E 276 -27.50 -56.21 14.90
N LYS E 277 -27.82 -56.49 16.16
CA LYS E 277 -29.05 -57.23 16.56
C LYS E 277 -30.27 -56.29 16.62
N ARG E 278 -30.09 -55.02 16.23
CA ARG E 278 -31.16 -54.03 15.99
C ARG E 278 -31.43 -53.93 14.48
N ALA E 279 -30.37 -53.79 13.70
CA ALA E 279 -30.41 -53.72 12.22
C ALA E 279 -30.86 -55.06 11.63
N GLU E 280 -30.50 -56.18 12.27
CA GLU E 280 -30.81 -57.55 11.77
C GLU E 280 -32.26 -57.92 12.11
N ARG E 281 -33.05 -56.98 12.64
CA ARG E 281 -34.32 -57.25 13.35
C ARG E 281 -35.37 -56.17 13.09
N TRP E 282 -34.97 -54.97 12.65
CA TRP E 282 -35.88 -53.98 12.04
C TRP E 282 -35.61 -53.90 10.54
N ASN E 283 -34.52 -54.57 10.10
CA ASN E 283 -34.04 -54.66 8.69
C ASN E 283 -33.50 -53.28 8.26
N TYR E 284 -32.31 -52.90 8.77
CA TYR E 284 -31.60 -51.62 8.49
C TYR E 284 -30.17 -51.89 7.98
N GLU E 285 -29.66 -51.00 7.13
CA GLU E 285 -28.30 -51.12 6.54
C GLU E 285 -27.39 -50.35 7.49
N VAL E 286 -26.31 -50.96 8.00
CA VAL E 286 -25.46 -50.38 9.07
C VAL E 286 -24.01 -50.29 8.56
N PHE E 287 -23.32 -49.18 8.82
CA PHE E 287 -22.05 -48.83 8.12
C PHE E 287 -20.95 -48.42 9.11
N PHE E 288 -19.71 -48.77 8.79
CA PHE E 288 -18.49 -48.53 9.61
C PHE E 288 -17.35 -48.05 8.70
N PRO E 289 -16.24 -47.53 9.25
CA PRO E 289 -15.14 -47.00 8.43
C PRO E 289 -14.16 -48.07 7.96
N PRO E 290 -12.88 -47.76 7.61
CA PRO E 290 -11.92 -48.79 7.19
C PRO E 290 -11.03 -49.39 8.30
N LEU E 291 -10.39 -50.56 8.04
CA LEU E 291 -9.72 -51.51 9.00
C LEU E 291 -8.64 -50.77 9.84
N GLU E 292 -7.71 -50.07 9.18
CA GLU E 292 -6.52 -49.41 9.80
C GLU E 292 -6.84 -47.92 10.05
N LEU E 293 -7.99 -47.63 10.68
CA LEU E 293 -8.56 -46.27 10.94
C LEU E 293 -7.45 -45.21 11.06
N CYS E 294 -7.07 -44.57 9.94
CA CYS E 294 -6.33 -43.28 9.91
C CYS E 294 -7.16 -42.27 9.11
N THR E 295 -8.48 -42.42 9.19
CA THR E 295 -9.47 -41.59 8.47
C THR E 295 -9.21 -40.12 8.82
N ASP E 296 -8.05 -39.59 8.39
CA ASP E 296 -7.46 -38.33 8.94
C ASP E 296 -6.22 -37.85 8.14
N ASN E 297 -5.95 -38.39 6.94
CA ASN E 297 -4.73 -38.04 6.15
C ASN E 297 -5.02 -36.74 5.38
N ALA E 298 -4.14 -36.36 4.46
CA ALA E 298 -4.38 -35.22 3.54
C ALA E 298 -5.23 -35.68 2.35
N LEU E 299 -5.20 -36.99 2.02
CA LEU E 299 -6.14 -37.62 1.06
C LEU E 299 -7.53 -37.19 1.48
N MET E 300 -7.83 -37.24 2.78
CA MET E 300 -9.15 -36.83 3.31
C MET E 300 -9.46 -35.46 2.74
N VAL E 301 -8.63 -34.46 3.04
CA VAL E 301 -8.99 -33.05 2.75
C VAL E 301 -8.85 -32.80 1.26
N ALA E 302 -8.01 -33.54 0.53
CA ALA E 302 -7.95 -33.42 -0.95
C ALA E 302 -9.30 -33.82 -1.54
N LYS E 303 -9.72 -35.05 -1.29
CA LYS E 303 -11.10 -35.52 -1.55
C LYS E 303 -12.06 -34.40 -1.15
N ALA E 304 -12.22 -34.10 0.13
CA ALA E 304 -13.17 -33.06 0.59
C ALA E 304 -13.17 -31.91 -0.45
N GLY E 305 -12.00 -31.33 -0.70
CA GLY E 305 -11.82 -30.14 -1.54
C GLY E 305 -12.03 -30.40 -3.02
N TYR E 306 -11.84 -31.64 -3.49
CA TYR E 306 -12.23 -32.06 -4.86
C TYR E 306 -13.74 -31.81 -5.06
N GLU E 307 -14.59 -32.62 -4.40
CA GLU E 307 -16.08 -32.51 -4.40
C GLU E 307 -16.48 -31.02 -4.26
N LYS E 308 -15.90 -30.26 -3.33
CA LYS E 308 -16.17 -28.80 -3.15
C LYS E 308 -15.97 -28.08 -4.50
N ALA E 309 -14.81 -28.29 -5.14
CA ALA E 309 -14.37 -27.55 -6.34
C ALA E 309 -15.20 -28.01 -7.53
N LYS E 310 -15.38 -29.33 -7.63
CA LYS E 310 -16.41 -29.98 -8.47
C LYS E 310 -17.63 -29.07 -8.59
N ARG E 311 -18.09 -28.43 -7.51
CA ARG E 311 -19.34 -27.65 -7.47
C ARG E 311 -19.03 -26.17 -7.47
N GLY E 312 -17.79 -25.81 -7.75
CA GLY E 312 -17.29 -24.42 -7.77
C GLY E 312 -17.55 -23.68 -6.48
N MET E 313 -17.55 -24.43 -5.35
CA MET E 313 -17.69 -23.91 -3.97
C MET E 313 -16.27 -23.72 -3.40
N PHE E 314 -15.74 -22.51 -3.61
CA PHE E 314 -14.36 -22.10 -3.21
C PHE E 314 -14.51 -21.16 -2.02
N SER E 315 -13.42 -20.92 -1.32
CA SER E 315 -13.36 -20.04 -0.12
C SER E 315 -12.53 -18.82 -0.46
N PRO E 316 -12.70 -17.65 0.21
CA PRO E 316 -11.95 -16.44 -0.10
C PRO E 316 -10.68 -16.34 0.76
N LEU E 317 -9.68 -15.60 0.30
CA LEU E 317 -8.35 -15.52 0.96
C LEU E 317 -8.47 -14.78 2.30
N SER E 318 -9.68 -14.29 2.61
CA SER E 318 -10.03 -13.68 3.92
C SER E 318 -10.36 -14.77 4.97
N LEU E 319 -10.59 -16.03 4.55
CA LEU E 319 -11.13 -17.11 5.43
C LEU E 319 -10.21 -17.32 6.63
N ASN E 320 -10.72 -17.09 7.83
CA ASN E 320 -10.06 -17.31 9.15
C ASN E 320 -10.32 -18.75 9.58
N ALA E 321 -9.45 -19.34 10.39
CA ALA E 321 -9.71 -20.64 11.04
C ALA E 321 -10.93 -20.50 11.96
N ASP E 322 -11.74 -21.55 12.14
CA ASP E 322 -12.75 -21.61 13.24
C ASP E 322 -12.48 -22.91 13.96
N PRO E 323 -11.85 -22.85 15.17
CA PRO E 323 -11.43 -24.04 15.90
C PRO E 323 -12.61 -24.83 16.48
N ASN E 324 -13.74 -24.13 16.64
CA ASN E 324 -15.03 -24.64 17.17
C ASN E 324 -15.96 -24.99 16.02
N LEU E 325 -15.42 -25.23 14.82
CA LEU E 325 -16.26 -25.46 13.62
C LEU E 325 -16.95 -26.83 13.72
N ASN E 326 -18.25 -26.85 13.44
CA ASN E 326 -19.05 -28.10 13.29
C ASN E 326 -19.83 -27.95 11.99
N VAL E 327 -20.75 -28.88 11.75
CA VAL E 327 -21.80 -28.78 10.71
C VAL E 327 -23.00 -28.07 11.37
N LYS F 23 3.24 -15.51 50.28
CA LYS F 23 2.34 -14.87 51.28
C LYS F 23 0.93 -14.77 50.68
N MET F 24 0.02 -15.70 51.02
CA MET F 24 -1.29 -15.82 50.32
C MET F 24 -2.33 -16.59 51.14
N ARG F 25 -3.53 -16.01 51.29
CA ARG F 25 -4.62 -16.53 52.16
C ARG F 25 -5.29 -17.70 51.46
N HIS F 26 -5.30 -18.86 52.13
CA HIS F 26 -6.11 -20.05 51.80
C HIS F 26 -7.52 -19.81 52.37
N LEU F 27 -8.59 -20.01 51.59
CA LEU F 27 -10.02 -19.89 52.03
C LEU F 27 -10.78 -21.20 51.80
N ARG F 28 -10.92 -22.05 52.83
CA ARG F 28 -11.54 -23.38 52.67
C ARG F 28 -13.07 -23.25 52.68
N PHE F 29 -13.75 -24.11 51.90
CA PHE F 29 -15.23 -24.29 51.82
C PHE F 29 -15.55 -25.78 52.01
N GLU F 30 -16.34 -26.10 53.04
CA GLU F 30 -16.61 -27.47 53.54
C GLU F 30 -17.94 -27.98 52.97
N ASN F 31 -17.94 -29.15 52.34
CA ASN F 31 -19.16 -29.88 51.88
C ASN F 31 -20.10 -28.92 51.14
N LEU F 32 -19.79 -28.60 49.87
CA LEU F 32 -20.57 -27.68 48.99
C LEU F 32 -21.45 -28.44 48.00
N THR F 33 -22.71 -27.97 47.81
CA THR F 33 -23.68 -28.53 46.84
C THR F 33 -23.13 -28.27 45.44
N GLU F 34 -23.51 -29.08 44.45
CA GLU F 34 -23.18 -28.84 43.02
C GLU F 34 -23.59 -27.42 42.64
N GLU F 35 -24.68 -26.93 43.23
CA GLU F 35 -25.20 -25.55 43.01
C GLU F 35 -24.19 -24.53 43.55
N GLN F 36 -23.83 -24.64 44.82
CA GLN F 36 -23.03 -23.63 45.57
C GLN F 36 -21.63 -23.55 44.96
N LEU F 37 -21.12 -24.72 44.55
CA LEU F 37 -19.81 -24.85 43.88
C LEU F 37 -19.77 -23.85 42.72
N LYS F 38 -20.74 -23.96 41.79
CA LYS F 38 -20.86 -23.08 40.59
C LYS F 38 -20.96 -21.63 41.05
N ARG F 39 -21.68 -21.40 42.17
CA ARG F 39 -21.99 -20.04 42.70
C ARG F 39 -20.74 -19.41 43.32
N LEU F 40 -19.87 -20.19 43.95
CA LEU F 40 -18.54 -19.71 44.39
C LEU F 40 -17.76 -19.27 43.15
N ALA F 41 -17.66 -20.15 42.16
CA ALA F 41 -16.96 -19.94 40.87
C ALA F 41 -17.37 -18.61 40.21
N LYS F 42 -18.67 -18.31 40.20
CA LYS F 42 -19.25 -17.07 39.63
C LYS F 42 -18.79 -15.84 40.45
N ILE F 43 -18.51 -16.01 41.74
CA ILE F 43 -18.16 -14.91 42.70
C ILE F 43 -16.67 -14.56 42.56
N LEU F 44 -15.79 -15.56 42.59
CA LEU F 44 -14.38 -15.44 42.15
C LEU F 44 -14.34 -14.58 40.90
N THR F 45 -15.05 -15.03 39.84
CA THR F 45 -14.78 -14.71 38.42
C THR F 45 -15.34 -13.36 38.02
N GLU F 46 -16.41 -12.86 38.66
CA GLU F 46 -16.92 -11.48 38.44
C GLU F 46 -16.02 -10.45 39.16
N ASN F 47 -15.27 -10.84 40.21
CA ASN F 47 -14.41 -9.94 41.03
C ASN F 47 -12.96 -10.01 40.50
N LEU F 48 -12.77 -10.71 39.36
CA LEU F 48 -11.53 -10.66 38.54
C LEU F 48 -11.57 -9.42 37.63
N LYS F 49 -10.41 -9.04 37.08
CA LYS F 49 -10.16 -7.69 36.51
C LYS F 49 -9.44 -7.74 35.15
N GLY F 50 -8.52 -8.69 34.94
CA GLY F 50 -7.57 -8.62 33.80
C GLY F 50 -6.94 -9.97 33.52
N GLY F 51 -5.63 -10.00 33.30
CA GLY F 51 -4.89 -11.15 32.74
C GLY F 51 -4.56 -12.16 33.79
N GLU F 52 -5.56 -12.91 34.24
CA GLU F 52 -5.47 -13.69 35.51
C GLU F 52 -5.59 -15.19 35.23
N VAL F 53 -4.67 -15.96 35.78
CA VAL F 53 -4.58 -17.44 35.75
C VAL F 53 -5.41 -17.98 36.91
N VAL F 54 -6.39 -18.85 36.66
CA VAL F 54 -7.02 -19.68 37.73
C VAL F 54 -6.60 -21.14 37.53
N ILE F 55 -5.58 -21.58 38.24
CA ILE F 55 -5.16 -23.01 38.30
C ILE F 55 -6.30 -23.78 38.98
N LEU F 56 -6.84 -24.81 38.31
CA LEU F 56 -7.85 -25.75 38.89
C LEU F 56 -7.23 -27.10 39.17
N SER F 57 -6.83 -27.32 40.43
CA SER F 57 -6.26 -28.57 40.98
C SER F 57 -7.38 -29.45 41.53
N GLY F 58 -7.33 -30.75 41.26
CA GLY F 58 -8.39 -31.73 41.53
C GLY F 58 -8.07 -32.96 40.72
N ASN F 59 -8.63 -34.11 41.10
CA ASN F 59 -8.41 -35.43 40.43
C ASN F 59 -9.66 -35.81 39.63
N LEU F 60 -9.58 -36.91 38.88
CA LEU F 60 -10.69 -37.33 37.99
C LEU F 60 -11.98 -37.31 38.82
N GLY F 61 -12.93 -36.44 38.49
CA GLY F 61 -14.28 -36.41 39.08
C GLY F 61 -14.43 -35.28 40.05
N ALA F 62 -13.33 -34.80 40.61
CA ALA F 62 -13.29 -33.66 41.56
C ALA F 62 -14.48 -32.75 41.32
N GLY F 63 -14.62 -32.24 40.08
CA GLY F 63 -15.62 -31.24 39.67
C GLY F 63 -15.00 -29.92 39.18
N LYS F 64 -13.88 -30.00 38.45
CA LYS F 64 -13.18 -28.82 37.91
C LYS F 64 -14.02 -28.17 36.81
N THR F 65 -14.31 -28.93 35.75
CA THR F 65 -15.07 -28.49 34.55
C THR F 65 -16.37 -27.78 34.99
N THR F 66 -17.00 -28.36 36.02
CA THR F 66 -18.23 -27.88 36.69
C THR F 66 -18.00 -26.52 37.33
N PHE F 67 -16.78 -26.31 37.84
CA PHE F 67 -16.34 -25.01 38.41
C PHE F 67 -16.46 -24.00 37.28
N VAL F 68 -15.80 -24.30 36.16
CA VAL F 68 -15.71 -23.37 35.00
C VAL F 68 -17.15 -23.05 34.57
N LYS F 69 -18.02 -24.06 34.53
CA LYS F 69 -19.47 -23.85 34.25
C LYS F 69 -19.96 -22.66 35.09
N GLY F 70 -19.63 -22.66 36.38
CA GLY F 70 -20.03 -21.60 37.32
C GLY F 70 -19.38 -20.28 36.94
N MET F 71 -18.14 -20.33 36.48
CA MET F 71 -17.31 -19.11 36.24
C MET F 71 -17.87 -18.35 35.01
N ILE F 72 -18.31 -19.07 33.98
CA ILE F 72 -18.68 -18.49 32.65
C ILE F 72 -19.95 -17.67 32.80
N ARG F 73 -20.80 -18.01 33.77
CA ARG F 73 -21.94 -17.17 34.24
C ARG F 73 -21.51 -15.70 34.25
N ALA F 74 -20.40 -15.41 34.96
CA ALA F 74 -19.80 -14.07 35.23
C ALA F 74 -19.62 -13.25 33.95
N ILE F 75 -19.36 -13.90 32.80
CA ILE F 75 -18.99 -13.27 31.51
C ILE F 75 -20.12 -13.42 30.49
N GLY F 76 -21.34 -13.74 30.92
CA GLY F 76 -22.58 -13.43 30.18
C GLY F 76 -22.92 -14.47 29.12
N LEU F 77 -22.20 -15.59 29.10
CA LEU F 77 -22.44 -16.72 28.18
C LEU F 77 -23.14 -17.84 28.95
N ASP F 78 -23.61 -18.86 28.24
CA ASP F 78 -24.44 -19.92 28.87
C ASP F 78 -23.53 -21.08 29.29
N GLU F 79 -23.78 -21.61 30.49
CA GLU F 79 -23.13 -22.81 31.11
C GLU F 79 -23.00 -23.95 30.10
N LYS F 80 -24.01 -24.11 29.24
CA LYS F 80 -24.16 -25.26 28.31
C LYS F 80 -22.99 -25.28 27.32
N MET F 81 -22.29 -24.16 27.13
CA MET F 81 -21.13 -24.10 26.20
C MET F 81 -19.82 -24.32 26.97
N VAL F 82 -19.87 -25.02 28.09
CA VAL F 82 -18.67 -25.45 28.85
C VAL F 82 -18.59 -26.98 28.73
N LYS F 83 -17.44 -27.52 28.35
CA LYS F 83 -17.30 -28.99 28.12
C LYS F 83 -15.84 -29.41 28.30
N SER F 84 -15.62 -30.64 28.73
CA SER F 84 -14.23 -31.08 28.99
C SER F 84 -13.44 -30.64 27.79
N PRO F 85 -12.43 -29.77 27.95
CA PRO F 85 -11.50 -29.49 26.88
C PRO F 85 -10.43 -30.58 26.88
N THR F 86 -10.77 -31.81 27.29
CA THR F 86 -9.75 -32.87 27.52
C THR F 86 -9.10 -33.23 26.18
N PHE F 87 -9.90 -33.34 25.11
CA PHE F 87 -9.44 -33.57 23.71
C PHE F 87 -9.20 -32.25 22.94
N THR F 88 -10.09 -31.27 23.07
CA THR F 88 -9.97 -29.98 22.37
C THR F 88 -8.72 -29.23 22.89
N LEU F 89 -8.35 -29.48 24.15
CA LEU F 89 -7.18 -28.91 24.85
C LEU F 89 -7.47 -27.48 25.25
N MET F 90 -7.97 -26.66 24.32
CA MET F 90 -8.45 -25.32 24.70
C MET F 90 -9.82 -25.01 24.09
N ASN F 91 -10.74 -24.60 24.97
CA ASN F 91 -12.06 -24.01 24.68
C ASN F 91 -11.97 -22.55 25.13
N VAL F 92 -12.59 -21.64 24.38
CA VAL F 92 -12.46 -20.18 24.62
C VAL F 92 -13.83 -19.54 24.65
N TYR F 93 -14.18 -18.95 25.79
CA TYR F 93 -15.52 -18.40 26.09
C TYR F 93 -15.38 -16.90 25.93
N PRO F 94 -15.62 -16.35 24.72
CA PRO F 94 -15.47 -14.92 24.45
C PRO F 94 -16.70 -14.12 24.89
N GLY F 95 -16.73 -13.70 26.16
CA GLY F 95 -17.89 -13.05 26.81
C GLY F 95 -17.61 -11.63 27.24
N LEU F 96 -18.12 -11.25 28.41
CA LEU F 96 -17.91 -9.91 29.02
C LEU F 96 -16.41 -9.73 29.26
N LYS F 97 -15.73 -10.80 29.65
CA LYS F 97 -14.30 -11.03 29.35
C LYS F 97 -14.22 -12.37 28.60
N THR F 98 -13.10 -12.65 27.92
CA THR F 98 -12.90 -13.95 27.22
C THR F 98 -12.12 -14.83 28.21
N ILE F 99 -12.74 -15.93 28.64
CA ILE F 99 -12.10 -17.00 29.44
C ILE F 99 -11.45 -17.94 28.43
N TYR F 100 -10.16 -18.19 28.53
CA TYR F 100 -9.51 -19.35 27.90
C TYR F 100 -9.54 -20.51 28.91
N HIS F 101 -9.97 -21.70 28.50
CA HIS F 101 -10.15 -22.89 29.37
C HIS F 101 -9.18 -23.99 28.92
N LEU F 102 -8.16 -24.36 29.71
CA LEU F 102 -7.28 -25.49 29.31
C LEU F 102 -7.52 -26.71 30.19
N ASP F 103 -7.34 -27.89 29.59
CA ASP F 103 -7.29 -29.22 30.23
C ASP F 103 -5.95 -29.79 29.76
N LEU F 104 -5.06 -30.08 30.71
CA LEU F 104 -3.67 -30.57 30.48
C LEU F 104 -3.67 -32.11 30.55
N TYR F 105 -4.85 -32.71 30.77
CA TYR F 105 -5.02 -34.18 30.92
C TYR F 105 -4.35 -34.86 29.73
N ARG F 106 -4.47 -34.28 28.52
CA ARG F 106 -4.03 -34.97 27.27
C ARG F 106 -2.69 -34.43 26.80
N LEU F 107 -2.21 -33.32 27.34
CA LEU F 107 -1.01 -32.58 26.85
C LEU F 107 0.18 -33.51 26.65
N GLN F 108 0.80 -33.50 25.46
CA GLN F 108 1.94 -34.38 25.11
C GLN F 108 3.16 -33.53 24.74
N ASP F 109 2.92 -32.40 24.06
CA ASP F 109 3.97 -31.44 23.58
C ASP F 109 4.03 -30.31 24.60
N THR F 110 5.13 -30.16 25.30
CA THR F 110 5.27 -29.06 26.29
C THR F 110 5.36 -27.74 25.49
N ASP F 111 5.65 -27.81 24.19
CA ASP F 111 5.70 -26.63 23.28
C ASP F 111 4.36 -25.89 23.25
N PHE F 112 3.27 -26.58 23.49
CA PHE F 112 1.96 -25.91 23.61
C PHE F 112 2.06 -24.85 24.70
N LEU F 113 2.73 -25.18 25.81
CA LEU F 113 2.86 -24.23 26.94
C LEU F 113 3.84 -23.13 26.55
N SER F 114 5.06 -23.51 26.13
CA SER F 114 6.17 -22.58 25.82
C SER F 114 5.76 -21.58 24.74
N LEU F 115 4.89 -21.97 23.81
CA LEU F 115 4.48 -21.09 22.67
C LEU F 115 3.02 -20.63 22.88
N ASP F 116 2.06 -21.53 22.64
CA ASP F 116 0.63 -21.14 22.57
C ASP F 116 0.29 -20.44 23.87
N VAL F 117 0.53 -21.08 25.03
CA VAL F 117 0.01 -20.62 26.34
C VAL F 117 0.77 -19.36 26.78
N GLU F 118 2.08 -19.29 26.54
CA GLU F 118 2.87 -18.03 26.70
C GLU F 118 2.19 -16.90 25.92
N ASP F 119 1.68 -17.20 24.73
CA ASP F 119 1.07 -16.17 23.87
C ASP F 119 -0.28 -15.80 24.49
N ILE F 120 -1.03 -16.78 24.99
CA ILE F 120 -2.36 -16.50 25.61
C ILE F 120 -2.08 -15.54 26.77
N LEU F 121 -0.95 -15.73 27.45
CA LEU F 121 -0.68 -14.99 28.69
C LEU F 121 -0.45 -13.52 28.35
N GLU F 122 0.03 -13.20 27.16
CA GLU F 122 0.27 -11.78 26.78
C GLU F 122 -1.07 -11.00 26.80
N ASP F 123 -2.25 -11.63 26.65
CA ASP F 123 -3.56 -10.91 26.71
C ASP F 123 -3.90 -10.62 28.17
N GLU F 124 -4.02 -9.33 28.50
CA GLU F 124 -4.11 -8.82 29.89
C GLU F 124 -5.54 -8.36 30.18
N ASP F 125 -6.49 -8.55 29.25
CA ASP F 125 -7.93 -8.21 29.45
C ASP F 125 -8.72 -9.50 29.30
N GLY F 126 -8.20 -10.63 29.78
CA GLY F 126 -8.81 -11.98 29.60
C GLY F 126 -8.30 -13.00 30.60
N ILE F 127 -9.12 -13.99 30.94
CA ILE F 127 -8.94 -14.85 32.14
C ILE F 127 -8.62 -16.28 31.76
N MET F 128 -7.43 -16.77 32.12
CA MET F 128 -7.02 -18.18 31.92
C MET F 128 -7.44 -19.03 33.12
N VAL F 129 -7.67 -20.33 32.91
CA VAL F 129 -8.18 -21.31 33.90
C VAL F 129 -7.80 -22.69 33.37
N VAL F 130 -7.24 -23.56 34.21
CA VAL F 130 -6.43 -24.70 33.72
C VAL F 130 -6.73 -25.98 34.47
N GLU F 131 -7.68 -26.80 34.01
CA GLU F 131 -7.87 -28.17 34.56
C GLU F 131 -6.45 -28.80 34.61
N TRP F 132 -6.00 -29.17 35.81
CA TRP F 132 -4.66 -29.74 36.13
C TRP F 132 -3.51 -28.74 35.96
N GLY F 133 -3.75 -27.43 36.20
CA GLY F 133 -2.67 -26.43 36.25
C GLY F 133 -1.72 -26.61 37.45
N ASP F 134 -1.82 -27.75 38.14
CA ASP F 134 -0.91 -28.15 39.25
C ASP F 134 0.18 -29.06 38.65
N LEU F 135 -0.02 -29.55 37.43
CA LEU F 135 1.09 -30.09 36.59
C LEU F 135 1.95 -28.92 36.10
N PHE F 136 3.13 -29.25 35.60
CA PHE F 136 4.09 -28.30 35.00
C PHE F 136 4.11 -27.02 35.84
N ASP F 137 4.50 -27.15 37.10
CA ASP F 137 4.32 -26.10 38.14
C ASP F 137 5.23 -24.91 37.79
N GLY F 138 6.49 -25.18 37.43
CA GLY F 138 7.46 -24.14 37.02
C GLY F 138 6.89 -23.15 36.02
N PHE F 139 6.04 -23.62 35.12
CA PHE F 139 5.51 -22.80 33.99
C PHE F 139 4.65 -21.66 34.54
N TRP F 140 3.76 -21.90 35.50
CA TRP F 140 2.71 -20.91 35.87
C TRP F 140 3.29 -19.77 36.71
N PRO F 141 2.61 -18.60 36.76
CA PRO F 141 3.02 -17.45 37.59
C PRO F 141 2.96 -17.58 39.12
N GLU F 142 3.85 -16.85 39.81
CA GLU F 142 3.85 -16.61 41.28
C GLU F 142 2.45 -16.20 41.72
N ASP F 143 1.89 -15.18 41.08
CA ASP F 143 0.59 -14.54 41.41
C ASP F 143 -0.64 -15.35 40.93
N SER F 144 -0.50 -16.53 40.29
CA SER F 144 -1.62 -17.43 39.84
C SER F 144 -2.54 -17.78 41.02
N ILE F 145 -3.85 -17.79 40.79
CA ILE F 145 -4.86 -18.18 41.82
C ILE F 145 -5.06 -19.69 41.76
N LYS F 146 -4.95 -20.37 42.91
CA LYS F 146 -4.95 -21.87 42.96
C LYS F 146 -6.25 -22.31 43.62
N VAL F 147 -6.91 -23.32 43.05
CA VAL F 147 -8.28 -23.77 43.45
C VAL F 147 -8.28 -25.29 43.54
N LYS F 148 -7.81 -25.85 44.66
CA LYS F 148 -7.93 -27.29 44.98
C LYS F 148 -9.43 -27.63 45.17
N ILE F 149 -9.95 -28.63 44.44
CA ILE F 149 -11.33 -29.21 44.58
C ILE F 149 -11.22 -30.69 44.93
N GLU F 150 -11.95 -31.07 45.98
CA GLU F 150 -11.94 -32.39 46.66
C GLU F 150 -13.36 -32.90 46.76
N ILE F 151 -13.53 -34.17 47.07
CA ILE F 151 -14.78 -34.90 46.75
C ILE F 151 -15.18 -35.65 48.01
N ALA F 152 -15.78 -34.92 48.96
CA ALA F 152 -16.06 -35.37 50.35
C ALA F 152 -17.36 -36.17 50.41
N ASP F 153 -18.13 -36.23 49.33
CA ASP F 153 -19.53 -36.72 49.36
C ASP F 153 -19.97 -37.16 47.95
N GLU F 154 -21.05 -37.95 47.87
CA GLU F 154 -21.68 -38.33 46.59
C GLU F 154 -22.18 -37.04 45.88
N SER F 155 -22.63 -36.03 46.62
CA SER F 155 -23.27 -34.82 46.06
C SER F 155 -22.68 -33.54 46.63
N HIS F 156 -21.54 -33.60 47.33
CA HIS F 156 -20.84 -32.42 47.92
C HIS F 156 -19.34 -32.49 47.57
N ARG F 157 -18.69 -31.34 47.41
CA ARG F 157 -17.22 -31.23 47.11
C ARG F 157 -16.66 -30.15 48.04
N ASN F 158 -15.51 -30.37 48.66
CA ASN F 158 -14.83 -29.35 49.53
C ASN F 158 -13.85 -28.60 48.64
N VAL F 159 -13.75 -27.28 48.76
CA VAL F 159 -12.82 -26.49 47.90
C VAL F 159 -12.04 -25.48 48.75
N GLU F 160 -10.79 -25.26 48.35
CA GLU F 160 -9.84 -24.31 48.97
C GLU F 160 -9.36 -23.36 47.88
N ILE F 161 -9.65 -22.07 48.04
CA ILE F 161 -9.18 -21.00 47.10
C ILE F 161 -7.99 -20.33 47.78
N LEU F 162 -6.82 -20.37 47.13
CA LEU F 162 -5.58 -19.66 47.55
C LEU F 162 -5.47 -18.36 46.73
N ILE F 163 -5.34 -17.22 47.41
CA ILE F 163 -5.49 -15.87 46.80
C ILE F 163 -4.19 -15.09 47.03
N PRO F 164 -3.11 -15.34 46.26
CA PRO F 164 -1.91 -14.51 46.30
C PRO F 164 -2.12 -13.03 46.69
N GLU F 165 -1.30 -12.52 47.64
CA GLU F 165 -1.50 -11.24 48.39
C GLU F 165 -1.62 -10.03 47.45
N GLU F 166 -1.18 -10.20 46.20
CA GLU F 166 -1.18 -9.14 45.15
C GLU F 166 -2.56 -9.14 44.47
N VAL F 167 -3.63 -9.51 45.23
CA VAL F 167 -5.03 -9.67 44.71
C VAL F 167 -6.05 -9.78 45.87
N ASN F 168 -5.76 -9.19 47.04
CA ASN F 168 -6.60 -9.28 48.28
C ASN F 168 -7.99 -8.67 48.05
N PHE F 169 -8.20 -8.01 46.91
CA PHE F 169 -9.50 -7.37 46.52
C PHE F 169 -10.57 -8.47 46.40
N LEU F 170 -10.13 -9.69 46.11
CA LEU F 170 -11.00 -10.90 46.09
C LEU F 170 -11.50 -11.21 47.50
N VAL F 171 -10.57 -11.36 48.45
CA VAL F 171 -10.75 -12.07 49.75
C VAL F 171 -12.01 -11.58 50.49
N GLU F 172 -12.15 -10.26 50.67
CA GLU F 172 -13.41 -9.62 51.18
C GLU F 172 -14.60 -10.34 50.53
N LYS F 173 -14.67 -10.25 49.20
CA LYS F 173 -15.80 -10.65 48.32
C LYS F 173 -16.10 -12.15 48.46
N ILE F 174 -15.06 -12.98 48.53
CA ILE F 174 -15.19 -14.47 48.62
C ILE F 174 -15.59 -14.81 50.05
N GLU F 175 -14.88 -14.20 51.01
CA GLU F 175 -15.06 -14.43 52.46
C GLU F 175 -16.54 -14.29 52.80
N ARG F 176 -17.18 -13.21 52.33
CA ARG F 176 -18.63 -12.94 52.51
C ARG F 176 -19.40 -14.25 52.38
N TYR F 177 -19.11 -15.01 51.31
CA TYR F 177 -19.84 -16.24 50.91
C TYR F 177 -19.45 -17.39 51.85
N ARG F 178 -18.21 -17.40 52.37
CA ARG F 178 -17.74 -18.38 53.41
C ARG F 178 -18.61 -18.29 54.67
N LYS F 179 -18.85 -17.07 55.19
CA LYS F 179 -19.69 -16.87 56.41
C LYS F 179 -21.16 -16.67 56.01
N GLU F 180 -21.46 -16.39 54.75
CA GLU F 180 -22.84 -16.35 54.24
C GLU F 180 -23.40 -17.78 54.21
N LEU F 181 -22.56 -18.79 54.02
CA LEU F 181 -22.99 -20.21 53.99
C LEU F 181 -23.04 -20.77 55.42
N GLN F 182 -21.93 -20.67 56.16
CA GLN F 182 -21.74 -21.30 57.51
C GLN F 182 -22.92 -20.95 58.44
N ASN F 183 -23.23 -19.66 58.59
CA ASN F 183 -24.39 -19.17 59.38
C ASN F 183 -25.09 -18.06 58.59
#